data_8OX7
#
_entry.id   8OX7
#
_cell.length_a   1.00
_cell.length_b   1.00
_cell.length_c   1.00
_cell.angle_alpha   90.00
_cell.angle_beta   90.00
_cell.angle_gamma   90.00
#
_symmetry.space_group_name_H-M   'P 1'
#
loop_
_entity.id
_entity.type
_entity.pdbx_description
1 polymer 'Cell cycle control protein 50A'
2 polymer 'Phospholipid-transporting ATPase IC'
3 branched beta-D-mannopyranose-(1-4)-2-acetamido-2-deoxy-beta-D-glucopyranose-(1-4)-2-acetamido-2-deoxy-beta-D-glucopyranose
4 non-polymer 2-acetamido-2-deoxy-beta-D-glucopyranose
5 non-polymer 'MAGNESIUM ION'
6 non-polymer '(2R)-3-{[(R)-{[(1S,2S,3R,4S,5S,6S)-2,6-dihydroxy-3,4,5-tris(phosphonooxy)cyclohexyl]oxy}(hydroxy)phosphoryl]oxy}propane -1,2-diyl dioctanoate'
7 water water
#
loop_
_entity_poly.entity_id
_entity_poly.type
_entity_poly.pdbx_seq_one_letter_code
_entity_poly.pdbx_strand_id
1 'polypeptide(L)'
;MLGGMAMNYNAKDEVDGGPPCAPGGTAKTRRPDNTAFKQQRLPAWQPILTAGTVLPIFFIIGLIFIPIGIGIFVTSNNIR
EIEIDYTGTEPSSPCNKCLSPDVTPCFCTINFTLEKSFEGNVFMYYGLSNFYQNHRRYVKSRDDSQLNGDSSALLNPSKE
CEPYRRNEDKPIAPCGAIANSMFNDTLELFLIGNDSYPIPIALKKKGIAWWTDKNVKFRNPPGGDNLEERFKGTTKPVNW
LKPVYMLDSDPDNNGFINEDFIVWMRTAALPTFRKLYRLIERKSDLHPTLPAGRYSLNVTYNYPVHYFDGRKRMILSTIS
WMGGKNPFLGIAYIAVGSISFLLGVVLLVINHKYRNSSNTADITI
;
B
2 'polypeptide(L)'
;MSTERDSETTFDEDSQPNDEVVPYSDDETEDELDDQGSAVEPEQNRVNREAEENREPFRKECTWQVKANDRKYHEQPHFM
NTKFLCIKESKYANNAIKTYKYNAFTFIPMNLFEQFKRAANLYFLALLILQAVPQISTLAWYTTLVPLLVVLGVTAIKDL
VDDVARHKMDKEINNRTCEVIKDGRFKVAKWKEIQVGDVIRLKKNDFVPADILLLSSSEPNSLCYVETAELDGETNLKFK
MSLEITDQYLQREDTLATFDGFIECEEPNNRLDKFTGTLFWRNTSFPLDADKILLRGCVIRNTDFCHGLVIFAGADTKIM
KNSGKTRFKRTKIDYLMNYMVYTIFVVLILLSAGLAIGHAYWEAQVGNSSWYLYDGEDDTPSYRGFLIFWGYIIVLNTMV
PISLYVSVEVIRLGQSHFINWDLQMYYAEKDTPAKARTTTLNEQLGQIHYIFS(PHD)KTGTLTQNIMTFKKCCINGQIY
GDHRDASQHNHNKIEQVDFSWNTYADGKLAFYDHYLIEQIQSGKEPEVRQFFFLLAVCHTVMVDRTDGQLNYQAASPDEG
ALVNAARNFGFAFLARTQNTITISELGTERTYNVLAILDFNSDRKRMSIIVRTPEGNIKLYCKGADTVIYERLHRMNPTK
QETQDALDIFANETLRTLCLCYKEIEEKEFTEWNKKFMAASVASTNRDEALDKVYEEIEKDLILLGATAIEDKLQDGVPE
TISKLAKADIKIWVLTGDKKETAENIGFACELLTEDTTICYGEDINSLLHARMENQRNRGGVYAKFAPPVQESFFPPGGN
RALIITGSWLNEILLEKKTKRNKILKLKFPRTEEERRMRTQSKRRLEAKKEQRQKNFVDLACECSAVICCRVTPKQKAMV
VDLVKRYKKAITLAIGDGANDVNMIKTAHIGVGISGQEGMQAVMSSDYSFAQFRYLQRLLLVHGRWSYIRMCKFLRYFFY
KNFAFTLVHFWYSFFNGYSAQTAYEDWFITLYNVLYTSLPVLLMGLLDQDVSDKLSLRFPGLYIVGQRDLLFNYKRFFVS
LLHGVLTSMILFFIPLGAYLQTVGQDGEAPSDYQSFAVTIASALVITVNFQIGLDTSYWTFVNAFSIFGSIALYFGIMFD
FHSAGIHVLFPSAFQFTGTASNALRQPYIWLTIILTVAVCLLPVVAIRFLSMTIWPSESDKIQKHRKRLKAEEQWQRRQQ
VFRRGVSTRRSAYAFSHQRGYADLISSGRSIRKKRSPLDAIVADGTAEYRRTGDS
;
A
#
loop_
_chem_comp.id
_chem_comp.type
_chem_comp.name
_chem_comp.formula
BMA D-saccharide, beta linking beta-D-mannopyranose 'C6 H12 O6'
IP9 non-polymer '(2R)-3-{[(R)-{[(1S,2S,3R,4S,5S,6S)-2,6-dihydroxy-3,4,5-tris(phosphonooxy)cyclohexyl]oxy}(hydroxy)phosphoryl]oxy}propane -1,2-diyl dioctanoate' 'C25 H50 O22 P4'
MG non-polymer 'MAGNESIUM ION' 'Mg 2'
NAG D-saccharide, beta linking 2-acetamido-2-deoxy-beta-D-glucopyranose 'C8 H15 N O6'
#
# COMPACT_ATOMS: atom_id res chain seq x y z
N LYS A 28 13.06 -19.49 4.82
CA LYS A 28 11.78 -19.89 4.28
C LYS A 28 11.96 -20.61 2.94
N THR A 29 11.93 -19.85 1.86
CA THR A 29 12.09 -20.39 0.52
C THR A 29 13.45 -19.97 -0.03
N ARG A 30 13.73 -20.35 -1.26
CA ARG A 30 15.04 -20.12 -1.85
C ARG A 30 15.25 -18.64 -2.14
N ARG A 31 16.40 -18.34 -2.71
CA ARG A 31 16.83 -16.98 -3.03
C ARG A 31 16.07 -16.45 -4.25
N PRO A 32 15.60 -15.20 -4.20
CA PRO A 32 14.98 -14.63 -5.40
C PRO A 32 15.97 -14.56 -6.55
N ASP A 33 15.45 -14.70 -7.77
CA ASP A 33 16.30 -14.64 -8.95
C ASP A 33 16.55 -13.19 -9.35
N ASN A 34 17.81 -12.88 -9.66
CA ASN A 34 18.25 -11.51 -9.87
C ASN A 34 17.92 -11.10 -11.30
N THR A 35 16.71 -10.58 -11.49
CA THR A 35 16.26 -10.02 -12.75
C THR A 35 15.95 -8.54 -12.57
N ALA A 36 16.05 -7.79 -13.67
CA ALA A 36 15.87 -6.34 -13.58
C ALA A 36 14.47 -5.98 -13.11
N PHE A 37 13.45 -6.67 -13.63
CA PHE A 37 12.08 -6.35 -13.25
C PHE A 37 11.81 -6.72 -11.81
N LYS A 38 12.19 -7.93 -11.40
CA LYS A 38 11.88 -8.39 -10.05
C LYS A 38 12.75 -7.71 -9.01
N GLN A 39 13.99 -7.38 -9.37
CA GLN A 39 14.82 -6.54 -8.52
C GLN A 39 14.55 -5.07 -8.75
N GLN A 40 13.62 -4.75 -9.64
CA GLN A 40 13.00 -3.43 -9.69
C GLN A 40 14.02 -2.38 -10.11
N ARG A 41 14.82 -2.72 -11.11
CA ARG A 41 15.88 -1.86 -11.66
C ARG A 41 15.88 -1.94 -13.18
N LEU A 42 14.70 -1.91 -13.78
CA LEU A 42 14.62 -2.04 -15.22
C LEU A 42 15.33 -0.87 -15.90
N PRO A 43 16.00 -1.09 -17.03
CA PRO A 43 16.60 0.04 -17.76
C PRO A 43 15.55 1.09 -18.07
N ALA A 44 15.73 2.27 -17.50
CA ALA A 44 14.73 3.32 -17.58
C ALA A 44 15.37 4.63 -18.00
N TRP A 45 14.61 5.40 -18.75
CA TRP A 45 14.94 6.79 -19.06
C TRP A 45 14.35 7.67 -17.97
N GLN A 46 15.19 8.51 -17.37
CA GLN A 46 14.71 9.42 -16.33
C GLN A 46 14.55 10.82 -16.90
N PRO A 47 13.39 11.17 -17.46
CA PRO A 47 13.20 12.53 -17.95
C PRO A 47 13.06 13.51 -16.79
N ILE A 48 13.79 14.62 -16.89
CA ILE A 48 13.71 15.71 -15.93
C ILE A 48 13.28 16.97 -16.68
N LEU A 49 12.23 17.61 -16.20
CA LEU A 49 11.72 18.80 -16.87
C LEU A 49 12.68 19.96 -16.65
N THR A 50 13.86 19.88 -17.27
CA THR A 50 14.89 20.88 -17.08
C THR A 50 14.61 22.11 -17.93
N ALA A 51 15.37 23.18 -17.66
CA ALA A 51 15.18 24.42 -18.40
C ALA A 51 15.45 24.23 -19.88
N GLY A 52 16.32 23.29 -20.24
CA GLY A 52 16.65 23.01 -21.63
C GLY A 52 15.86 21.91 -22.28
N THR A 53 14.94 21.27 -21.55
CA THR A 53 14.14 20.18 -22.09
C THR A 53 12.70 20.58 -22.38
N VAL A 54 12.15 21.57 -21.68
CA VAL A 54 10.76 21.95 -21.86
C VAL A 54 10.68 23.27 -22.63
N LEU A 55 11.67 24.13 -22.45
CA LEU A 55 11.68 25.37 -23.22
C LEU A 55 11.71 25.12 -24.71
N PRO A 56 12.53 24.21 -25.25
CA PRO A 56 12.46 23.95 -26.69
C PRO A 56 11.08 23.56 -27.19
N ILE A 57 10.34 22.73 -26.45
CA ILE A 57 9.02 22.31 -26.92
C ILE A 57 8.02 23.45 -26.84
N PHE A 58 8.29 24.46 -26.00
CA PHE A 58 7.42 25.63 -25.94
C PHE A 58 7.74 26.64 -27.03
N PHE A 59 8.79 26.42 -27.81
CA PHE A 59 9.16 27.31 -28.91
C PHE A 59 8.97 26.67 -30.28
N ILE A 60 9.25 25.37 -30.44
CA ILE A 60 8.96 24.71 -31.69
C ILE A 60 7.46 24.59 -31.89
N ILE A 61 6.71 24.35 -30.82
CA ILE A 61 5.26 24.39 -30.90
C ILE A 61 4.79 25.78 -31.28
N GLY A 62 5.37 26.80 -30.64
CA GLY A 62 5.01 28.17 -30.98
C GLY A 62 5.37 28.53 -32.40
N LEU A 63 6.53 28.08 -32.87
CA LEU A 63 6.97 28.42 -34.22
C LEU A 63 6.37 27.51 -35.29
N ILE A 64 5.68 26.44 -34.91
CA ILE A 64 5.05 25.54 -35.87
C ILE A 64 3.55 25.81 -35.91
N PHE A 65 2.99 26.23 -34.78
CA PHE A 65 1.56 26.49 -34.72
C PHE A 65 1.22 27.83 -35.37
N ILE A 66 2.06 28.84 -35.21
CA ILE A 66 1.81 30.14 -35.84
C ILE A 66 1.73 30.02 -37.35
N PRO A 67 2.72 29.44 -38.05
CA PRO A 67 2.58 29.31 -39.51
C PRO A 67 1.37 28.50 -39.94
N ILE A 68 0.99 27.46 -39.18
CA ILE A 68 -0.20 26.70 -39.51
C ILE A 68 -1.44 27.58 -39.37
N GLY A 69 -1.50 28.38 -38.31
CA GLY A 69 -2.62 29.28 -38.14
C GLY A 69 -2.71 30.32 -39.24
N ILE A 70 -1.56 30.84 -39.68
CA ILE A 70 -1.56 31.76 -40.82
C ILE A 70 -2.03 31.04 -42.07
N GLY A 71 -1.56 29.82 -42.29
CA GLY A 71 -1.97 29.08 -43.47
C GLY A 71 -3.46 28.78 -43.49
N ILE A 72 -3.99 28.31 -42.36
CA ILE A 72 -5.42 28.01 -42.29
C ILE A 72 -6.23 29.29 -42.40
N PHE A 73 -5.81 30.34 -41.70
CA PHE A 73 -6.58 31.59 -41.70
C PHE A 73 -6.62 32.21 -43.08
N VAL A 74 -5.47 32.33 -43.74
CA VAL A 74 -5.42 32.98 -45.04
C VAL A 74 -6.09 32.11 -46.09
N THR A 75 -5.87 30.81 -46.05
CA THR A 75 -6.48 29.92 -47.03
C THR A 75 -8.00 29.91 -46.88
N SER A 76 -8.50 29.87 -45.64
CA SER A 76 -9.94 29.87 -45.43
C SER A 76 -10.57 31.17 -45.91
N ASN A 77 -9.91 32.30 -45.68
CA ASN A 77 -10.43 33.58 -46.15
C ASN A 77 -10.49 33.63 -47.67
N ASN A 78 -9.58 32.92 -48.34
CA ASN A 78 -9.56 32.88 -49.80
C ASN A 78 -10.69 32.04 -50.39
N ILE A 79 -11.42 31.30 -49.55
CA ILE A 79 -12.54 30.49 -50.03
C ILE A 79 -13.71 31.41 -50.34
N ARG A 80 -14.31 31.23 -51.52
CA ARG A 80 -15.40 32.07 -51.97
C ARG A 80 -16.72 31.43 -51.53
N GLU A 81 -17.48 32.15 -50.70
CA GLU A 81 -18.69 31.61 -50.11
C GLU A 81 -19.78 32.68 -50.08
N ILE A 82 -21.01 32.24 -50.29
CA ILE A 82 -22.19 33.07 -50.13
C ILE A 82 -23.24 32.26 -49.38
N GLU A 83 -23.93 32.90 -48.44
CA GLU A 83 -24.90 32.23 -47.58
C GLU A 83 -26.21 33.01 -47.64
N ILE A 84 -27.28 32.37 -48.10
CA ILE A 84 -28.58 32.99 -48.28
C ILE A 84 -29.56 32.34 -47.30
N ASP A 85 -30.18 33.15 -46.46
CA ASP A 85 -31.19 32.69 -45.51
C ASP A 85 -32.56 32.92 -46.13
N TYR A 86 -33.18 31.84 -46.62
CA TYR A 86 -34.46 31.91 -47.29
C TYR A 86 -35.61 31.47 -46.40
N THR A 87 -35.41 31.43 -45.08
CA THR A 87 -36.49 31.05 -44.18
C THR A 87 -37.63 32.05 -44.25
N GLY A 88 -37.31 33.33 -44.40
CA GLY A 88 -38.34 34.35 -44.56
C GLY A 88 -39.25 34.50 -43.36
N THR A 89 -38.69 34.36 -42.15
CA THR A 89 -39.51 34.50 -40.96
C THR A 89 -39.81 35.97 -40.65
N GLU A 90 -38.89 36.86 -40.99
CA GLU A 90 -39.06 38.29 -40.72
C GLU A 90 -39.71 38.98 -41.91
N PRO A 91 -40.75 39.82 -41.71
CA PRO A 91 -41.39 40.49 -42.84
C PRO A 91 -40.39 41.20 -43.76
N SER A 92 -40.85 41.56 -44.96
CA SER A 92 -40.09 42.17 -46.03
C SER A 92 -39.20 41.18 -46.76
N SER A 93 -39.07 39.94 -46.28
CA SER A 93 -38.47 38.89 -47.09
C SER A 93 -39.53 38.34 -48.05
N PRO A 94 -39.26 38.28 -49.35
CA PRO A 94 -40.38 38.08 -50.28
C PRO A 94 -40.81 36.62 -50.40
N CYS A 95 -40.84 35.89 -49.29
CA CYS A 95 -41.59 34.63 -49.26
C CYS A 95 -42.10 34.30 -47.86
N ASN A 96 -42.49 35.33 -47.09
CA ASN A 96 -43.27 35.06 -45.89
C ASN A 96 -44.59 34.38 -46.23
N LYS A 97 -45.04 34.47 -47.48
CA LYS A 97 -46.25 33.78 -47.88
C LYS A 97 -46.14 32.27 -47.69
N CYS A 98 -44.93 31.74 -47.60
CA CYS A 98 -44.73 30.30 -47.41
C CYS A 98 -44.67 29.89 -45.94
N LEU A 99 -44.68 30.85 -45.01
CA LEU A 99 -44.83 30.47 -43.60
C LEU A 99 -46.21 29.90 -43.33
N SER A 100 -47.22 30.36 -44.07
CA SER A 100 -48.59 29.84 -43.98
C SER A 100 -49.04 29.49 -45.39
N PRO A 101 -48.54 28.39 -45.95
CA PRO A 101 -48.84 28.05 -47.34
C PRO A 101 -50.24 27.49 -47.54
N ASP A 102 -51.22 28.37 -47.73
CA ASP A 102 -52.59 27.92 -47.97
C ASP A 102 -52.64 26.88 -49.08
N VAL A 103 -51.87 27.08 -50.14
CA VAL A 103 -51.66 26.07 -51.17
C VAL A 103 -50.28 25.48 -50.94
N THR A 104 -50.21 24.17 -50.70
CA THR A 104 -48.97 23.58 -50.21
C THR A 104 -47.83 23.67 -51.22
N PRO A 105 -48.09 23.79 -52.54
CA PRO A 105 -47.02 24.29 -53.43
C PRO A 105 -46.77 25.77 -53.17
N CYS A 106 -45.67 26.08 -52.49
CA CYS A 106 -45.26 27.46 -52.27
C CYS A 106 -43.85 27.65 -52.82
N PHE A 107 -43.68 28.67 -53.64
CA PHE A 107 -42.42 28.95 -54.31
C PHE A 107 -41.85 30.27 -53.82
N CYS A 108 -40.61 30.25 -53.37
CA CYS A 108 -39.93 31.40 -52.80
C CYS A 108 -38.77 31.75 -53.72
N THR A 109 -38.66 33.03 -54.10
CA THR A 109 -37.62 33.49 -55.01
C THR A 109 -36.83 34.60 -54.34
N ILE A 110 -35.51 34.46 -54.35
CA ILE A 110 -34.60 35.43 -53.76
C ILE A 110 -33.50 35.74 -54.76
N ASN A 111 -33.21 37.02 -54.95
CA ASN A 111 -32.15 37.47 -55.85
C ASN A 111 -30.91 37.78 -55.03
N PHE A 112 -29.80 37.13 -55.36
CA PHE A 112 -28.51 37.40 -54.75
C PHE A 112 -27.48 37.59 -55.86
N THR A 113 -26.44 38.37 -55.55
CA THR A 113 -25.40 38.71 -56.51
C THR A 113 -24.06 38.21 -56.01
N LEU A 114 -23.31 37.54 -56.88
CA LEU A 114 -21.95 37.09 -56.58
C LEU A 114 -20.99 38.19 -57.04
N GLU A 115 -20.51 38.99 -56.09
CA GLU A 115 -19.59 40.07 -56.43
C GLU A 115 -18.31 39.54 -57.03
N LYS A 116 -17.90 38.32 -56.67
CA LYS A 116 -16.69 37.70 -57.19
C LYS A 116 -17.04 36.32 -57.73
N SER A 117 -16.43 35.96 -58.85
CA SER A 117 -16.73 34.69 -59.50
C SER A 117 -16.22 33.54 -58.65
N PHE A 118 -16.86 32.38 -58.81
CA PHE A 118 -16.46 31.16 -58.14
C PHE A 118 -15.70 30.28 -59.12
N GLU A 119 -14.51 29.82 -58.72
CA GLU A 119 -13.64 29.04 -59.58
C GLU A 119 -13.58 27.60 -59.09
N GLY A 120 -13.61 26.67 -60.03
CA GLY A 120 -13.56 25.27 -59.69
C GLY A 120 -14.90 24.74 -59.20
N ASN A 121 -14.86 23.49 -58.75
CA ASN A 121 -16.07 22.84 -58.27
C ASN A 121 -16.67 23.63 -57.10
N VAL A 122 -17.98 23.85 -57.15
CA VAL A 122 -18.71 24.59 -56.13
C VAL A 122 -19.74 23.66 -55.51
N PHE A 123 -19.85 23.71 -54.18
CA PHE A 123 -20.74 22.85 -53.43
C PHE A 123 -21.94 23.64 -52.94
N MET A 124 -23.13 23.10 -53.16
CA MET A 124 -24.38 23.70 -52.72
C MET A 124 -24.86 22.97 -51.47
N TYR A 125 -25.09 23.72 -50.40
CA TYR A 125 -25.54 23.17 -49.14
C TYR A 125 -26.86 23.80 -48.75
N TYR A 126 -27.58 23.11 -47.86
CA TYR A 126 -28.68 23.71 -47.11
C TYR A 126 -28.36 23.59 -45.63
N GLY A 127 -28.60 24.66 -44.89
CA GLY A 127 -28.30 24.71 -43.48
C GLY A 127 -29.57 24.85 -42.66
N LEU A 128 -29.57 24.21 -41.50
CA LEU A 128 -30.66 24.34 -40.52
C LEU A 128 -30.05 24.73 -39.19
N SER A 129 -30.58 25.79 -38.59
CA SER A 129 -30.18 26.24 -37.27
C SER A 129 -31.30 25.94 -36.27
N ASN A 130 -30.90 25.72 -35.02
CA ASN A 130 -31.84 25.38 -33.96
C ASN A 130 -32.61 24.10 -34.29
N PHE A 131 -31.99 23.21 -35.06
CA PHE A 131 -32.56 21.92 -35.42
C PHE A 131 -31.73 20.86 -34.68
N TYR A 132 -32.21 20.45 -33.51
CA TYR A 132 -31.48 19.51 -32.67
C TYR A 132 -31.64 18.12 -33.26
N GLN A 133 -30.82 17.85 -34.28
CA GLN A 133 -30.79 16.53 -34.89
C GLN A 133 -29.92 15.57 -34.09
N ASN A 134 -29.31 16.05 -33.00
CA ASN A 134 -28.53 15.23 -32.08
C ASN A 134 -29.30 14.92 -30.80
N HIS A 135 -30.61 15.20 -30.77
CA HIS A 135 -31.41 14.83 -29.61
C HIS A 135 -31.45 13.32 -29.47
N ARG A 136 -31.36 12.85 -28.23
CA ARG A 136 -31.26 11.40 -27.99
C ARG A 136 -32.52 10.68 -28.44
N ARG A 137 -33.70 11.27 -28.18
CA ARG A 137 -34.94 10.66 -28.65
C ARG A 137 -35.02 10.63 -30.16
N TYR A 138 -34.27 11.50 -30.84
CA TYR A 138 -34.27 11.59 -32.30
C TYR A 138 -33.20 10.71 -32.91
N VAL A 139 -31.99 10.72 -32.33
CA VAL A 139 -30.86 10.01 -32.92
C VAL A 139 -31.15 8.51 -33.02
N LYS A 140 -31.82 7.96 -32.01
CA LYS A 140 -32.06 6.53 -31.94
C LYS A 140 -33.30 6.09 -32.71
N SER A 141 -34.04 7.01 -33.31
CA SER A 141 -35.30 6.68 -33.99
C SER A 141 -34.99 6.25 -35.42
N ARG A 142 -34.41 5.06 -35.53
CA ARG A 142 -34.12 4.47 -36.83
C ARG A 142 -33.93 2.97 -36.64
N ASP A 143 -34.16 2.22 -37.71
CA ASP A 143 -33.97 0.77 -37.75
C ASP A 143 -32.90 0.49 -38.79
N ASP A 144 -31.64 0.41 -38.33
CA ASP A 144 -30.53 0.19 -39.25
C ASP A 144 -30.67 -1.14 -39.98
N SER A 145 -31.16 -2.18 -39.30
CA SER A 145 -31.37 -3.45 -39.97
C SER A 145 -32.34 -3.31 -41.14
N GLN A 146 -33.31 -2.40 -41.03
CA GLN A 146 -34.21 -2.14 -42.14
C GLN A 146 -33.50 -1.37 -43.25
N LEU A 147 -32.75 -0.33 -42.87
CA LEU A 147 -32.01 0.45 -43.86
C LEU A 147 -30.87 -0.33 -44.49
N ASN A 148 -30.45 -1.43 -43.85
CA ASN A 148 -29.43 -2.30 -44.42
C ASN A 148 -29.99 -3.30 -45.41
N GLY A 149 -31.29 -3.21 -45.73
CA GLY A 149 -31.89 -4.13 -46.67
C GLY A 149 -32.17 -5.51 -46.12
N ASP A 150 -32.46 -5.61 -44.82
CA ASP A 150 -32.83 -6.88 -44.23
C ASP A 150 -34.32 -7.14 -44.48
N SER A 151 -34.62 -8.32 -45.02
CA SER A 151 -36.02 -8.64 -45.32
C SER A 151 -36.87 -8.67 -44.05
N SER A 152 -36.34 -9.27 -42.98
CA SER A 152 -37.11 -9.36 -41.75
C SER A 152 -37.41 -7.98 -41.17
N ALA A 153 -36.41 -7.09 -41.17
CA ALA A 153 -36.60 -5.76 -40.61
C ALA A 153 -37.44 -4.86 -41.49
N LEU A 154 -37.66 -5.23 -42.76
CA LEU A 154 -38.49 -4.42 -43.63
C LEU A 154 -39.95 -4.47 -43.18
N LEU A 155 -40.46 -5.67 -42.90
CA LEU A 155 -41.84 -5.85 -42.49
C LEU A 155 -42.01 -5.82 -40.97
N ASN A 156 -40.92 -5.74 -40.21
CA ASN A 156 -40.97 -5.69 -38.75
C ASN A 156 -40.03 -4.60 -38.25
N PRO A 157 -40.40 -3.34 -38.43
CA PRO A 157 -39.54 -2.25 -37.94
C PRO A 157 -39.32 -2.33 -36.44
N SER A 158 -38.15 -1.90 -36.01
CA SER A 158 -37.77 -2.02 -34.61
C SER A 158 -38.64 -1.11 -33.74
N LYS A 159 -38.61 -1.39 -32.43
CA LYS A 159 -39.36 -0.60 -31.47
C LYS A 159 -38.82 0.82 -31.32
N GLU A 160 -37.54 1.03 -31.66
CA GLU A 160 -36.94 2.35 -31.45
C GLU A 160 -37.64 3.42 -32.28
N CYS A 161 -38.00 3.11 -33.53
CA CYS A 161 -38.75 4.01 -34.38
C CYS A 161 -40.25 3.90 -34.09
N GLU A 162 -40.59 4.05 -32.82
CA GLU A 162 -41.92 3.68 -32.32
C GLU A 162 -43.04 4.54 -32.89
N PRO A 163 -42.97 5.87 -32.80
CA PRO A 163 -44.10 6.68 -33.28
C PRO A 163 -44.35 6.53 -34.76
N TYR A 164 -43.35 6.05 -35.51
CA TYR A 164 -43.43 5.91 -36.96
C TYR A 164 -43.05 4.49 -37.37
N ARG A 165 -43.64 3.51 -36.68
CA ARG A 165 -43.49 2.11 -37.08
C ARG A 165 -44.49 1.74 -38.18
N ARG A 166 -45.78 1.96 -37.91
CA ARG A 166 -46.85 1.61 -38.83
C ARG A 166 -47.80 2.77 -38.96
N ASN A 167 -48.28 3.01 -40.19
CA ASN A 167 -49.20 4.12 -40.42
C ASN A 167 -50.63 3.72 -40.11
N GLU A 168 -51.20 2.79 -40.88
CA GLU A 168 -52.55 2.29 -40.63
C GLU A 168 -52.55 0.83 -40.23
N ASP A 169 -51.97 -0.04 -41.04
CA ASP A 169 -51.89 -1.47 -40.72
C ASP A 169 -50.52 -2.06 -41.03
N LYS A 170 -49.88 -1.62 -42.10
CA LYS A 170 -48.60 -2.14 -42.56
C LYS A 170 -47.47 -1.18 -42.23
N PRO A 171 -46.25 -1.67 -42.05
CA PRO A 171 -45.20 -0.84 -41.45
C PRO A 171 -44.66 0.20 -42.40
N ILE A 172 -44.11 1.26 -41.83
CA ILE A 172 -43.48 2.32 -42.60
C ILE A 172 -42.11 1.84 -43.06
N ALA A 173 -41.80 2.05 -44.33
CA ALA A 173 -40.57 1.52 -44.89
C ALA A 173 -39.36 2.23 -44.30
N PRO A 174 -39.14 3.54 -44.53
CA PRO A 174 -38.15 4.19 -43.65
C PRO A 174 -38.76 4.62 -42.31
N CYS A 175 -38.85 3.66 -41.38
CA CYS A 175 -39.37 3.98 -40.06
C CYS A 175 -38.40 4.91 -39.35
N GLY A 176 -38.95 5.72 -38.44
CA GLY A 176 -38.13 6.58 -37.61
C GLY A 176 -38.52 8.04 -37.65
N ALA A 177 -38.24 8.73 -36.56
CA ALA A 177 -38.41 10.18 -36.53
C ALA A 177 -37.40 10.89 -37.42
N ILE A 178 -36.30 10.22 -37.75
CA ILE A 178 -35.29 10.84 -38.60
C ILE A 178 -35.73 10.80 -40.05
N ALA A 179 -36.09 9.62 -40.56
CA ALA A 179 -36.55 9.52 -41.94
C ALA A 179 -37.82 10.32 -42.14
N ASN A 180 -38.73 10.29 -41.16
CA ASN A 180 -39.99 11.01 -41.30
C ASN A 180 -39.76 12.51 -41.44
N SER A 181 -38.84 13.06 -40.66
CA SER A 181 -38.56 14.50 -40.69
C SER A 181 -37.44 14.81 -41.67
N MET A 182 -37.57 14.33 -42.90
CA MET A 182 -36.54 14.54 -43.91
C MET A 182 -36.72 15.91 -44.56
N PHE A 183 -35.59 16.56 -44.83
CA PHE A 183 -35.62 17.84 -45.53
C PHE A 183 -36.18 17.65 -46.92
N ASN A 184 -37.29 18.33 -47.21
CA ASN A 184 -37.98 18.13 -48.49
C ASN A 184 -38.20 19.45 -49.23
N ASP A 185 -37.32 20.43 -49.00
CA ASP A 185 -37.29 21.61 -49.85
C ASP A 185 -36.56 21.31 -51.16
N THR A 186 -36.91 22.06 -52.18
CA THR A 186 -36.27 21.97 -53.49
C THR A 186 -35.65 23.31 -53.84
N LEU A 187 -34.36 23.32 -54.13
CA LEU A 187 -33.60 24.54 -54.39
C LEU A 187 -33.11 24.53 -55.83
N GLU A 188 -33.30 25.66 -56.52
CA GLU A 188 -32.84 25.82 -57.90
C GLU A 188 -32.13 27.16 -58.05
N LEU A 189 -31.08 27.17 -58.87
CA LEU A 189 -30.28 28.36 -59.12
C LEU A 189 -30.38 28.73 -60.58
N PHE A 190 -30.57 30.02 -60.86
CA PHE A 190 -30.59 30.55 -62.21
C PHE A 190 -29.65 31.75 -62.29
N LEU A 191 -28.89 31.81 -63.39
CA LEU A 191 -28.00 32.93 -63.65
C LEU A 191 -28.76 33.97 -64.47
N ILE A 192 -28.92 35.16 -63.90
CA ILE A 192 -29.62 36.25 -64.57
C ILE A 192 -28.58 36.96 -65.46
N GLY A 193 -28.63 36.69 -66.76
CA GLY A 193 -27.70 37.28 -67.70
C GLY A 193 -28.08 38.70 -68.08
N ASN A 194 -27.24 39.29 -68.94
CA ASN A 194 -27.53 40.63 -69.43
C ASN A 194 -28.84 40.69 -70.18
N ASP A 195 -29.25 39.59 -70.81
CA ASP A 195 -30.53 39.52 -71.51
C ASP A 195 -31.71 39.48 -70.55
N SER A 196 -31.46 39.32 -69.24
CA SER A 196 -32.48 39.22 -68.20
C SER A 196 -33.19 37.87 -68.20
N TYR A 197 -32.83 36.96 -69.09
CA TYR A 197 -33.45 35.64 -69.14
C TYR A 197 -32.72 34.71 -68.17
N PRO A 198 -33.39 34.16 -67.16
CA PRO A 198 -32.68 33.26 -66.22
C PRO A 198 -32.17 32.02 -66.93
N ILE A 199 -30.87 31.79 -66.84
CA ILE A 199 -30.24 30.61 -67.41
C ILE A 199 -30.17 29.55 -66.31
N PRO A 200 -30.74 28.36 -66.51
CA PRO A 200 -30.63 27.32 -65.47
C PRO A 200 -29.20 26.88 -65.27
N ILE A 201 -28.90 26.48 -64.04
CA ILE A 201 -27.57 26.01 -63.64
C ILE A 201 -27.67 24.52 -63.32
N ALA A 202 -26.83 23.72 -63.98
CA ALA A 202 -26.87 22.28 -63.77
C ALA A 202 -26.43 21.94 -62.35
N LEU A 203 -27.24 21.12 -61.68
CA LEU A 203 -26.95 20.66 -60.32
C LEU A 203 -26.89 19.14 -60.33
N LYS A 204 -25.86 18.59 -59.69
CA LYS A 204 -25.63 17.15 -59.66
C LYS A 204 -25.98 16.64 -58.27
N LYS A 205 -26.90 15.67 -58.20
CA LYS A 205 -27.35 15.10 -56.94
C LYS A 205 -26.67 13.79 -56.60
N LYS A 206 -25.69 13.37 -57.38
CA LYS A 206 -24.98 12.12 -57.14
C LYS A 206 -23.61 12.40 -56.55
N GLY A 207 -23.14 11.49 -55.71
CA GLY A 207 -21.87 11.65 -55.04
C GLY A 207 -21.85 12.76 -54.01
N ILE A 208 -22.93 12.92 -53.25
CA ILE A 208 -22.99 13.89 -52.16
C ILE A 208 -22.96 13.22 -50.80
N ALA A 209 -22.93 11.90 -50.74
CA ALA A 209 -22.94 11.15 -49.49
C ALA A 209 -21.65 10.33 -49.38
N TRP A 210 -21.41 9.80 -48.18
CA TRP A 210 -20.27 8.93 -47.97
C TRP A 210 -20.37 7.70 -48.86
N TRP A 211 -19.23 7.26 -49.38
CA TRP A 211 -19.21 6.02 -50.16
C TRP A 211 -19.64 4.83 -49.29
N THR A 212 -19.17 4.80 -48.04
CA THR A 212 -19.57 3.71 -47.15
C THR A 212 -21.07 3.75 -46.88
N ASP A 213 -21.63 4.94 -46.70
CA ASP A 213 -23.07 5.06 -46.48
C ASP A 213 -23.84 4.58 -47.71
N LYS A 214 -23.40 4.97 -48.89
CA LYS A 214 -24.08 4.54 -50.11
C LYS A 214 -23.96 3.04 -50.31
N ASN A 215 -22.75 2.50 -50.19
CA ASN A 215 -22.46 1.16 -50.69
C ASN A 215 -22.33 0.11 -49.59
N VAL A 216 -22.40 0.50 -48.32
CA VAL A 216 -22.27 -0.46 -47.23
C VAL A 216 -23.45 -0.33 -46.27
N LYS A 217 -23.64 0.88 -45.73
CA LYS A 217 -24.63 1.05 -44.67
C LYS A 217 -26.05 0.92 -45.20
N PHE A 218 -26.34 1.55 -46.34
CA PHE A 218 -27.70 1.62 -46.87
C PHE A 218 -27.82 0.68 -48.07
N ARG A 219 -28.78 -0.24 -47.99
CA ARG A 219 -29.08 -1.20 -49.04
C ARG A 219 -30.59 -1.32 -49.18
N ASN A 220 -31.03 -1.62 -50.39
CA ASN A 220 -32.44 -1.87 -50.63
C ASN A 220 -32.79 -3.31 -50.23
N PRO A 221 -34.07 -3.58 -49.94
CA PRO A 221 -34.45 -4.94 -49.57
C PRO A 221 -34.14 -5.89 -50.70
N PRO A 222 -33.81 -7.15 -50.38
CA PRO A 222 -33.27 -8.05 -51.39
C PRO A 222 -34.36 -8.59 -52.32
N GLY A 223 -33.91 -9.20 -53.41
CA GLY A 223 -34.79 -9.83 -54.35
C GLY A 223 -35.39 -8.88 -55.35
N GLY A 224 -36.00 -9.45 -56.38
CA GLY A 224 -36.69 -8.67 -57.39
C GLY A 224 -35.75 -7.75 -58.17
N ASP A 225 -36.33 -7.11 -59.18
CA ASP A 225 -35.61 -6.12 -59.99
C ASP A 225 -36.29 -4.76 -60.02
N ASN A 226 -37.58 -4.67 -59.69
CA ASN A 226 -38.30 -3.41 -59.60
C ASN A 226 -38.54 -3.07 -58.14
N LEU A 227 -38.27 -1.82 -57.77
CA LEU A 227 -38.46 -1.41 -56.38
C LEU A 227 -39.92 -1.56 -55.95
N GLU A 228 -40.85 -1.54 -56.91
CA GLU A 228 -42.27 -1.66 -56.57
C GLU A 228 -42.54 -2.94 -55.79
N GLU A 229 -42.09 -4.08 -56.31
CA GLU A 229 -42.35 -5.35 -55.64
C GLU A 229 -41.46 -5.54 -54.41
N ARG A 230 -40.25 -4.98 -54.44
CA ARG A 230 -39.31 -5.17 -53.34
C ARG A 230 -39.85 -4.57 -52.05
N PHE A 231 -40.41 -3.37 -52.12
CA PHE A 231 -41.00 -2.70 -50.97
C PHE A 231 -42.50 -2.99 -50.90
N LYS A 232 -42.84 -4.27 -50.91
CA LYS A 232 -44.24 -4.70 -50.86
C LYS A 232 -44.71 -4.76 -49.41
N GLY A 233 -45.95 -4.35 -49.18
CA GLY A 233 -46.52 -4.38 -47.85
C GLY A 233 -45.87 -3.44 -46.87
N THR A 234 -45.57 -2.20 -47.29
CA THR A 234 -45.06 -1.18 -46.40
C THR A 234 -45.60 0.18 -46.83
N THR A 235 -45.91 1.02 -45.85
CA THR A 235 -46.37 2.38 -46.12
C THR A 235 -45.18 3.34 -46.21
N LYS A 236 -45.46 4.52 -46.74
CA LYS A 236 -44.49 5.59 -46.75
C LYS A 236 -44.53 6.33 -45.42
N PRO A 237 -43.47 7.05 -45.06
CA PRO A 237 -43.51 7.86 -43.84
C PRO A 237 -44.63 8.89 -43.93
N VAL A 238 -45.25 9.16 -42.77
CA VAL A 238 -46.46 9.99 -42.75
C VAL A 238 -46.17 11.38 -43.30
N ASN A 239 -44.98 11.92 -42.99
CA ASN A 239 -44.62 13.25 -43.47
C ASN A 239 -44.21 13.26 -44.94
N TRP A 240 -43.82 12.11 -45.49
CA TRP A 240 -43.36 12.08 -46.88
C TRP A 240 -44.54 12.23 -47.84
N LEU A 241 -44.33 13.00 -48.91
CA LEU A 241 -45.36 13.16 -49.92
C LEU A 241 -45.51 11.91 -50.77
N LYS A 242 -44.40 11.30 -51.16
CA LYS A 242 -44.38 10.15 -52.05
C LYS A 242 -43.58 9.04 -51.40
N PRO A 243 -43.86 7.78 -51.74
CA PRO A 243 -43.13 6.67 -51.12
C PRO A 243 -41.63 6.77 -51.38
N VAL A 244 -40.91 5.84 -50.74
CA VAL A 244 -39.47 5.70 -50.98
C VAL A 244 -39.17 5.02 -52.30
N TYR A 245 -40.20 4.55 -53.02
CA TYR A 245 -39.97 3.89 -54.30
C TYR A 245 -39.28 4.83 -55.27
N MET A 246 -39.80 6.05 -55.39
CA MET A 246 -39.43 7.00 -56.43
C MET A 246 -38.84 8.28 -55.84
N LEU A 247 -37.99 8.13 -54.82
CA LEU A 247 -37.23 9.27 -54.36
C LEU A 247 -36.43 9.90 -55.50
N ASP A 248 -36.05 9.09 -56.48
CA ASP A 248 -35.37 9.58 -57.67
C ASP A 248 -35.75 8.69 -58.84
N SER A 249 -35.65 9.24 -60.05
CA SER A 249 -35.92 8.45 -61.25
C SER A 249 -34.79 7.47 -61.54
N ASP A 250 -33.57 7.81 -61.16
CA ASP A 250 -32.44 6.92 -61.38
C ASP A 250 -32.59 5.67 -60.51
N PRO A 251 -32.53 4.46 -61.08
CA PRO A 251 -32.65 3.26 -60.24
C PRO A 251 -31.56 3.12 -59.21
N ASP A 252 -30.41 3.77 -59.41
CA ASP A 252 -29.30 3.73 -58.47
C ASP A 252 -29.38 4.81 -57.40
N ASN A 253 -30.38 5.70 -57.48
CA ASN A 253 -30.52 6.79 -56.51
C ASN A 253 -31.90 6.82 -55.87
N ASN A 254 -32.65 5.73 -55.93
CA ASN A 254 -33.94 5.64 -55.27
C ASN A 254 -33.96 4.45 -54.31
N GLY A 255 -34.91 4.48 -53.40
CA GLY A 255 -34.96 3.49 -52.33
C GLY A 255 -34.17 3.96 -51.14
N PHE A 256 -33.64 3.03 -50.35
CA PHE A 256 -32.79 3.40 -49.24
C PHE A 256 -31.45 3.95 -49.69
N ILE A 257 -31.12 3.84 -50.97
CA ILE A 257 -29.84 4.30 -51.48
C ILE A 257 -29.94 5.67 -52.14
N ASN A 258 -30.97 6.45 -51.80
CA ASN A 258 -31.09 7.80 -52.32
C ASN A 258 -30.10 8.72 -51.65
N GLU A 259 -29.43 9.56 -52.46
CA GLU A 259 -28.35 10.39 -51.93
C GLU A 259 -28.88 11.41 -50.92
N ASP A 260 -29.96 12.11 -51.28
CA ASP A 260 -30.50 13.13 -50.38
C ASP A 260 -31.00 12.50 -49.09
N PHE A 261 -31.63 11.34 -49.18
CA PHE A 261 -32.08 10.63 -47.99
C PHE A 261 -30.91 10.24 -47.11
N ILE A 262 -29.87 9.66 -47.70
CA ILE A 262 -28.72 9.21 -46.92
C ILE A 262 -27.97 10.38 -46.32
N VAL A 263 -27.91 11.51 -47.03
CA VAL A 263 -27.29 12.70 -46.47
C VAL A 263 -28.03 13.15 -45.21
N TRP A 264 -29.37 13.16 -45.28
CA TRP A 264 -30.16 13.53 -44.11
C TRP A 264 -29.99 12.53 -42.98
N MET A 265 -29.99 11.23 -43.30
CA MET A 265 -29.91 10.21 -42.27
C MET A 265 -28.67 10.37 -41.41
N ARG A 266 -27.59 10.90 -41.97
CA ARG A 266 -26.37 11.16 -41.22
C ARG A 266 -26.59 12.35 -40.30
N THR A 267 -26.96 12.08 -39.05
CA THR A 267 -27.38 13.14 -38.14
C THR A 267 -26.21 14.08 -37.83
N ALA A 268 -26.55 15.35 -37.63
CA ALA A 268 -25.56 16.38 -37.39
C ALA A 268 -25.11 16.38 -35.93
N ALA A 269 -23.90 16.90 -35.71
CA ALA A 269 -23.32 16.91 -34.38
C ALA A 269 -23.92 17.99 -33.48
N LEU A 270 -24.29 19.12 -34.06
CA LEU A 270 -24.73 20.29 -33.32
C LEU A 270 -26.01 20.81 -33.93
N PRO A 271 -26.78 21.62 -33.18
CA PRO A 271 -28.06 22.10 -33.72
C PRO A 271 -27.92 22.91 -35.00
N THR A 272 -26.84 23.65 -35.16
CA THR A 272 -26.59 24.44 -36.36
C THR A 272 -25.63 23.66 -37.25
N PHE A 273 -26.10 23.26 -38.42
CA PHE A 273 -25.36 22.39 -39.32
C PHE A 273 -25.71 22.74 -40.75
N ARG A 274 -25.07 22.04 -41.69
CA ARG A 274 -25.44 22.14 -43.08
C ARG A 274 -25.16 20.80 -43.75
N LYS A 275 -26.02 20.43 -44.69
CA LYS A 275 -25.95 19.15 -45.35
C LYS A 275 -25.79 19.35 -46.85
N LEU A 276 -24.87 18.61 -47.45
CA LEU A 276 -24.59 18.78 -48.87
C LEU A 276 -25.83 18.49 -49.70
N TYR A 277 -26.15 19.43 -50.61
CA TYR A 277 -27.35 19.34 -51.41
C TYR A 277 -27.03 18.95 -52.86
N ARG A 278 -26.17 19.71 -53.52
CA ARG A 278 -25.86 19.48 -54.93
C ARG A 278 -24.40 19.82 -55.18
N LEU A 279 -23.87 19.25 -56.26
CA LEU A 279 -22.53 19.55 -56.75
C LEU A 279 -22.66 20.34 -58.05
N ILE A 280 -22.01 21.50 -58.10
CA ILE A 280 -21.98 22.32 -59.31
C ILE A 280 -20.61 22.09 -59.94
N GLU A 281 -20.56 21.14 -60.88
CA GLU A 281 -19.30 20.70 -61.45
C GLU A 281 -18.65 21.82 -62.26
N ARG A 282 -17.31 21.81 -62.27
CA ARG A 282 -16.56 22.80 -63.02
C ARG A 282 -16.92 22.72 -64.50
N LYS A 283 -17.14 23.89 -65.10
CA LYS A 283 -17.53 23.94 -66.50
C LYS A 283 -16.36 23.56 -67.40
N SER A 284 -16.70 23.01 -68.58
CA SER A 284 -15.66 22.64 -69.54
C SER A 284 -14.87 23.86 -69.99
N ASP A 285 -15.56 24.98 -70.22
CA ASP A 285 -14.89 26.20 -70.67
C ASP A 285 -14.06 26.79 -69.53
N LEU A 286 -13.15 27.69 -69.91
CA LEU A 286 -12.28 28.34 -68.95
C LEU A 286 -13.02 29.32 -68.04
N HIS A 287 -14.27 29.65 -68.35
CA HIS A 287 -15.00 30.64 -67.58
C HIS A 287 -15.31 30.10 -66.18
N PRO A 288 -15.55 30.99 -65.21
CA PRO A 288 -15.90 30.52 -63.87
C PRO A 288 -17.19 29.71 -63.88
N THR A 289 -17.26 28.73 -62.98
CA THR A 289 -18.46 27.90 -62.89
C THR A 289 -19.67 28.72 -62.51
N LEU A 290 -19.49 29.71 -61.63
CA LEU A 290 -20.53 30.66 -61.24
C LEU A 290 -19.99 32.07 -61.49
N PRO A 291 -20.11 32.60 -62.70
CA PRO A 291 -19.55 33.92 -62.98
C PRO A 291 -20.21 35.00 -62.13
N ALA A 292 -19.41 35.99 -61.75
CA ALA A 292 -19.92 37.10 -60.96
C ALA A 292 -21.05 37.81 -61.69
N GLY A 293 -22.13 38.10 -60.98
CA GLY A 293 -23.29 38.72 -61.59
C GLY A 293 -24.49 38.61 -60.69
N ARG A 294 -25.67 38.65 -61.30
CA ARG A 294 -26.94 38.55 -60.59
C ARG A 294 -27.44 37.12 -60.66
N TYR A 295 -27.90 36.61 -59.51
CA TYR A 295 -28.41 35.25 -59.40
C TYR A 295 -29.76 35.28 -58.73
N SER A 296 -30.56 34.25 -59.00
CA SER A 296 -31.87 34.08 -58.38
C SER A 296 -31.96 32.67 -57.80
N LEU A 297 -32.42 32.58 -56.56
CA LEU A 297 -32.64 31.31 -55.88
C LEU A 297 -34.14 31.03 -55.87
N ASN A 298 -34.54 29.99 -56.61
CA ASN A 298 -35.94 29.58 -56.70
C ASN A 298 -36.11 28.32 -55.86
N VAL A 299 -36.76 28.45 -54.72
CA VAL A 299 -36.92 27.34 -53.77
C VAL A 299 -38.39 27.04 -53.59
N THR A 300 -38.74 25.76 -53.72
CA THR A 300 -40.08 25.28 -53.37
C THR A 300 -40.13 25.10 -51.85
N TYR A 301 -40.82 26.00 -51.17
CA TYR A 301 -40.87 26.01 -49.71
C TYR A 301 -41.74 24.86 -49.22
N ASN A 302 -41.12 23.84 -48.65
CA ASN A 302 -41.82 22.66 -48.14
C ASN A 302 -41.52 22.36 -46.68
N TYR A 303 -40.31 22.66 -46.21
CA TYR A 303 -39.89 22.30 -44.87
C TYR A 303 -40.21 23.42 -43.90
N PRO A 304 -41.08 23.22 -42.91
CA PRO A 304 -41.32 24.28 -41.93
C PRO A 304 -40.39 24.19 -40.73
N VAL A 305 -39.72 25.30 -40.40
CA VAL A 305 -38.79 25.33 -39.27
C VAL A 305 -39.06 26.53 -38.38
N HIS A 306 -39.93 27.45 -38.83
CA HIS A 306 -40.18 28.67 -38.07
C HIS A 306 -40.93 28.42 -36.78
N TYR A 307 -41.51 27.23 -36.60
CA TYR A 307 -42.23 26.93 -35.35
C TYR A 307 -41.28 26.92 -34.16
N PHE A 308 -40.09 26.33 -34.32
CA PHE A 308 -39.11 26.22 -33.24
C PHE A 308 -37.93 27.14 -33.47
N ASP A 309 -38.17 28.32 -34.03
CA ASP A 309 -37.12 29.32 -34.25
C ASP A 309 -35.97 28.76 -35.09
N GLY A 310 -36.33 27.99 -36.12
CA GLY A 310 -35.33 27.47 -37.03
C GLY A 310 -35.05 28.42 -38.18
N ARG A 311 -33.91 28.20 -38.84
CA ARG A 311 -33.48 29.01 -39.97
C ARG A 311 -33.00 28.08 -41.08
N LYS A 312 -33.63 28.16 -42.24
CA LYS A 312 -33.16 27.48 -43.44
C LYS A 312 -32.25 28.39 -44.23
N ARG A 313 -31.19 27.81 -44.80
CA ARG A 313 -30.19 28.59 -45.53
C ARG A 313 -29.75 27.82 -46.76
N MET A 314 -29.24 28.56 -47.74
CA MET A 314 -28.61 28.00 -48.92
C MET A 314 -27.19 28.53 -48.98
N ILE A 315 -26.21 27.64 -49.06
CA ILE A 315 -24.80 28.00 -49.04
C ILE A 315 -24.16 27.49 -50.31
N LEU A 316 -23.46 28.37 -51.02
CA LEU A 316 -22.59 28.01 -52.13
C LEU A 316 -21.15 28.29 -51.73
N SER A 317 -20.30 27.27 -51.80
CA SER A 317 -18.91 27.39 -51.39
C SER A 317 -18.03 26.67 -52.39
N THR A 318 -16.88 27.27 -52.69
CA THR A 318 -15.93 26.68 -53.63
C THR A 318 -14.96 25.75 -52.90
N ILE A 319 -14.41 24.81 -53.66
CA ILE A 319 -13.56 23.78 -53.06
C ILE A 319 -12.18 24.37 -52.76
N SER A 320 -11.65 24.02 -51.59
CA SER A 320 -10.30 24.38 -51.18
C SER A 320 -9.53 23.12 -50.83
N TRP A 321 -8.27 23.05 -51.26
CA TRP A 321 -7.46 21.87 -51.01
C TRP A 321 -7.05 21.75 -49.54
N MET A 322 -7.23 22.80 -48.76
CA MET A 322 -7.21 22.72 -47.29
C MET A 322 -8.64 22.59 -46.74
N GLY A 323 -9.30 21.49 -47.10
CA GLY A 323 -10.65 21.27 -46.60
C GLY A 323 -11.57 22.40 -46.99
N GLY A 324 -12.27 22.97 -46.00
CA GLY A 324 -13.15 24.10 -46.24
C GLY A 324 -12.76 25.34 -45.46
N LYS A 325 -13.74 26.18 -45.16
CA LYS A 325 -13.50 27.46 -44.48
C LYS A 325 -13.62 27.27 -42.98
N ASN A 326 -12.48 27.27 -42.28
CA ASN A 326 -12.42 27.07 -40.83
C ASN A 326 -11.51 28.12 -40.23
N PRO A 327 -11.98 29.37 -40.11
CA PRO A 327 -11.14 30.41 -39.49
C PRO A 327 -10.89 30.20 -38.01
N PHE A 328 -11.72 29.40 -37.32
CA PHE A 328 -11.48 29.15 -35.91
C PHE A 328 -10.17 28.40 -35.70
N LEU A 329 -9.92 27.37 -36.51
CA LEU A 329 -8.67 26.63 -36.39
C LEU A 329 -7.48 27.52 -36.71
N GLY A 330 -7.62 28.38 -37.71
CA GLY A 330 -6.55 29.32 -38.00
C GLY A 330 -6.25 30.25 -36.84
N ILE A 331 -7.30 30.80 -36.24
CA ILE A 331 -7.12 31.71 -35.11
C ILE A 331 -6.62 30.95 -33.88
N ALA A 332 -7.17 29.75 -33.65
CA ALA A 332 -6.77 28.98 -32.48
C ALA A 332 -5.30 28.63 -32.51
N TYR A 333 -4.78 28.26 -33.68
CA TYR A 333 -3.36 27.95 -33.80
C TYR A 333 -2.50 29.20 -33.56
N ILE A 334 -2.95 30.35 -34.04
CA ILE A 334 -2.23 31.59 -33.78
C ILE A 334 -2.24 31.90 -32.28
N ALA A 335 -3.40 31.76 -31.64
CA ALA A 335 -3.50 32.05 -30.22
C ALA A 335 -2.69 31.07 -29.40
N VAL A 336 -2.85 29.78 -29.66
CA VAL A 336 -2.10 28.77 -28.91
C VAL A 336 -0.61 28.89 -29.20
N GLY A 337 -0.25 29.07 -30.48
CA GLY A 337 1.15 29.26 -30.82
C GLY A 337 1.73 30.52 -30.20
N SER A 338 0.97 31.61 -30.22
CA SER A 338 1.44 32.85 -29.60
C SER A 338 1.65 32.69 -28.11
N ILE A 339 0.72 31.99 -27.45
CA ILE A 339 0.84 31.81 -25.99
C ILE A 339 2.00 30.88 -25.67
N SER A 340 2.23 29.86 -26.49
CA SER A 340 3.37 28.97 -26.26
C SER A 340 4.68 29.74 -26.32
N PHE A 341 4.83 30.63 -27.29
CA PHE A 341 6.00 31.50 -27.33
C PHE A 341 6.01 32.42 -26.11
N LEU A 342 4.86 32.96 -25.74
CA LEU A 342 4.79 33.83 -24.57
C LEU A 342 5.09 33.07 -23.29
N LEU A 343 4.57 31.84 -23.17
CA LEU A 343 4.91 31.02 -22.01
C LEU A 343 6.40 30.70 -21.98
N GLY A 344 6.98 30.40 -23.13
CA GLY A 344 8.40 30.10 -23.16
C GLY A 344 9.26 31.24 -22.64
N VAL A 345 8.93 32.47 -23.05
CA VAL A 345 9.66 33.63 -22.55
C VAL A 345 9.44 33.80 -21.06
N VAL A 346 8.20 33.66 -20.59
CA VAL A 346 7.92 33.77 -19.17
C VAL A 346 8.63 32.67 -18.40
N LEU A 347 8.57 31.43 -18.90
CA LEU A 347 9.29 30.34 -18.26
C LEU A 347 10.80 30.58 -18.29
N LEU A 348 11.30 31.12 -19.40
CA LEU A 348 12.73 31.39 -19.50
C LEU A 348 13.18 32.41 -18.47
N VAL A 349 12.40 33.48 -18.28
CA VAL A 349 12.75 34.49 -17.29
C VAL A 349 12.71 33.90 -15.89
N ILE A 350 11.67 33.13 -15.59
CA ILE A 350 11.54 32.52 -14.26
C ILE A 350 12.72 31.59 -14.00
N ASN A 351 13.07 30.77 -14.99
CA ASN A 351 14.20 29.85 -14.82
C ASN A 351 15.50 30.60 -14.62
N HIS A 352 15.71 31.68 -15.39
CA HIS A 352 16.96 32.44 -15.25
C HIS A 352 17.08 33.03 -13.85
N LYS A 353 15.98 33.55 -13.30
CA LYS A 353 16.01 34.06 -11.94
C LYS A 353 16.32 32.96 -10.94
N TYR A 354 15.74 31.78 -11.14
CA TYR A 354 15.93 30.63 -10.26
C TYR A 354 16.94 29.64 -10.81
N ARG A 355 17.97 30.14 -11.48
CA ARG A 355 19.03 29.28 -12.02
C ARG A 355 20.04 28.94 -10.93
N GLN B 16 5.90 0.07 46.05
CA GLN B 16 4.93 -1.00 45.84
C GLN B 16 5.12 -1.69 44.49
N PRO B 17 5.13 -0.95 43.39
CA PRO B 17 5.40 -1.59 42.10
C PRO B 17 6.77 -2.26 42.08
N ASN B 18 6.82 -3.43 41.46
CA ASN B 18 8.00 -4.29 41.48
C ASN B 18 8.62 -4.27 40.09
N ASP B 19 9.90 -3.90 40.02
CA ASP B 19 10.60 -3.77 38.75
C ASP B 19 11.16 -5.08 38.24
N GLU B 20 10.99 -6.18 38.97
CA GLU B 20 11.62 -7.45 38.65
C GLU B 20 10.64 -8.49 38.10
N VAL B 21 9.35 -8.18 38.03
CA VAL B 21 8.34 -9.16 37.65
C VAL B 21 7.49 -8.60 36.52
N VAL B 22 6.92 -9.52 35.76
CA VAL B 22 5.99 -9.19 34.68
C VAL B 22 4.57 -9.25 35.25
N PRO B 23 3.81 -8.15 35.21
CA PRO B 23 2.49 -8.16 35.90
C PRO B 23 1.37 -8.81 35.10
N TYR B 24 1.33 -10.14 35.14
CA TYR B 24 0.24 -10.87 34.49
C TYR B 24 -1.07 -10.77 35.26
N SER B 25 -1.01 -10.44 36.56
CA SER B 25 -2.24 -10.31 37.35
C SER B 25 -3.09 -9.14 36.90
N ASP B 26 -2.45 -8.03 36.52
CA ASP B 26 -3.18 -6.82 36.11
C ASP B 26 -3.49 -6.84 34.62
N ASP B 27 -4.14 -7.90 34.17
CA ASP B 27 -4.52 -8.05 32.76
C ASP B 27 -6.03 -8.20 32.64
N THR B 63 -14.74 -27.15 36.66
CA THR B 63 -13.44 -26.67 36.21
C THR B 63 -12.89 -27.54 35.08
N TRP B 64 -11.80 -27.09 34.47
CA TRP B 64 -11.18 -27.82 33.38
C TRP B 64 -10.76 -29.22 33.84
N GLN B 65 -11.04 -30.21 33.00
CA GLN B 65 -10.76 -31.60 33.31
C GLN B 65 -9.98 -32.23 32.17
N VAL B 66 -8.87 -32.89 32.52
CA VAL B 66 -7.99 -33.53 31.55
C VAL B 66 -7.84 -34.99 31.94
N LYS B 67 -8.02 -35.89 30.98
CA LYS B 67 -7.83 -37.31 31.18
C LYS B 67 -6.70 -37.79 30.28
N ALA B 68 -5.73 -38.50 30.86
CA ALA B 68 -4.57 -38.96 30.13
C ALA B 68 -4.92 -40.17 29.28
N ASN B 69 -4.46 -40.16 28.03
CA ASN B 69 -4.60 -41.29 27.12
C ASN B 69 -6.06 -41.66 26.90
N ASP B 70 -6.95 -40.69 27.03
CA ASP B 70 -8.38 -40.90 26.80
C ASP B 70 -8.93 -39.75 25.96
N ARG B 71 -8.22 -39.39 24.91
CA ARG B 71 -8.64 -38.32 24.02
C ARG B 71 -10.02 -38.59 23.43
N THR B 106 -16.17 -22.53 -4.85
CA THR B 106 -15.27 -21.58 -4.20
C THR B 106 -15.25 -20.25 -4.93
N PHE B 107 -16.29 -19.98 -5.71
CA PHE B 107 -16.42 -18.75 -6.48
C PHE B 107 -17.68 -17.96 -6.18
N ILE B 108 -18.78 -18.63 -5.80
CA ILE B 108 -20.00 -17.91 -5.45
C ILE B 108 -19.79 -16.98 -4.26
N PRO B 109 -19.10 -17.38 -3.18
CA PRO B 109 -19.03 -16.50 -2.01
C PRO B 109 -18.05 -15.35 -2.18
N MET B 110 -17.17 -15.42 -3.18
CA MET B 110 -16.18 -14.37 -3.40
C MET B 110 -16.75 -13.22 -4.20
N ASN B 111 -17.56 -13.53 -5.22
CA ASN B 111 -18.25 -12.47 -5.95
C ASN B 111 -19.21 -11.70 -5.05
N LEU B 112 -19.95 -12.42 -4.20
CA LEU B 112 -20.84 -11.77 -3.25
C LEU B 112 -20.04 -10.94 -2.24
N PHE B 113 -18.87 -11.43 -1.84
CA PHE B 113 -18.04 -10.70 -0.89
C PHE B 113 -17.62 -9.35 -1.46
N GLU B 114 -17.21 -9.31 -2.72
CA GLU B 114 -16.77 -8.06 -3.33
C GLU B 114 -17.94 -7.19 -3.79
N GLN B 115 -19.15 -7.74 -3.85
CA GLN B 115 -20.31 -6.91 -4.20
C GLN B 115 -20.75 -6.07 -3.01
N PHE B 116 -21.17 -6.72 -1.94
CA PHE B 116 -21.78 -6.01 -0.82
C PHE B 116 -20.78 -5.10 -0.11
N LYS B 117 -19.58 -5.63 0.17
CA LYS B 117 -18.61 -4.86 0.94
C LYS B 117 -18.27 -3.55 0.24
N ARG B 118 -18.26 -3.56 -1.09
CA ARG B 118 -17.91 -2.40 -1.88
C ARG B 118 -19.19 -1.72 -2.37
N ALA B 119 -19.38 -0.47 -1.97
CA ALA B 119 -20.58 0.26 -2.37
C ALA B 119 -20.63 0.46 -3.88
N ALA B 120 -19.46 0.63 -4.52
CA ALA B 120 -19.43 0.87 -5.96
C ALA B 120 -19.93 -0.33 -6.75
N ASN B 121 -19.70 -1.54 -6.26
CA ASN B 121 -20.16 -2.72 -6.98
C ASN B 121 -21.68 -2.80 -6.99
N LEU B 122 -22.33 -2.44 -5.88
CA LEU B 122 -23.79 -2.32 -5.89
C LEU B 122 -24.24 -1.15 -6.75
N TYR B 123 -23.43 -0.08 -6.82
CA TYR B 123 -23.77 1.03 -7.68
C TYR B 123 -23.86 0.60 -9.14
N PHE B 124 -22.91 -0.20 -9.60
CA PHE B 124 -22.90 -0.64 -10.99
C PHE B 124 -23.93 -1.74 -11.25
N LEU B 125 -24.39 -2.42 -10.21
CA LEU B 125 -25.54 -3.31 -10.37
C LEU B 125 -26.85 -2.53 -10.45
N ALA B 126 -26.93 -1.41 -9.73
CA ALA B 126 -28.10 -0.54 -9.87
C ALA B 126 -28.19 0.07 -11.26
N LEU B 127 -27.05 0.48 -11.82
CA LEU B 127 -27.06 1.07 -13.16
C LEU B 127 -27.52 0.06 -14.20
N LEU B 128 -27.16 -1.21 -14.01
CA LEU B 128 -27.64 -2.24 -14.93
C LEU B 128 -29.17 -2.29 -14.97
N ILE B 129 -29.80 -2.15 -13.80
CA ILE B 129 -31.26 -2.09 -13.75
C ILE B 129 -31.76 -0.86 -14.47
N LEU B 130 -31.15 0.30 -14.18
CA LEU B 130 -31.58 1.54 -14.84
C LEU B 130 -31.32 1.49 -16.33
N GLN B 131 -30.34 0.68 -16.76
CA GLN B 131 -30.03 0.57 -18.18
C GLN B 131 -30.95 -0.41 -18.90
N ALA B 132 -31.69 -1.23 -18.17
CA ALA B 132 -32.63 -2.16 -18.76
C ALA B 132 -34.05 -1.62 -18.83
N VAL B 133 -34.28 -0.40 -18.34
CA VAL B 133 -35.60 0.23 -18.39
C VAL B 133 -35.64 1.12 -19.63
N PRO B 134 -36.40 0.77 -20.66
CA PRO B 134 -36.37 1.58 -21.89
C PRO B 134 -36.84 3.00 -21.71
N GLN B 135 -37.62 3.29 -20.66
CA GLN B 135 -38.09 4.65 -20.45
C GLN B 135 -36.95 5.59 -20.04
N ILE B 136 -35.94 5.07 -19.36
CA ILE B 136 -34.85 5.89 -18.85
C ILE B 136 -33.51 5.55 -19.49
N SER B 137 -33.34 4.35 -20.06
CA SER B 137 -32.03 3.91 -20.49
C SER B 137 -31.46 4.86 -21.54
N THR B 138 -30.21 5.27 -21.34
CA THR B 138 -29.49 6.12 -22.27
C THR B 138 -28.22 5.48 -22.79
N LEU B 139 -27.76 4.38 -22.18
CA LEU B 139 -26.62 3.61 -22.67
C LEU B 139 -27.00 2.14 -22.65
N ALA B 140 -26.45 1.40 -23.61
CA ALA B 140 -26.73 -0.02 -23.70
C ALA B 140 -26.16 -0.78 -22.52
N TRP B 141 -26.80 -1.89 -22.16
CA TRP B 141 -26.32 -2.72 -21.05
C TRP B 141 -24.90 -3.20 -21.30
N TYR B 142 -24.49 -3.33 -22.56
CA TYR B 142 -23.11 -3.67 -22.88
C TYR B 142 -22.15 -2.70 -22.19
N THR B 143 -22.55 -1.44 -22.07
CA THR B 143 -21.64 -0.40 -21.60
C THR B 143 -21.22 -0.60 -20.16
N THR B 144 -21.95 -1.41 -19.39
CA THR B 144 -21.64 -1.62 -17.98
C THR B 144 -21.28 -3.06 -17.64
N LEU B 145 -21.91 -4.05 -18.25
CA LEU B 145 -21.54 -5.44 -17.98
C LEU B 145 -20.11 -5.73 -18.38
N VAL B 146 -19.72 -5.30 -19.59
CA VAL B 146 -18.39 -5.63 -20.09
C VAL B 146 -17.30 -5.10 -19.17
N PRO B 147 -17.28 -3.83 -18.77
CA PRO B 147 -16.33 -3.40 -17.74
C PRO B 147 -16.52 -4.12 -16.41
N LEU B 148 -17.77 -4.41 -16.04
CA LEU B 148 -18.04 -4.99 -14.73
C LEU B 148 -17.60 -6.44 -14.66
N LEU B 149 -17.89 -7.22 -15.71
CA LEU B 149 -17.47 -8.62 -15.71
C LEU B 149 -15.96 -8.74 -15.72
N VAL B 150 -15.27 -7.88 -16.48
CA VAL B 150 -13.82 -7.87 -16.46
C VAL B 150 -13.31 -7.50 -15.07
N VAL B 151 -13.90 -6.47 -14.46
CA VAL B 151 -13.50 -6.06 -13.12
C VAL B 151 -13.82 -7.15 -12.10
N LEU B 152 -15.00 -7.76 -12.20
CA LEU B 152 -15.36 -8.85 -11.31
C LEU B 152 -14.45 -10.06 -11.54
N GLY B 153 -14.15 -10.36 -12.80
CA GLY B 153 -13.29 -11.51 -13.08
C GLY B 153 -11.88 -11.31 -12.58
N VAL B 154 -11.33 -10.10 -12.75
CA VAL B 154 -9.96 -9.85 -12.32
C VAL B 154 -9.87 -9.88 -10.79
N THR B 155 -10.89 -9.34 -10.11
CA THR B 155 -10.89 -9.41 -8.64
C THR B 155 -10.94 -10.84 -8.16
N ALA B 156 -11.76 -11.68 -8.80
CA ALA B 156 -11.82 -13.09 -8.43
C ALA B 156 -10.48 -13.78 -8.67
N ILE B 157 -9.82 -13.46 -9.79
CA ILE B 157 -8.52 -14.05 -10.07
C ILE B 157 -7.51 -13.68 -8.99
N LYS B 158 -7.49 -12.41 -8.60
CA LYS B 158 -6.57 -12.00 -7.54
C LYS B 158 -6.90 -12.71 -6.23
N ASP B 159 -8.19 -12.80 -5.89
CA ASP B 159 -8.57 -13.45 -4.64
C ASP B 159 -8.16 -14.92 -4.64
N LEU B 160 -8.09 -15.53 -5.82
CA LEU B 160 -7.67 -16.93 -5.91
C LEU B 160 -6.19 -17.08 -5.55
N VAL B 161 -5.34 -16.26 -6.15
CA VAL B 161 -3.91 -16.37 -5.88
C VAL B 161 -3.62 -16.04 -4.42
N ASP B 162 -4.34 -15.08 -3.85
CA ASP B 162 -4.21 -14.81 -2.42
C ASP B 162 -4.61 -16.04 -1.60
N ASP B 163 -5.70 -16.69 -1.99
CA ASP B 163 -6.11 -17.91 -1.30
C ASP B 163 -5.05 -19.01 -1.45
N VAL B 164 -4.49 -19.15 -2.65
CA VAL B 164 -3.46 -20.15 -2.86
C VAL B 164 -2.17 -19.75 -2.14
N ALA B 165 -1.83 -18.46 -2.17
CA ALA B 165 -0.63 -18.01 -1.48
C ALA B 165 -0.74 -18.22 0.02
N ARG B 166 -1.90 -17.90 0.59
CA ARG B 166 -2.08 -18.08 2.03
C ARG B 166 -2.01 -19.56 2.40
N HIS B 167 -2.61 -20.43 1.59
CA HIS B 167 -2.52 -21.86 1.87
C HIS B 167 -1.07 -22.34 1.83
N LYS B 168 -0.30 -21.88 0.85
CA LYS B 168 1.10 -22.23 0.78
C LYS B 168 1.86 -21.70 2.00
N MET B 169 1.52 -20.49 2.44
CA MET B 169 2.16 -19.92 3.62
C MET B 169 1.92 -20.78 4.85
N ASP B 170 0.67 -21.20 5.05
CA ASP B 170 0.35 -22.00 6.23
C ASP B 170 0.97 -23.39 6.13
N LYS B 171 0.80 -24.06 4.98
CA LYS B 171 1.20 -25.45 4.86
C LYS B 171 2.72 -25.61 4.94
N GLU B 172 3.47 -24.79 4.19
CA GLU B 172 4.89 -24.99 4.06
C GLU B 172 5.67 -24.65 5.32
N ILE B 173 5.07 -23.92 6.26
CA ILE B 173 5.76 -23.50 7.47
C ILE B 173 5.17 -24.08 8.74
N ASN B 174 3.98 -24.68 8.68
CA ASN B 174 3.38 -25.37 9.82
C ASN B 174 3.74 -26.85 9.85
N ASN B 175 4.91 -27.21 9.33
CA ASN B 175 5.37 -28.60 9.35
C ASN B 175 6.10 -28.90 10.66
N ARG B 176 5.34 -28.81 11.75
CA ARG B 176 5.84 -29.06 13.10
C ARG B 176 5.22 -30.36 13.62
N THR B 177 6.07 -31.29 14.03
CA THR B 177 5.65 -32.61 14.44
C THR B 177 6.16 -32.93 15.84
N CYS B 178 5.31 -33.57 16.64
CA CYS B 178 5.64 -33.97 17.99
C CYS B 178 5.20 -35.41 18.21
N GLU B 179 5.95 -36.13 19.06
CA GLU B 179 5.63 -37.52 19.35
C GLU B 179 4.53 -37.60 20.39
N VAL B 180 3.50 -38.41 20.10
CA VAL B 180 2.33 -38.54 20.95
C VAL B 180 2.06 -40.02 21.16
N ILE B 181 1.32 -40.31 22.23
CA ILE B 181 0.89 -41.68 22.53
C ILE B 181 -0.54 -41.85 22.04
N LYS B 182 -0.73 -42.74 21.07
CA LYS B 182 -2.06 -43.19 20.68
C LYS B 182 -2.13 -44.70 20.47
N ASP B 183 -1.01 -45.41 20.62
CA ASP B 183 -0.97 -46.87 20.59
C ASP B 183 0.00 -47.29 21.68
N GLY B 184 0.45 -48.54 21.63
CA GLY B 184 1.36 -49.05 22.65
C GLY B 184 2.66 -48.26 22.76
N ARG B 185 2.99 -47.46 21.75
CA ARG B 185 4.25 -46.73 21.73
C ARG B 185 4.02 -45.33 21.16
N PHE B 186 5.03 -44.48 21.34
CA PHE B 186 5.01 -43.14 20.76
C PHE B 186 5.01 -43.22 19.24
N LYS B 187 4.56 -42.14 18.61
CA LYS B 187 4.63 -42.03 17.16
C LYS B 187 4.50 -40.58 16.77
N VAL B 188 5.19 -40.23 15.67
CA VAL B 188 5.24 -38.84 15.23
C VAL B 188 3.83 -38.34 14.94
N ALA B 189 3.53 -37.14 15.40
CA ALA B 189 2.23 -36.53 15.18
C ALA B 189 2.42 -35.03 14.94
N LYS B 190 1.47 -34.45 14.21
CA LYS B 190 1.53 -33.02 13.95
C LYS B 190 1.18 -32.24 15.22
N TRP B 191 1.49 -30.95 15.21
CA TRP B 191 1.08 -30.10 16.31
C TRP B 191 -0.43 -29.93 16.36
N LYS B 192 -1.12 -30.17 15.24
CA LYS B 192 -2.58 -30.10 15.21
C LYS B 192 -3.23 -31.40 15.65
N GLU B 193 -2.51 -32.51 15.60
CA GLU B 193 -3.02 -33.79 16.12
C GLU B 193 -2.69 -33.93 17.61
N ILE B 194 -3.02 -32.89 18.37
CA ILE B 194 -2.75 -32.84 19.81
C ILE B 194 -4.06 -32.53 20.50
N GLN B 195 -4.51 -33.44 21.35
CA GLN B 195 -5.72 -33.27 22.13
C GLN B 195 -5.35 -32.94 23.57
N VAL B 196 -6.35 -32.47 24.32
CA VAL B 196 -6.13 -32.16 25.73
C VAL B 196 -6.12 -33.47 26.50
N GLY B 197 -4.93 -33.91 26.92
CA GLY B 197 -4.80 -35.10 27.74
C GLY B 197 -4.20 -36.30 27.04
N ASP B 198 -3.25 -36.07 26.14
CA ASP B 198 -2.52 -37.14 25.47
C ASP B 198 -1.05 -37.02 25.84
N VAL B 199 -0.44 -38.13 26.23
CA VAL B 199 0.96 -38.12 26.63
C VAL B 199 1.82 -37.88 25.40
N ILE B 200 2.79 -36.96 25.53
CA ILE B 200 3.67 -36.58 24.44
C ILE B 200 5.11 -36.79 24.88
N ARG B 201 6.04 -36.45 23.99
CA ARG B 201 7.47 -36.53 24.28
C ARG B 201 8.19 -35.48 23.46
N LEU B 202 9.14 -34.80 24.10
CA LEU B 202 9.95 -33.78 23.45
C LEU B 202 11.43 -34.13 23.63
N LYS B 203 12.25 -33.59 22.74
CA LYS B 203 13.70 -33.79 22.77
C LYS B 203 14.39 -32.43 22.95
N LYS B 204 15.72 -32.44 22.88
CA LYS B 204 16.48 -31.21 23.02
C LYS B 204 16.08 -30.21 21.94
N ASN B 205 16.01 -28.94 22.32
CA ASN B 205 15.74 -27.85 21.39
C ASN B 205 14.41 -28.02 20.68
N ASP B 206 13.43 -28.60 21.37
CA ASP B 206 12.09 -28.76 20.84
C ASP B 206 11.18 -27.70 21.43
N PHE B 207 10.43 -27.01 20.57
CA PHE B 207 9.37 -26.15 21.06
C PHE B 207 8.25 -27.00 21.65
N VAL B 208 7.67 -26.51 22.74
CA VAL B 208 6.57 -27.23 23.41
C VAL B 208 5.30 -26.98 22.61
N PRO B 209 4.62 -28.02 22.12
CA PRO B 209 3.45 -27.77 21.27
C PRO B 209 2.25 -27.26 22.04
N ALA B 210 2.14 -27.57 23.32
CA ALA B 210 0.97 -27.19 24.09
C ALA B 210 1.33 -27.20 25.57
N ASP B 211 0.51 -26.52 26.36
CA ASP B 211 0.73 -26.46 27.81
C ASP B 211 0.59 -27.86 28.39
N ILE B 212 1.70 -28.42 28.88
CA ILE B 212 1.74 -29.81 29.34
C ILE B 212 2.11 -29.83 30.82
N LEU B 213 2.08 -31.03 31.39
CA LEU B 213 2.50 -31.27 32.76
C LEU B 213 3.69 -32.23 32.74
N LEU B 214 4.82 -31.80 33.28
CA LEU B 214 5.98 -32.67 33.36
C LEU B 214 5.64 -33.97 34.07
N LEU B 215 5.75 -35.07 33.34
CA LEU B 215 5.55 -36.40 33.90
C LEU B 215 6.86 -37.12 34.21
N SER B 216 7.88 -36.94 33.37
CA SER B 216 9.19 -37.52 33.61
C SER B 216 10.15 -36.87 32.62
N SER B 217 11.45 -37.04 32.90
CA SER B 217 12.48 -36.44 32.07
C SER B 217 13.75 -37.26 32.20
N SER B 218 14.70 -37.00 31.30
CA SER B 218 15.92 -37.79 31.25
C SER B 218 16.79 -37.56 32.48
N GLU B 219 17.04 -36.29 32.83
CA GLU B 219 17.93 -35.97 33.93
C GLU B 219 17.25 -36.26 35.26
N PRO B 220 18.03 -36.44 36.33
CA PRO B 220 17.45 -36.94 37.58
C PRO B 220 16.42 -35.99 38.17
N ASN B 221 15.47 -36.57 38.91
CA ASN B 221 14.37 -35.85 39.54
C ASN B 221 13.39 -35.27 38.53
N SER B 222 13.47 -35.72 37.27
CA SER B 222 12.56 -35.27 36.23
C SER B 222 12.58 -33.75 36.10
N LEU B 223 13.77 -33.17 36.15
CA LEU B 223 13.93 -31.75 35.88
C LEU B 223 13.63 -31.46 34.42
N CYS B 224 13.63 -30.17 34.09
CA CYS B 224 13.55 -29.75 32.71
C CYS B 224 13.90 -28.27 32.61
N TYR B 225 14.86 -27.92 31.78
CA TYR B 225 15.30 -26.55 31.60
C TYR B 225 14.73 -26.02 30.29
N VAL B 226 14.05 -24.88 30.37
CA VAL B 226 13.38 -24.28 29.23
C VAL B 226 13.79 -22.82 29.14
N GLU B 227 14.02 -22.35 27.92
CA GLU B 227 14.22 -20.93 27.67
C GLU B 227 12.89 -20.34 27.21
N THR B 228 12.49 -19.23 27.82
CA THR B 228 11.23 -18.58 27.53
C THR B 228 11.44 -17.28 26.75
N ALA B 229 12.44 -17.28 25.86
CA ALA B 229 12.69 -16.10 25.05
C ALA B 229 11.52 -15.78 24.13
N GLU B 230 10.61 -16.72 23.94
CA GLU B 230 9.44 -16.53 23.10
C GLU B 230 8.17 -16.24 23.91
N LEU B 231 8.08 -16.74 25.14
CA LEU B 231 6.98 -16.35 26.02
C LEU B 231 7.18 -14.97 26.60
N ASP B 232 8.44 -14.62 26.91
CA ASP B 232 8.81 -13.27 27.28
C ASP B 232 10.20 -13.01 26.69
N GLY B 233 10.77 -11.87 27.02
CA GLY B 233 12.09 -11.56 26.51
C GLY B 233 13.23 -12.20 27.27
N GLU B 234 12.93 -13.00 28.27
CA GLU B 234 13.96 -13.51 29.17
C GLU B 234 14.89 -14.45 28.41
N THR B 235 16.20 -14.20 28.55
CA THR B 235 17.22 -14.95 27.83
C THR B 235 17.86 -16.06 28.65
N ASN B 236 17.47 -16.22 29.92
CA ASN B 236 18.04 -17.24 30.78
C ASN B 236 17.11 -18.45 30.85
N LEU B 237 17.68 -19.56 31.30
CA LEU B 237 16.96 -20.83 31.39
C LEU B 237 16.31 -20.97 32.76
N LYS B 238 15.12 -21.56 32.78
CA LYS B 238 14.39 -21.82 34.01
C LYS B 238 14.15 -23.32 34.12
N PHE B 239 14.38 -23.86 35.31
CA PHE B 239 14.19 -25.29 35.54
C PHE B 239 12.75 -25.55 35.97
N LYS B 240 12.20 -26.66 35.49
CA LYS B 240 10.87 -27.11 35.86
C LYS B 240 10.97 -28.50 36.48
N MET B 241 10.12 -28.74 37.47
CA MET B 241 10.11 -29.96 38.24
C MET B 241 8.80 -30.70 38.04
N SER B 242 8.87 -32.02 38.02
CA SER B 242 7.68 -32.85 37.97
C SER B 242 7.29 -33.27 39.39
N LEU B 243 6.11 -33.86 39.52
CA LEU B 243 5.71 -34.39 40.80
C LEU B 243 6.64 -35.52 41.23
N GLU B 244 6.86 -35.62 42.54
CA GLU B 244 7.71 -36.69 43.05
C GLU B 244 7.13 -38.06 42.77
N ILE B 245 5.84 -38.15 42.46
CA ILE B 245 5.19 -39.43 42.17
C ILE B 245 5.27 -39.78 40.70
N THR B 246 5.01 -38.81 39.81
CA THR B 246 5.09 -39.09 38.39
C THR B 246 6.52 -39.33 37.93
N ASP B 247 7.49 -38.75 38.65
CA ASP B 247 8.89 -38.94 38.28
C ASP B 247 9.32 -40.39 38.43
N GLN B 248 8.90 -41.06 39.49
CA GLN B 248 9.39 -42.39 39.82
C GLN B 248 8.50 -43.51 39.30
N TYR B 249 7.46 -43.20 38.53
CA TYR B 249 6.55 -44.23 38.03
C TYR B 249 6.26 -44.12 36.53
N LEU B 250 6.62 -43.03 35.87
CA LEU B 250 6.36 -42.84 34.45
C LEU B 250 7.66 -42.60 33.69
N GLN B 251 8.76 -43.24 34.14
CA GLN B 251 10.02 -43.10 33.42
C GLN B 251 10.01 -43.87 32.10
N ARG B 252 9.50 -45.11 32.13
CA ARG B 252 9.52 -45.95 30.96
C ARG B 252 8.39 -45.57 30.01
N GLU B 253 8.55 -45.95 28.74
CA GLU B 253 7.52 -45.69 27.74
C GLU B 253 6.28 -46.53 28.00
N ASP B 254 6.46 -47.78 28.46
CA ASP B 254 5.32 -48.67 28.62
C ASP B 254 4.32 -48.12 29.62
N THR B 255 4.80 -47.59 30.75
CA THR B 255 3.90 -47.10 31.78
C THR B 255 3.29 -45.75 31.42
N LEU B 256 3.99 -44.95 30.61
CA LEU B 256 3.41 -43.69 30.15
C LEU B 256 2.15 -43.93 29.34
N ALA B 257 2.15 -44.98 28.51
CA ALA B 257 0.96 -45.29 27.72
C ALA B 257 -0.23 -45.63 28.59
N THR B 258 -0.01 -46.41 29.65
CA THR B 258 -1.08 -46.85 30.53
C THR B 258 -1.45 -45.82 31.58
N PHE B 259 -0.76 -44.68 31.61
CA PHE B 259 -1.02 -43.65 32.61
C PHE B 259 -2.44 -43.10 32.47
N ASP B 260 -3.30 -43.39 33.45
CA ASP B 260 -4.66 -42.90 33.48
C ASP B 260 -4.76 -41.89 34.62
N GLY B 261 -4.43 -40.63 34.31
CA GLY B 261 -4.42 -39.57 35.28
C GLY B 261 -5.54 -38.58 35.02
N PHE B 262 -6.08 -38.03 36.11
CA PHE B 262 -7.22 -37.12 36.06
C PHE B 262 -6.79 -35.80 36.68
N ILE B 263 -6.92 -34.71 35.93
CA ILE B 263 -6.45 -33.40 36.35
C ILE B 263 -7.62 -32.43 36.33
N GLU B 264 -7.88 -31.81 37.48
CA GLU B 264 -8.78 -30.66 37.57
C GLU B 264 -7.94 -29.40 37.74
N CYS B 265 -8.21 -28.40 36.93
CA CYS B 265 -7.44 -27.15 36.95
C CYS B 265 -8.33 -26.02 36.45
N GLU B 266 -7.81 -24.80 36.56
CA GLU B 266 -8.59 -23.65 36.16
C GLU B 266 -8.94 -23.74 34.68
N GLU B 267 -9.94 -22.95 34.27
CA GLU B 267 -10.25 -22.84 32.87
C GLU B 267 -9.12 -22.09 32.15
N PRO B 268 -9.00 -22.26 30.84
CA PRO B 268 -7.93 -21.58 30.10
C PRO B 268 -7.90 -20.09 30.40
N ASN B 269 -6.75 -19.62 30.88
CA ASN B 269 -6.54 -18.21 31.21
C ASN B 269 -5.26 -17.76 30.52
N ASN B 270 -5.03 -16.44 30.56
CA ASN B 270 -3.87 -15.84 29.91
C ASN B 270 -2.68 -15.70 30.83
N ARG B 271 -2.80 -16.06 32.10
CA ARG B 271 -1.86 -15.61 33.11
C ARG B 271 -0.81 -16.70 33.30
N LEU B 272 0.43 -16.40 32.90
CA LEU B 272 1.47 -17.38 32.66
C LEU B 272 2.37 -17.63 33.86
N ASP B 273 2.07 -17.05 35.03
CA ASP B 273 2.97 -17.09 36.15
C ASP B 273 2.55 -18.03 37.28
N LYS B 274 1.35 -18.60 37.22
CA LYS B 274 0.99 -19.69 38.11
C LYS B 274 -0.11 -20.53 37.48
N PHE B 275 -0.34 -21.70 38.06
CA PHE B 275 -1.31 -22.66 37.56
C PHE B 275 -1.95 -23.35 38.74
N THR B 276 -3.26 -23.23 38.86
CA THR B 276 -4.03 -23.82 39.96
C THR B 276 -4.68 -25.10 39.47
N GLY B 277 -4.24 -26.22 40.01
CA GLY B 277 -4.80 -27.49 39.59
C GLY B 277 -4.48 -28.59 40.57
N THR B 278 -4.96 -29.79 40.24
CA THR B 278 -4.73 -30.97 41.05
C THR B 278 -4.72 -32.18 40.12
N LEU B 279 -3.88 -33.16 40.46
CA LEU B 279 -3.78 -34.40 39.70
C LEU B 279 -4.26 -35.54 40.59
N PHE B 280 -5.29 -36.24 40.13
CA PHE B 280 -5.86 -37.38 40.86
C PHE B 280 -5.36 -38.65 40.20
N TRP B 281 -4.49 -39.38 40.89
CA TRP B 281 -3.89 -40.59 40.35
C TRP B 281 -3.51 -41.52 41.49
N ARG B 282 -3.70 -42.82 41.28
CA ARG B 282 -3.41 -43.83 42.29
C ARG B 282 -4.18 -43.56 43.58
N ASN B 283 -5.43 -43.12 43.43
CA ASN B 283 -6.30 -42.84 44.57
C ASN B 283 -5.68 -41.80 45.51
N THR B 284 -5.03 -40.80 44.93
CA THR B 284 -4.41 -39.74 45.70
C THR B 284 -4.50 -38.44 44.93
N SER B 285 -4.49 -37.33 45.65
CA SER B 285 -4.58 -35.99 45.07
C SER B 285 -3.23 -35.31 45.17
N PHE B 286 -2.74 -34.81 44.04
CA PHE B 286 -1.43 -34.16 43.96
C PHE B 286 -1.60 -32.73 43.44
N PRO B 287 -1.46 -31.70 44.28
CA PRO B 287 -1.62 -30.34 43.76
C PRO B 287 -0.53 -29.96 42.77
N LEU B 288 -0.85 -29.02 41.90
CA LEU B 288 0.04 -28.61 40.82
C LEU B 288 0.34 -27.12 40.90
N ASP B 289 1.50 -26.73 40.38
CA ASP B 289 1.92 -25.34 40.30
C ASP B 289 2.58 -25.12 38.94
N ALA B 290 2.84 -23.85 38.63
CA ALA B 290 3.44 -23.51 37.34
C ALA B 290 4.82 -24.10 37.16
N ASP B 291 5.49 -24.49 38.26
CA ASP B 291 6.80 -25.10 38.16
C ASP B 291 6.75 -26.49 37.54
N LYS B 292 5.56 -27.04 37.34
CA LYS B 292 5.38 -28.34 36.70
C LYS B 292 4.80 -28.24 35.30
N ILE B 293 4.49 -27.03 34.83
CA ILE B 293 3.77 -26.82 33.58
C ILE B 293 4.74 -26.19 32.59
N LEU B 294 4.95 -26.85 31.45
CA LEU B 294 5.69 -26.27 30.34
C LEU B 294 4.71 -25.64 29.38
N LEU B 295 4.95 -24.38 29.02
CA LEU B 295 4.05 -23.62 28.17
C LEU B 295 4.48 -23.74 26.70
N ARG B 296 3.57 -23.35 25.82
CA ARG B 296 3.74 -23.61 24.39
C ARG B 296 4.97 -22.91 23.83
N GLY B 297 5.19 -21.65 24.21
CA GLY B 297 6.31 -20.90 23.67
C GLY B 297 7.67 -21.33 24.19
N CYS B 298 7.71 -22.27 25.14
CA CYS B 298 8.98 -22.73 25.68
C CYS B 298 9.76 -23.52 24.64
N VAL B 299 11.07 -23.61 24.86
CA VAL B 299 11.95 -24.49 24.11
C VAL B 299 12.74 -25.31 25.10
N ILE B 300 12.71 -26.63 24.94
CA ILE B 300 13.47 -27.51 25.82
C ILE B 300 14.96 -27.33 25.56
N ARG B 301 15.72 -27.08 26.62
CA ARG B 301 17.15 -26.88 26.54
C ARG B 301 17.85 -27.79 27.54
N ASN B 302 19.00 -28.32 27.14
CA ASN B 302 19.87 -29.08 28.04
C ASN B 302 19.14 -30.29 28.65
N THR B 303 18.16 -30.83 27.93
CA THR B 303 17.41 -32.00 28.39
C THR B 303 17.24 -32.94 27.21
N ASP B 304 17.77 -34.17 27.34
CA ASP B 304 17.71 -35.12 26.24
C ASP B 304 16.28 -35.38 25.82
N PHE B 305 15.40 -35.67 26.78
CA PHE B 305 14.00 -35.92 26.46
C PHE B 305 13.17 -35.68 27.71
N CYS B 306 11.95 -35.16 27.51
CA CYS B 306 11.00 -34.97 28.59
C CYS B 306 9.61 -35.35 28.12
N HIS B 307 8.86 -36.02 28.98
CA HIS B 307 7.50 -36.46 28.69
C HIS B 307 6.51 -35.61 29.45
N GLY B 308 5.43 -35.21 28.78
CA GLY B 308 4.42 -34.39 29.40
C GLY B 308 3.03 -34.83 29.00
N LEU B 309 2.05 -34.36 29.78
CA LEU B 309 0.63 -34.61 29.53
C LEU B 309 -0.02 -33.28 29.17
N VAL B 310 -0.64 -33.22 27.99
CA VAL B 310 -1.19 -31.97 27.50
C VAL B 310 -2.37 -31.55 28.36
N ILE B 311 -2.32 -30.32 28.86
CA ILE B 311 -3.39 -29.76 29.70
C ILE B 311 -4.30 -28.92 28.82
N PHE B 312 -3.71 -27.92 28.16
CA PHE B 312 -4.40 -27.11 27.17
C PHE B 312 -3.77 -27.35 25.81
N ALA B 313 -4.49 -26.97 24.76
CA ALA B 313 -4.01 -27.15 23.39
C ALA B 313 -4.57 -26.05 22.51
N GLY B 314 -3.84 -25.75 21.44
CA GLY B 314 -4.30 -24.76 20.49
C GLY B 314 -4.53 -23.41 21.15
N ALA B 315 -5.68 -22.82 20.84
CA ALA B 315 -6.01 -21.49 21.37
C ALA B 315 -6.24 -21.49 22.87
N ASP B 316 -6.36 -22.66 23.50
CA ASP B 316 -6.50 -22.73 24.94
C ASP B 316 -5.19 -22.56 25.69
N THR B 317 -4.06 -22.65 24.99
CA THR B 317 -2.78 -22.44 25.64
C THR B 317 -2.66 -21.00 26.13
N LYS B 318 -1.98 -20.84 27.28
CA LYS B 318 -1.91 -19.54 27.92
C LYS B 318 -1.26 -18.50 27.03
N ILE B 319 -0.44 -18.90 26.06
CA ILE B 319 0.21 -17.92 25.21
C ILE B 319 -0.73 -17.44 24.12
N MET B 320 -1.58 -18.33 23.60
CA MET B 320 -2.58 -17.91 22.63
C MET B 320 -3.66 -17.03 23.26
N LYS B 321 -3.97 -17.27 24.53
CA LYS B 321 -4.87 -16.36 25.23
C LYS B 321 -4.27 -14.96 25.34
N ASN B 322 -2.95 -14.87 25.33
CA ASN B 322 -2.28 -13.57 25.34
C ASN B 322 -2.19 -12.96 23.96
N SER B 323 -2.37 -13.76 22.90
CA SER B 323 -2.48 -13.21 21.57
C SER B 323 -3.78 -12.43 21.43
N GLY B 324 -3.71 -11.28 20.79
CA GLY B 324 -4.88 -10.42 20.70
C GLY B 324 -5.97 -11.01 19.83
N LYS B 325 -6.87 -10.17 19.34
CA LYS B 325 -7.89 -10.56 18.40
C LYS B 325 -7.51 -10.05 17.01
N THR B 326 -7.51 -10.93 16.03
CA THR B 326 -7.22 -10.52 14.67
C THR B 326 -8.26 -9.53 14.18
N ARG B 327 -7.80 -8.43 13.61
CA ARG B 327 -8.65 -7.40 13.07
C ARG B 327 -8.35 -7.22 11.59
N PHE B 328 -9.35 -6.73 10.85
CA PHE B 328 -9.20 -6.51 9.42
C PHE B 328 -8.53 -5.15 9.22
N LYS B 329 -7.25 -5.18 8.86
CA LYS B 329 -6.45 -3.96 8.76
C LYS B 329 -6.74 -3.25 7.45
N ARG B 330 -6.92 -1.93 7.53
CA ARG B 330 -7.16 -1.09 6.37
C ARG B 330 -6.22 0.10 6.39
N THR B 331 -5.87 0.57 5.19
CA THR B 331 -4.88 1.62 5.05
C THR B 331 -5.55 3.00 5.21
N LYS B 332 -4.72 4.01 5.49
CA LYS B 332 -5.24 5.37 5.63
C LYS B 332 -5.86 5.86 4.33
N ILE B 333 -5.38 5.37 3.19
CA ILE B 333 -5.96 5.72 1.90
C ILE B 333 -7.16 4.82 1.56
N ASP B 334 -7.23 3.62 2.12
CA ASP B 334 -8.41 2.80 1.92
C ASP B 334 -9.66 3.52 2.41
N TYR B 335 -9.59 4.10 3.61
CA TYR B 335 -10.69 4.90 4.11
C TYR B 335 -10.92 6.13 3.25
N LEU B 336 -9.83 6.75 2.78
CA LEU B 336 -9.94 7.95 1.97
C LEU B 336 -10.72 7.67 0.69
N MET B 337 -10.34 6.60 -0.03
CA MET B 337 -10.99 6.32 -1.31
C MET B 337 -12.50 6.13 -1.15
N ASN B 338 -12.95 5.58 -0.03
CA ASN B 338 -14.38 5.45 0.19
C ASN B 338 -15.05 6.83 0.25
N TYR B 339 -14.42 7.78 0.94
CA TYR B 339 -14.96 9.12 1.02
C TYR B 339 -15.00 9.80 -0.34
N MET B 340 -13.98 9.53 -1.17
CA MET B 340 -13.92 10.13 -2.50
C MET B 340 -14.95 9.50 -3.43
N VAL B 341 -15.19 8.19 -3.31
CA VAL B 341 -16.24 7.57 -4.10
C VAL B 341 -17.60 8.15 -3.72
N TYR B 342 -17.80 8.48 -2.45
CA TYR B 342 -19.05 9.13 -2.04
C TYR B 342 -19.11 10.57 -2.50
N THR B 343 -17.97 11.23 -2.67
CA THR B 343 -17.96 12.60 -3.15
C THR B 343 -18.32 12.67 -4.63
N ILE B 344 -17.78 11.74 -5.43
CA ILE B 344 -18.12 11.70 -6.85
C ILE B 344 -19.57 11.30 -7.03
N PHE B 345 -20.09 10.44 -6.14
CA PHE B 345 -21.50 10.09 -6.19
C PHE B 345 -22.37 11.32 -5.95
N VAL B 346 -22.02 12.12 -4.94
CA VAL B 346 -22.79 13.33 -4.65
C VAL B 346 -22.72 14.29 -5.83
N VAL B 347 -21.51 14.45 -6.40
CA VAL B 347 -21.37 15.31 -7.57
C VAL B 347 -22.21 14.79 -8.73
N LEU B 348 -22.22 13.47 -8.92
CA LEU B 348 -22.99 12.89 -10.01
C LEU B 348 -24.49 13.13 -9.84
N ILE B 349 -25.00 12.97 -8.62
CA ILE B 349 -26.41 13.25 -8.39
C ILE B 349 -26.72 14.72 -8.66
N LEU B 350 -25.83 15.62 -8.23
CA LEU B 350 -26.09 17.05 -8.40
C LEU B 350 -25.99 17.48 -9.86
N LEU B 351 -25.02 16.94 -10.59
CA LEU B 351 -24.91 17.28 -12.01
C LEU B 351 -26.09 16.74 -12.80
N SER B 352 -26.50 15.50 -12.51
CA SER B 352 -27.64 14.92 -13.20
C SER B 352 -28.92 15.70 -12.89
N ALA B 353 -29.09 16.13 -11.64
CA ALA B 353 -30.30 16.86 -11.27
C ALA B 353 -30.35 18.22 -11.94
N GLY B 354 -29.21 18.89 -12.05
CA GLY B 354 -29.17 20.15 -12.78
C GLY B 354 -29.42 19.97 -14.26
N LEU B 355 -28.81 18.94 -14.87
CA LEU B 355 -29.05 18.66 -16.27
C LEU B 355 -30.48 18.22 -16.50
N ALA B 356 -31.04 17.44 -15.57
CA ALA B 356 -32.44 17.06 -15.66
C ALA B 356 -33.35 18.28 -15.58
N ILE B 357 -32.99 19.25 -14.73
CA ILE B 357 -33.76 20.48 -14.67
C ILE B 357 -33.67 21.24 -15.99
N GLY B 358 -32.47 21.30 -16.57
CA GLY B 358 -32.31 21.99 -17.84
C GLY B 358 -33.14 21.37 -18.95
N HIS B 359 -33.17 20.04 -19.00
CA HIS B 359 -33.98 19.35 -20.00
C HIS B 359 -35.47 19.63 -19.81
N ALA B 360 -35.93 19.64 -18.56
CA ALA B 360 -37.32 19.99 -18.30
C ALA B 360 -37.64 21.38 -18.82
N TYR B 361 -36.69 22.30 -18.68
CA TYR B 361 -36.87 23.65 -19.21
C TYR B 361 -36.73 23.66 -20.73
N TRP B 362 -35.78 22.91 -21.27
CA TRP B 362 -35.59 22.88 -22.71
C TRP B 362 -36.82 22.31 -23.42
N GLU B 363 -37.41 21.26 -22.86
CA GLU B 363 -38.60 20.68 -23.45
C GLU B 363 -39.80 21.60 -23.39
N ALA B 364 -39.74 22.68 -22.61
CA ALA B 364 -40.87 23.59 -22.48
C ALA B 364 -40.97 24.53 -23.69
N GLN B 365 -39.97 25.37 -23.89
CA GLN B 365 -40.02 26.39 -24.93
C GLN B 365 -39.33 25.98 -26.22
N VAL B 366 -38.72 24.80 -26.30
CA VAL B 366 -38.08 24.34 -27.54
C VAL B 366 -38.64 22.97 -27.92
N GLY B 367 -38.52 22.00 -27.02
CA GLY B 367 -38.81 20.63 -27.39
C GLY B 367 -40.25 20.41 -27.79
N ASN B 368 -41.18 21.10 -27.14
CA ASN B 368 -42.60 20.94 -27.45
C ASN B 368 -42.99 21.62 -28.75
N SER B 369 -42.23 22.64 -29.18
CA SER B 369 -42.49 23.27 -30.47
C SER B 369 -41.85 22.53 -31.62
N SER B 370 -40.94 21.60 -31.36
CA SER B 370 -40.22 20.88 -32.40
C SER B 370 -41.10 19.74 -32.90
N TRP B 371 -41.64 19.90 -34.11
CA TRP B 371 -42.50 18.86 -34.66
C TRP B 371 -41.72 17.57 -34.91
N TYR B 372 -40.46 17.70 -35.34
CA TYR B 372 -39.64 16.52 -35.61
C TYR B 372 -39.30 15.77 -34.33
N LEU B 373 -39.31 16.42 -33.18
CA LEU B 373 -39.11 15.76 -31.90
C LEU B 373 -40.44 15.37 -31.26
N TYR B 374 -41.28 14.68 -32.01
CA TYR B 374 -42.57 14.19 -31.54
C TYR B 374 -42.47 12.68 -31.40
N ASP B 375 -42.74 12.17 -30.19
CA ASP B 375 -42.61 10.75 -29.90
C ASP B 375 -43.93 10.10 -29.54
N GLY B 376 -45.06 10.79 -29.74
CA GLY B 376 -46.35 10.20 -29.45
C GLY B 376 -46.54 9.81 -28.00
N GLU B 377 -45.75 10.37 -27.10
CA GLU B 377 -45.85 10.10 -25.67
C GLU B 377 -46.26 11.38 -24.97
N ASP B 378 -47.44 11.35 -24.33
CA ASP B 378 -47.95 12.52 -23.61
C ASP B 378 -47.20 12.65 -22.28
N ASP B 379 -45.93 13.06 -22.40
CA ASP B 379 -45.07 13.27 -21.25
C ASP B 379 -44.93 14.77 -21.00
N THR B 380 -45.25 15.19 -19.79
CA THR B 380 -45.12 16.61 -19.45
C THR B 380 -43.64 16.97 -19.34
N PRO B 381 -43.30 18.26 -19.54
CA PRO B 381 -41.88 18.64 -19.51
C PRO B 381 -41.17 18.27 -18.22
N SER B 382 -41.86 18.40 -17.08
CA SER B 382 -41.24 18.02 -15.81
C SER B 382 -41.09 16.51 -15.68
N TYR B 383 -42.00 15.74 -16.28
CA TYR B 383 -41.85 14.30 -16.30
C TYR B 383 -40.66 13.88 -17.16
N ARG B 384 -40.45 14.57 -18.27
CA ARG B 384 -39.28 14.29 -19.11
C ARG B 384 -37.99 14.62 -18.37
N GLY B 385 -37.99 15.69 -17.60
CA GLY B 385 -36.82 16.02 -16.79
C GLY B 385 -36.58 15.01 -15.68
N PHE B 386 -37.65 14.56 -15.02
CA PHE B 386 -37.50 13.48 -14.06
C PHE B 386 -37.00 12.22 -14.76
N LEU B 387 -37.53 11.94 -15.94
CA LEU B 387 -37.23 10.72 -16.66
C LEU B 387 -35.81 10.74 -17.24
N ILE B 388 -35.24 11.92 -17.48
CA ILE B 388 -33.87 12.03 -18.00
C ILE B 388 -32.85 12.11 -16.87
N PHE B 389 -33.28 12.39 -15.64
CA PHE B 389 -32.35 12.35 -14.51
C PHE B 389 -31.70 10.98 -14.39
N TRP B 390 -32.48 9.92 -14.56
CA TRP B 390 -31.91 8.58 -14.60
C TRP B 390 -31.11 8.34 -15.87
N GLY B 391 -31.40 9.08 -16.93
CA GLY B 391 -30.59 8.99 -18.13
C GLY B 391 -29.20 9.55 -17.94
N TYR B 392 -29.08 10.65 -17.20
CA TYR B 392 -27.78 11.23 -16.94
C TYR B 392 -27.02 10.53 -15.83
N ILE B 393 -27.73 9.85 -14.93
CA ILE B 393 -27.05 8.93 -14.01
C ILE B 393 -26.34 7.85 -14.81
N ILE B 394 -27.00 7.33 -15.84
CA ILE B 394 -26.41 6.30 -16.69
C ILE B 394 -25.29 6.89 -17.54
N VAL B 395 -25.54 8.04 -18.16
CA VAL B 395 -24.53 8.62 -19.06
C VAL B 395 -23.29 9.01 -18.27
N LEU B 396 -23.48 9.65 -17.12
CA LEU B 396 -22.37 10.11 -16.30
C LEU B 396 -21.93 9.08 -15.27
N ASN B 397 -22.31 7.81 -15.44
CA ASN B 397 -21.98 6.81 -14.43
C ASN B 397 -20.49 6.55 -14.37
N THR B 398 -19.78 6.71 -15.48
CA THR B 398 -18.35 6.49 -15.53
C THR B 398 -17.57 7.51 -14.72
N MET B 399 -18.23 8.50 -14.12
CA MET B 399 -17.58 9.39 -13.17
C MET B 399 -17.00 8.60 -12.00
N VAL B 400 -17.82 7.77 -11.38
CA VAL B 400 -17.32 6.86 -10.35
C VAL B 400 -16.64 5.67 -11.04
N PRO B 401 -15.39 5.37 -10.72
CA PRO B 401 -14.66 4.37 -11.51
C PRO B 401 -15.24 2.97 -11.33
N ILE B 402 -15.11 2.18 -12.40
CA ILE B 402 -15.45 0.76 -12.35
C ILE B 402 -14.23 -0.13 -12.18
N SER B 403 -13.03 0.44 -12.30
CA SER B 403 -11.78 -0.33 -12.17
C SER B 403 -10.88 0.24 -11.07
N LEU B 404 -11.41 1.08 -10.19
CA LEU B 404 -10.59 1.66 -9.13
C LEU B 404 -10.09 0.59 -8.17
N TYR B 405 -10.96 -0.34 -7.78
CA TYR B 405 -10.58 -1.33 -6.76
C TYR B 405 -9.63 -2.37 -7.34
N VAL B 406 -9.91 -2.88 -8.53
CA VAL B 406 -8.99 -3.84 -9.16
C VAL B 406 -7.64 -3.18 -9.40
N SER B 407 -7.64 -1.93 -9.85
CA SER B 407 -6.39 -1.25 -10.12
C SER B 407 -5.58 -1.05 -8.84
N VAL B 408 -6.25 -0.74 -7.73
CA VAL B 408 -5.55 -0.51 -6.48
C VAL B 408 -4.95 -1.81 -5.96
N GLU B 409 -5.71 -2.91 -6.01
CA GLU B 409 -5.24 -4.17 -5.47
C GLU B 409 -4.32 -4.91 -6.43
N VAL B 410 -4.42 -4.67 -7.73
CA VAL B 410 -3.42 -5.20 -8.65
C VAL B 410 -2.09 -4.49 -8.44
N ILE B 411 -2.12 -3.20 -8.14
CA ILE B 411 -0.89 -2.46 -7.89
C ILE B 411 -0.25 -2.92 -6.59
N ARG B 412 -1.07 -3.10 -5.54
CA ARG B 412 -0.52 -3.58 -4.27
C ARG B 412 0.00 -5.01 -4.38
N LEU B 413 -0.67 -5.84 -5.18
CA LEU B 413 -0.20 -7.21 -5.36
C LEU B 413 1.18 -7.23 -6.00
N GLY B 414 1.40 -6.39 -7.01
CA GLY B 414 2.73 -6.31 -7.61
C GLY B 414 3.75 -5.68 -6.67
N GLN B 415 3.34 -4.64 -5.96
CA GLN B 415 4.23 -4.01 -4.98
C GLN B 415 4.60 -4.97 -3.86
N SER B 416 3.69 -5.88 -3.50
CA SER B 416 3.98 -6.86 -2.47
C SER B 416 4.93 -7.94 -2.97
N HIS B 417 5.00 -8.15 -4.29
CA HIS B 417 5.91 -9.13 -4.84
C HIS B 417 7.33 -8.59 -4.94
N PHE B 418 7.48 -7.27 -5.04
CA PHE B 418 8.82 -6.68 -5.02
C PHE B 418 9.46 -6.84 -3.66
N ILE B 419 8.66 -6.91 -2.59
CA ILE B 419 9.19 -7.22 -1.27
C ILE B 419 9.63 -8.68 -1.21
N ASN B 420 8.80 -9.59 -1.74
CA ASN B 420 9.17 -11.00 -1.76
C ASN B 420 10.37 -11.27 -2.64
N TRP B 421 10.67 -10.38 -3.59
CA TRP B 421 11.77 -10.59 -4.52
C TRP B 421 13.04 -9.85 -4.14
N ASP B 422 12.94 -8.82 -3.31
CA ASP B 422 14.09 -8.01 -2.95
C ASP B 422 15.22 -8.88 -2.43
N LEU B 423 16.34 -8.86 -3.15
CA LEU B 423 17.55 -9.55 -2.72
C LEU B 423 18.31 -8.80 -1.64
N GLN B 424 17.98 -7.53 -1.42
CA GLN B 424 18.55 -6.76 -0.34
C GLN B 424 17.82 -6.97 0.98
N MET B 425 16.67 -7.64 0.95
CA MET B 425 15.97 -8.10 2.15
C MET B 425 15.97 -9.61 2.26
N TYR B 426 16.90 -10.28 1.59
CA TYR B 426 17.03 -11.72 1.63
C TYR B 426 18.19 -12.08 2.55
N TYR B 427 17.93 -12.93 3.53
CA TYR B 427 18.93 -13.35 4.50
C TYR B 427 19.48 -14.69 4.05
N ALA B 428 20.69 -14.68 3.51
CA ALA B 428 21.27 -15.90 2.94
C ALA B 428 21.70 -16.87 4.03
N GLU B 429 21.98 -16.37 5.24
CA GLU B 429 22.45 -17.24 6.31
C GLU B 429 21.40 -18.28 6.67
N LYS B 430 20.15 -17.85 6.80
CA LYS B 430 19.04 -18.75 7.07
C LYS B 430 18.18 -19.03 5.83
N ASP B 431 18.61 -18.54 4.66
CA ASP B 431 17.87 -18.77 3.42
C ASP B 431 16.45 -18.22 3.50
N THR B 432 16.31 -17.04 4.10
CA THR B 432 15.00 -16.46 4.38
C THR B 432 14.80 -15.18 3.59
N PRO B 433 13.94 -15.17 2.56
CA PRO B 433 13.58 -13.90 1.92
C PRO B 433 12.47 -13.18 2.68
N ALA B 434 12.33 -11.90 2.39
CA ALA B 434 11.22 -11.15 2.91
C ALA B 434 9.92 -11.70 2.34
N LYS B 435 8.84 -11.54 3.09
CA LYS B 435 7.54 -12.08 2.70
C LYS B 435 6.48 -11.02 2.97
N ALA B 436 5.89 -10.50 1.89
CA ALA B 436 4.69 -9.67 2.01
C ALA B 436 3.51 -10.61 2.09
N ARG B 437 3.19 -11.02 3.31
CA ARG B 437 2.12 -11.99 3.54
C ARG B 437 0.75 -11.34 3.66
N THR B 438 0.66 -10.01 3.53
CA THR B 438 -0.59 -9.32 3.26
C THR B 438 -0.36 -8.43 2.05
N THR B 439 -1.13 -8.65 0.99
CA THR B 439 -0.98 -7.90 -0.25
C THR B 439 -1.89 -6.68 -0.31
N THR B 440 -2.29 -6.15 0.86
CA THR B 440 -3.27 -5.07 0.92
C THR B 440 -2.82 -3.86 1.72
N LEU B 441 -1.72 -3.94 2.46
CA LEU B 441 -1.25 -2.85 3.30
C LEU B 441 0.16 -2.49 2.81
N ASN B 442 0.24 -1.66 1.78
CA ASN B 442 1.51 -1.37 1.13
C ASN B 442 1.90 0.09 1.21
N GLU B 443 1.03 1.00 0.78
CA GLU B 443 1.34 2.41 0.89
C GLU B 443 1.44 2.87 2.34
N GLN B 444 0.86 2.11 3.27
CA GLN B 444 0.99 2.44 4.69
C GLN B 444 2.42 2.25 5.19
N LEU B 445 3.21 1.41 4.52
CA LEU B 445 4.62 1.30 4.87
C LEU B 445 5.38 2.60 4.66
N GLY B 446 4.87 3.48 3.81
CA GLY B 446 5.44 4.79 3.57
C GLY B 446 4.86 5.88 4.44
N GLN B 447 4.10 5.53 5.48
CA GLN B 447 3.45 6.50 6.34
C GLN B 447 3.69 6.23 7.82
N ILE B 448 4.62 5.34 8.16
CA ILE B 448 4.83 4.95 9.54
C ILE B 448 5.31 6.13 10.37
N HIS B 449 4.72 6.31 11.55
CA HIS B 449 5.12 7.33 12.50
C HIS B 449 5.94 6.78 13.66
N TYR B 450 5.51 5.65 14.22
CA TYR B 450 6.15 5.04 15.38
C TYR B 450 6.42 3.57 15.10
N ILE B 451 7.59 3.11 15.51
CA ILE B 451 7.94 1.69 15.46
C ILE B 451 8.02 1.19 16.89
N PHE B 452 7.33 0.09 17.17
CA PHE B 452 7.35 -0.57 18.47
C PHE B 452 8.08 -1.89 18.30
N SER B 453 9.30 -1.95 18.79
CA SER B 453 10.16 -3.10 18.55
C SER B 453 10.28 -3.99 19.77
N PHD B 454 10.45 -5.29 19.53
CA PHD B 454 10.83 -6.23 20.54
C PHD B 454 12.33 -6.12 20.70
O PHD B 454 13.02 -5.58 19.79
CB PHD B 454 10.39 -7.64 20.15
CG PHD B 454 10.84 -8.65 21.18
OD1 PHD B 454 10.75 -8.30 22.54
OD2 PHD B 454 11.25 -9.71 20.83
P PHD B 454 11.04 -9.40 23.72
OP1 PHD B 454 12.20 -8.90 24.55
OP2 PHD B 454 9.83 -9.53 24.60
OP3 PHD B 454 11.38 -10.74 23.13
N LYS B 455 12.88 -6.61 21.81
CA LYS B 455 14.32 -6.60 22.03
C LYS B 455 14.91 -7.98 21.76
N THR B 456 14.59 -8.95 22.63
CA THR B 456 15.18 -10.27 22.55
C THR B 456 14.83 -10.96 21.24
N GLY B 457 15.83 -11.17 20.38
CA GLY B 457 15.63 -11.83 19.11
C GLY B 457 15.31 -10.91 17.95
N THR B 458 14.97 -9.65 18.23
CA THR B 458 14.66 -8.67 17.20
C THR B 458 15.75 -7.63 17.04
N LEU B 459 16.19 -7.01 18.14
CA LEU B 459 17.34 -6.13 18.13
C LEU B 459 18.63 -6.87 18.48
N THR B 460 18.55 -8.14 18.85
CA THR B 460 19.69 -8.88 19.37
C THR B 460 19.78 -10.25 18.70
N GLN B 461 20.95 -10.86 18.80
CA GLN B 461 21.19 -12.20 18.28
C GLN B 461 21.09 -13.28 19.35
N ASN B 462 20.79 -12.90 20.59
CA ASN B 462 20.78 -13.85 21.71
C ASN B 462 22.17 -14.48 21.90
N ILE B 463 23.20 -13.67 21.71
CA ILE B 463 24.58 -14.08 21.89
C ILE B 463 25.24 -13.09 22.84
N MET B 464 25.92 -13.61 23.86
CA MET B 464 26.69 -12.79 24.79
C MET B 464 28.14 -13.27 24.79
N THR B 465 29.08 -12.33 24.67
CA THR B 465 30.49 -12.65 24.60
C THR B 465 31.27 -11.79 25.60
N PHE B 466 32.26 -12.40 26.23
CA PHE B 466 33.18 -11.69 27.11
C PHE B 466 34.13 -10.86 26.26
N LYS B 467 34.12 -9.53 26.46
CA LYS B 467 34.89 -8.62 25.64
C LYS B 467 36.11 -8.06 26.36
N LYS B 468 35.91 -7.44 27.53
CA LYS B 468 36.98 -6.73 28.21
C LYS B 468 36.95 -7.07 29.69
N CYS B 469 38.01 -6.68 30.39
CA CYS B 469 38.09 -6.88 31.82
C CYS B 469 39.15 -5.94 32.39
N CYS B 470 38.92 -5.51 33.62
CA CYS B 470 39.87 -4.69 34.37
C CYS B 470 40.40 -5.52 35.53
N ILE B 471 41.72 -5.65 35.62
CA ILE B 471 42.36 -6.43 36.68
C ILE B 471 43.46 -5.56 37.29
N ASN B 472 43.34 -5.30 38.59
CA ASN B 472 44.29 -4.44 39.30
C ASN B 472 44.37 -3.06 38.65
N GLY B 473 43.27 -2.59 38.09
CA GLY B 473 43.24 -1.30 37.43
C GLY B 473 43.76 -1.29 36.02
N GLN B 474 44.22 -2.43 35.50
CA GLN B 474 44.71 -2.54 34.13
C GLN B 474 43.60 -3.17 33.28
N ILE B 475 43.14 -2.41 32.28
CA ILE B 475 42.10 -2.89 31.40
C ILE B 475 42.70 -3.79 30.33
N TYR B 476 42.13 -4.97 30.16
CA TYR B 476 42.55 -5.91 29.13
C TYR B 476 41.41 -6.13 28.15
N GLY B 477 41.75 -6.18 26.87
CA GLY B 477 40.75 -6.34 25.83
C GLY B 477 41.06 -5.51 24.60
N ASP B 478 41.91 -4.50 24.77
CA ASP B 478 42.33 -3.67 23.64
C ASP B 478 43.23 -4.46 22.71
N HIS B 479 43.30 -4.01 21.46
CA HIS B 479 44.18 -4.64 20.48
C HIS B 479 45.63 -4.36 20.87
N ARG B 480 46.30 -5.37 21.39
CA ARG B 480 47.67 -5.24 21.87
C ARG B 480 48.46 -6.47 21.46
N ASP B 481 49.77 -6.30 21.38
CA ASP B 481 50.69 -7.38 21.07
C ASP B 481 51.86 -7.36 22.05
N ALA B 482 52.37 -8.55 22.36
CA ALA B 482 53.54 -8.70 23.24
C ALA B 482 53.22 -7.99 24.55
N SER B 483 54.14 -7.21 25.11
CA SER B 483 53.94 -6.52 26.39
C SER B 483 53.77 -5.02 26.22
N GLN B 484 53.55 -4.54 25.00
CA GLN B 484 53.37 -3.11 24.76
C GLN B 484 52.53 -2.92 23.51
N HIS B 485 51.82 -1.80 23.46
CA HIS B 485 51.00 -1.49 22.30
C HIS B 485 51.88 -1.22 21.09
N ASN B 486 51.59 -1.91 19.98
CA ASN B 486 52.36 -1.76 18.75
C ASN B 486 51.51 -1.23 17.60
N HIS B 487 50.37 -1.86 17.31
CA HIS B 487 49.56 -1.47 16.17
C HIS B 487 48.11 -1.87 16.43
N ASN B 488 47.19 -1.22 15.70
CA ASN B 488 45.78 -1.55 15.83
C ASN B 488 45.45 -2.87 15.15
N LYS B 489 46.03 -3.12 13.98
CA LYS B 489 45.79 -4.36 13.25
C LYS B 489 46.52 -5.49 13.95
N ILE B 490 45.79 -6.27 14.72
CA ILE B 490 46.34 -7.37 15.52
C ILE B 490 45.58 -8.64 15.18
N GLU B 491 46.33 -9.74 15.03
CA GLU B 491 45.73 -11.02 14.72
C GLU B 491 45.13 -11.65 15.98
N GLN B 492 44.25 -12.61 15.77
CA GLN B 492 43.56 -13.24 16.88
C GLN B 492 44.55 -13.95 17.81
N VAL B 493 44.27 -13.88 19.11
CA VAL B 493 45.14 -14.52 20.08
C VAL B 493 45.19 -16.03 19.82
N ASP B 494 46.36 -16.61 20.02
CA ASP B 494 46.56 -18.04 19.82
C ASP B 494 46.29 -18.76 21.13
N PHE B 495 45.25 -19.59 21.15
CA PHE B 495 44.89 -20.39 22.32
C PHE B 495 45.32 -21.85 22.17
N SER B 496 46.26 -22.13 21.28
CA SER B 496 46.73 -23.50 21.10
C SER B 496 47.42 -24.03 22.35
N TRP B 497 48.07 -23.15 23.12
CA TRP B 497 48.74 -23.59 24.34
C TRP B 497 47.76 -24.13 25.37
N ASN B 498 46.47 -23.82 25.22
CA ASN B 498 45.45 -24.29 26.15
C ASN B 498 44.76 -25.52 25.58
N THR B 499 44.69 -26.58 26.40
CA THR B 499 44.09 -27.83 25.94
C THR B 499 42.59 -27.68 25.73
N TYR B 500 41.89 -27.11 26.72
CA TYR B 500 40.44 -27.04 26.67
C TYR B 500 39.93 -25.88 25.82
N ALA B 501 40.77 -24.91 25.49
CA ALA B 501 40.31 -23.74 24.77
C ALA B 501 39.82 -24.13 23.37
N ASP B 502 38.86 -23.35 22.88
CA ASP B 502 38.34 -23.48 21.52
C ASP B 502 38.32 -22.10 20.88
N GLY B 503 37.84 -22.04 19.64
CA GLY B 503 37.80 -20.79 18.90
C GLY B 503 36.61 -19.91 19.20
N LYS B 504 35.77 -20.28 20.16
CA LYS B 504 34.57 -19.50 20.43
C LYS B 504 34.90 -18.10 20.94
N LEU B 505 36.07 -17.92 21.55
CA LEU B 505 36.47 -16.65 22.13
C LEU B 505 37.34 -15.90 21.12
N ALA B 506 36.78 -14.84 20.52
CA ALA B 506 37.50 -14.00 19.59
C ALA B 506 38.10 -12.84 20.37
N PHE B 507 39.29 -13.06 20.91
CA PHE B 507 39.98 -12.10 21.77
C PHE B 507 41.20 -11.55 21.04
N TYR B 508 41.30 -10.23 20.98
CA TYR B 508 42.44 -9.57 20.36
C TYR B 508 43.20 -8.82 21.45
N ASP B 509 44.02 -9.55 22.20
CA ASP B 509 44.92 -8.96 23.17
C ASP B 509 45.94 -10.00 23.61
N HIS B 510 47.21 -9.78 23.29
CA HIS B 510 48.25 -10.73 23.67
C HIS B 510 48.91 -10.38 24.99
N TYR B 511 48.82 -9.12 25.44
CA TYR B 511 49.43 -8.74 26.70
C TYR B 511 48.85 -9.53 27.86
N LEU B 512 47.54 -9.73 27.86
CA LEU B 512 46.90 -10.51 28.92
C LEU B 512 47.47 -11.93 28.98
N ILE B 513 47.86 -12.48 27.82
CA ILE B 513 48.31 -13.86 27.77
C ILE B 513 49.62 -14.03 28.51
N GLU B 514 50.56 -13.10 28.34
CA GLU B 514 51.81 -13.19 29.08
C GLU B 514 51.57 -13.07 30.57
N GLN B 515 50.60 -12.24 30.98
CA GLN B 515 50.28 -12.13 32.39
C GLN B 515 49.77 -13.47 32.93
N ILE B 516 48.94 -14.16 32.16
CA ILE B 516 48.48 -15.48 32.58
C ILE B 516 49.62 -16.48 32.52
N GLN B 517 50.40 -16.47 31.44
CA GLN B 517 51.47 -17.45 31.29
C GLN B 517 52.62 -17.16 32.25
N SER B 518 53.05 -15.90 32.33
CA SER B 518 54.22 -15.56 33.13
C SER B 518 53.99 -15.88 34.60
N GLY B 519 52.83 -15.48 35.12
CA GLY B 519 52.52 -15.70 36.52
C GLY B 519 53.12 -14.68 37.47
N LYS B 520 53.83 -13.68 36.96
CA LYS B 520 54.41 -12.65 37.82
C LYS B 520 53.35 -11.78 38.48
N GLU B 521 52.09 -11.86 38.03
CA GLU B 521 50.98 -11.13 38.63
C GLU B 521 49.91 -12.16 38.96
N PRO B 522 50.04 -12.86 40.09
CA PRO B 522 49.12 -13.97 40.38
C PRO B 522 47.67 -13.54 40.48
N GLU B 523 47.41 -12.25 40.73
CA GLU B 523 46.03 -11.79 40.82
C GLU B 523 45.34 -11.86 39.46
N VAL B 524 46.09 -11.82 38.37
CA VAL B 524 45.51 -12.09 37.06
C VAL B 524 45.00 -13.51 36.99
N ARG B 525 45.79 -14.47 37.48
CA ARG B 525 45.33 -15.85 37.57
C ARG B 525 44.12 -15.96 38.48
N GLN B 526 44.15 -15.26 39.61
CA GLN B 526 43.06 -15.33 40.56
C GLN B 526 41.78 -14.74 39.98
N PHE B 527 41.90 -13.75 39.10
CA PHE B 527 40.73 -13.14 38.47
C PHE B 527 39.95 -14.17 37.66
N PHE B 528 40.65 -14.94 36.84
CA PHE B 528 39.98 -15.91 35.98
C PHE B 528 39.67 -17.21 36.69
N PHE B 529 40.27 -17.46 37.86
CA PHE B 529 39.83 -18.58 38.68
C PHE B 529 38.44 -18.31 39.26
N LEU B 530 38.16 -17.04 39.59
CA LEU B 530 36.84 -16.68 40.10
C LEU B 530 35.75 -17.02 39.08
N LEU B 531 35.97 -16.65 37.82
CA LEU B 531 34.97 -16.90 36.79
C LEU B 531 34.72 -18.39 36.59
N ALA B 532 35.68 -19.24 36.96
CA ALA B 532 35.52 -20.68 36.83
C ALA B 532 34.91 -21.33 38.06
N VAL B 533 34.66 -20.56 39.12
CA VAL B 533 34.09 -21.08 40.36
C VAL B 533 32.81 -20.35 40.75
N CYS B 534 32.79 -19.02 40.65
CA CYS B 534 31.66 -18.25 41.14
C CYS B 534 30.40 -18.44 40.32
N HIS B 535 30.46 -19.20 39.24
CA HIS B 535 29.28 -19.49 38.43
C HIS B 535 28.38 -20.50 39.16
N THR B 536 27.32 -20.92 38.49
CA THR B 536 26.50 -22.05 38.94
C THR B 536 26.11 -22.92 37.75
N VAL B 537 26.92 -22.94 36.69
CA VAL B 537 26.58 -23.63 35.46
C VAL B 537 26.90 -25.11 35.62
N MET B 538 26.40 -25.92 34.69
CA MET B 538 26.63 -27.35 34.68
C MET B 538 27.53 -27.74 33.50
N VAL B 539 28.19 -28.87 33.63
CA VAL B 539 29.16 -29.35 32.65
C VAL B 539 28.73 -30.72 32.16
N ASP B 540 28.83 -30.91 30.84
CA ASP B 540 28.51 -32.18 30.19
C ASP B 540 29.80 -32.76 29.62
N ARG B 541 30.15 -33.97 30.09
CA ARG B 541 31.33 -34.68 29.60
C ARG B 541 30.96 -36.10 29.17
N THR B 542 29.74 -36.28 28.65
CA THR B 542 29.28 -37.61 28.28
C THR B 542 30.11 -38.22 27.16
N ASP B 543 30.83 -37.39 26.38
CA ASP B 543 31.63 -37.90 25.29
C ASP B 543 33.00 -37.23 25.21
N GLY B 544 33.37 -36.40 26.18
CA GLY B 544 34.69 -35.81 26.23
C GLY B 544 34.83 -34.45 25.60
N GLN B 545 33.73 -33.79 25.23
CA GLN B 545 33.79 -32.48 24.59
C GLN B 545 33.69 -31.33 25.58
N LEU B 546 33.37 -31.60 26.85
CA LEU B 546 33.33 -30.59 27.89
C LEU B 546 32.42 -29.42 27.49
N ASN B 547 31.14 -29.73 27.35
CA ASN B 547 30.12 -28.74 27.03
C ASN B 547 29.54 -28.15 28.31
N TYR B 548 29.34 -26.83 28.30
CA TYR B 548 28.81 -26.11 29.45
C TYR B 548 27.33 -25.83 29.24
N GLN B 549 26.51 -26.23 30.21
CA GLN B 549 25.08 -25.96 30.21
C GLN B 549 24.83 -24.83 31.21
N ALA B 550 24.91 -23.60 30.74
CA ALA B 550 24.76 -22.42 31.58
C ALA B 550 23.33 -21.91 31.50
N ALA B 551 22.71 -21.72 32.67
CA ALA B 551 21.38 -21.14 32.72
C ALA B 551 21.41 -19.64 32.47
N SER B 552 22.45 -18.96 32.91
CA SER B 552 22.68 -17.55 32.59
C SER B 552 23.66 -17.45 31.43
N PRO B 553 23.30 -16.79 30.32
CA PRO B 553 24.30 -16.61 29.26
C PRO B 553 25.51 -15.81 29.72
N ASP B 554 25.32 -14.92 30.71
CA ASP B 554 26.46 -14.20 31.28
C ASP B 554 27.44 -15.18 31.92
N GLU B 555 26.94 -16.14 32.68
CA GLU B 555 27.82 -17.15 33.25
C GLU B 555 28.46 -17.99 32.15
N GLY B 556 27.67 -18.40 31.16
CA GLY B 556 28.22 -19.15 30.06
C GLY B 556 29.30 -18.37 29.33
N ALA B 557 29.09 -17.06 29.15
CA ALA B 557 30.10 -16.23 28.53
C ALA B 557 31.36 -16.15 29.39
N LEU B 558 31.19 -15.97 30.70
CA LEU B 558 32.35 -15.84 31.58
C LEU B 558 33.03 -17.17 31.81
N VAL B 559 32.26 -18.24 32.00
CA VAL B 559 32.87 -19.54 32.25
C VAL B 559 33.58 -20.05 31.01
N ASN B 560 33.00 -19.81 29.82
CA ASN B 560 33.69 -20.14 28.58
C ASN B 560 34.95 -19.31 28.43
N ALA B 561 34.88 -18.01 28.73
CA ALA B 561 36.03 -17.15 28.58
C ALA B 561 37.18 -17.59 29.49
N ALA B 562 36.88 -17.85 30.76
CA ALA B 562 37.91 -18.33 31.67
C ALA B 562 38.45 -19.69 31.23
N ARG B 563 37.61 -20.51 30.60
CA ARG B 563 38.07 -21.79 30.09
C ARG B 563 39.13 -21.60 29.02
N ASN B 564 38.94 -20.62 28.13
CA ASN B 564 39.94 -20.34 27.11
C ASN B 564 41.22 -19.77 27.70
N PHE B 565 41.11 -18.97 28.75
CA PHE B 565 42.28 -18.34 29.38
C PHE B 565 43.00 -19.28 30.35
N GLY B 566 42.75 -20.59 30.28
CA GLY B 566 43.51 -21.56 31.04
C GLY B 566 42.83 -22.07 32.29
N PHE B 567 41.69 -21.52 32.67
CA PHE B 567 40.98 -21.91 33.89
C PHE B 567 39.64 -22.51 33.48
N ALA B 568 39.61 -23.84 33.37
CA ALA B 568 38.47 -24.56 32.85
C ALA B 568 37.75 -25.29 33.98
N PHE B 569 36.44 -25.08 34.07
CA PHE B 569 35.57 -25.80 35.00
C PHE B 569 35.27 -27.17 34.40
N LEU B 570 35.80 -28.23 35.01
CA LEU B 570 35.74 -29.56 34.43
C LEU B 570 34.53 -30.36 34.95
N ALA B 571 34.47 -30.58 36.25
CA ALA B 571 33.46 -31.45 36.85
C ALA B 571 32.87 -30.77 38.08
N ARG B 572 31.67 -31.22 38.43
CA ARG B 572 30.95 -30.67 39.58
C ARG B 572 30.38 -31.80 40.40
N THR B 573 30.30 -31.57 41.71
CA THR B 573 29.72 -32.51 42.65
C THR B 573 28.88 -31.71 43.64
N GLN B 574 28.05 -32.42 44.41
CA GLN B 574 27.23 -31.75 45.42
C GLN B 574 28.08 -30.87 46.32
N ASN B 575 29.29 -31.32 46.66
CA ASN B 575 30.14 -30.61 47.61
C ASN B 575 31.42 -30.05 47.01
N THR B 576 31.83 -30.48 45.83
CA THR B 576 33.14 -30.16 45.30
C THR B 576 33.07 -29.76 43.84
N ILE B 577 34.10 -29.01 43.40
CA ILE B 577 34.30 -28.65 42.00
C ILE B 577 35.73 -29.01 41.63
N THR B 578 35.95 -29.19 40.33
CA THR B 578 37.19 -29.76 39.80
C THR B 578 37.79 -28.84 38.74
N ILE B 579 37.92 -27.56 39.07
CA ILE B 579 38.53 -26.60 38.14
C ILE B 579 39.97 -27.02 37.86
N SER B 580 40.39 -26.84 36.60
CA SER B 580 41.77 -27.08 36.20
C SER B 580 42.46 -25.73 36.01
N GLU B 581 43.54 -25.52 36.76
CA GLU B 581 44.29 -24.26 36.72
C GLU B 581 45.49 -24.47 35.81
N LEU B 582 45.35 -24.06 34.55
CA LEU B 582 46.40 -24.19 33.55
C LEU B 582 46.93 -25.62 33.49
N GLY B 583 46.00 -26.58 33.43
CA GLY B 583 46.36 -27.97 33.36
C GLY B 583 46.57 -28.66 34.71
N THR B 584 46.48 -27.92 35.81
CA THR B 584 46.61 -28.50 37.14
C THR B 584 45.23 -28.89 37.65
N GLU B 585 45.03 -30.19 37.87
CA GLU B 585 43.75 -30.71 38.32
C GLU B 585 43.61 -30.46 39.82
N ARG B 586 42.93 -29.37 40.17
CA ARG B 586 42.69 -29.01 41.56
C ARG B 586 41.20 -29.14 41.86
N THR B 587 40.87 -29.87 42.92
CA THR B 587 39.49 -30.09 43.34
C THR B 587 39.23 -29.30 44.61
N TYR B 588 38.26 -28.40 44.55
CA TYR B 588 37.89 -27.56 45.69
C TYR B 588 36.60 -28.08 46.31
N ASN B 589 36.47 -27.86 47.61
CA ASN B 589 35.27 -28.26 48.36
C ASN B 589 34.39 -27.03 48.53
N VAL B 590 33.20 -27.07 47.92
CA VAL B 590 32.27 -25.95 48.01
C VAL B 590 31.57 -26.02 49.36
N LEU B 591 31.81 -25.02 50.20
CA LEU B 591 31.21 -24.96 51.52
C LEU B 591 29.88 -24.24 51.53
N ALA B 592 29.66 -23.32 50.59
CA ALA B 592 28.40 -22.59 50.52
C ALA B 592 28.30 -21.83 49.20
N ILE B 593 27.14 -21.89 48.55
CA ILE B 593 26.85 -21.07 47.38
C ILE B 593 25.77 -20.09 47.80
N LEU B 594 26.12 -18.81 47.82
CA LEU B 594 25.19 -17.75 48.21
C LEU B 594 24.41 -17.38 46.96
N ASP B 595 23.23 -17.96 46.81
CA ASP B 595 22.50 -17.93 45.55
C ASP B 595 22.23 -16.49 45.09
N PHE B 596 21.89 -16.36 43.82
CA PHE B 596 21.60 -15.08 43.20
C PHE B 596 20.11 -14.78 43.27
N ASN B 597 19.78 -13.50 43.45
CA ASN B 597 18.41 -13.05 43.26
C ASN B 597 18.44 -11.60 42.80
N SER B 598 17.32 -11.15 42.25
CA SER B 598 17.28 -9.85 41.59
C SER B 598 17.60 -8.71 42.54
N ASP B 599 17.04 -8.74 43.75
CA ASP B 599 17.33 -7.69 44.72
C ASP B 599 18.72 -7.83 45.32
N ARG B 600 19.28 -9.04 45.29
CA ARG B 600 20.64 -9.25 45.78
C ARG B 600 21.68 -8.76 44.79
N LYS B 601 21.42 -8.92 43.48
CA LYS B 601 22.27 -8.37 42.42
C LYS B 601 23.71 -8.89 42.51
N ARG B 602 23.89 -10.07 43.07
CA ARG B 602 25.22 -10.66 43.18
C ARG B 602 25.06 -12.10 43.65
N MET B 603 26.12 -12.89 43.48
CA MET B 603 26.20 -14.21 44.06
C MET B 603 27.62 -14.47 44.53
N SER B 604 27.75 -15.34 45.52
CA SER B 604 29.04 -15.66 46.10
C SER B 604 29.14 -17.17 46.27
N ILE B 605 30.39 -17.64 46.35
CA ILE B 605 30.67 -19.05 46.63
C ILE B 605 31.83 -19.10 47.61
N ILE B 606 31.70 -19.96 48.62
CA ILE B 606 32.75 -20.20 49.60
C ILE B 606 33.29 -21.60 49.35
N VAL B 607 34.59 -21.69 49.06
CA VAL B 607 35.24 -22.95 48.74
C VAL B 607 36.45 -23.12 49.64
N ARG B 608 36.81 -24.38 49.86
CA ARG B 608 38.00 -24.74 50.63
C ARG B 608 39.07 -25.21 49.66
N THR B 609 40.22 -24.54 49.68
CA THR B 609 41.30 -24.89 48.78
C THR B 609 41.90 -26.24 49.17
N PRO B 610 42.61 -26.89 48.25
CA PRO B 610 43.27 -28.15 48.61
C PRO B 610 44.21 -28.01 49.79
N GLU B 611 44.85 -26.85 49.95
CA GLU B 611 45.70 -26.62 51.11
C GLU B 611 44.87 -26.65 52.39
N GLY B 612 43.71 -26.01 52.39
CA GLY B 612 42.84 -26.01 53.55
C GLY B 612 42.24 -24.64 53.86
N ASN B 613 42.71 -23.61 53.17
CA ASN B 613 42.20 -22.26 53.40
C ASN B 613 40.77 -22.13 52.87
N ILE B 614 40.00 -21.25 53.50
CA ILE B 614 38.64 -20.94 53.07
C ILE B 614 38.67 -19.58 52.38
N LYS B 615 38.10 -19.52 51.19
CA LYS B 615 38.04 -18.29 50.41
C LYS B 615 36.62 -18.08 49.88
N LEU B 616 36.12 -16.86 50.02
CA LEU B 616 34.82 -16.47 49.51
C LEU B 616 35.00 -15.70 48.21
N TYR B 617 34.36 -16.17 47.15
CA TYR B 617 34.43 -15.53 45.84
C TYR B 617 33.05 -14.98 45.48
N CYS B 618 33.02 -13.70 45.11
CA CYS B 618 31.76 -13.01 44.84
C CYS B 618 31.87 -12.22 43.55
N LYS B 619 30.82 -12.30 42.73
CA LYS B 619 30.69 -11.47 41.54
C LYS B 619 29.28 -10.91 41.50
N GLY B 620 29.14 -9.68 41.01
CA GLY B 620 27.84 -9.06 40.97
C GLY B 620 27.93 -7.61 40.57
N ALA B 621 26.87 -6.87 40.89
CA ALA B 621 26.78 -5.47 40.50
C ALA B 621 27.86 -4.65 41.18
N ASP B 622 28.32 -3.61 40.48
CA ASP B 622 29.32 -2.72 41.05
C ASP B 622 28.76 -1.96 42.25
N THR B 623 27.48 -1.57 42.18
CA THR B 623 26.89 -0.79 43.28
C THR B 623 26.86 -1.58 44.57
N VAL B 624 26.39 -2.83 44.51
CA VAL B 624 26.27 -3.63 45.73
C VAL B 624 27.63 -4.03 46.26
N ILE B 625 28.55 -4.40 45.36
CA ILE B 625 29.86 -4.89 45.81
C ILE B 625 30.69 -3.76 46.41
N TYR B 626 30.61 -2.56 45.83
CA TYR B 626 31.37 -1.43 46.37
C TYR B 626 30.88 -1.02 47.75
N GLU B 627 29.71 -1.49 48.19
CA GLU B 627 29.23 -1.25 49.53
C GLU B 627 29.76 -2.27 50.53
N ARG B 628 30.50 -3.28 50.07
CA ARG B 628 30.98 -4.35 50.94
C ARG B 628 32.48 -4.59 50.72
N LEU B 629 33.22 -3.54 50.38
CA LEU B 629 34.64 -3.65 50.14
C LEU B 629 35.43 -3.36 51.41
N HIS B 630 36.63 -3.93 51.49
CA HIS B 630 37.54 -3.63 52.58
C HIS B 630 37.95 -2.16 52.52
N ARG B 631 38.31 -1.62 53.69
CA ARG B 631 38.77 -0.23 53.74
C ARG B 631 40.02 -0.05 52.87
N MET B 632 40.95 -1.00 52.93
CA MET B 632 42.18 -0.93 52.15
C MET B 632 41.95 -1.63 50.82
N ASN B 633 41.51 -0.86 49.82
CA ASN B 633 41.28 -1.36 48.46
C ASN B 633 41.97 -0.40 47.50
N PRO B 634 43.28 -0.55 47.28
CA PRO B 634 43.98 0.41 46.43
C PRO B 634 43.46 0.48 45.00
N THR B 635 42.96 -0.63 44.46
CA THR B 635 42.48 -0.66 43.08
C THR B 635 41.04 -0.17 42.95
N LYS B 636 40.44 0.34 44.02
CA LYS B 636 39.05 0.75 43.96
C LYS B 636 38.83 1.87 42.94
N GLN B 637 39.72 2.87 42.93
CA GLN B 637 39.54 4.00 42.01
C GLN B 637 39.80 3.57 40.57
N GLU B 638 40.85 2.80 40.34
CA GLU B 638 41.15 2.37 38.96
C GLU B 638 40.05 1.47 38.41
N THR B 639 39.54 0.56 39.23
CA THR B 639 38.47 -0.32 38.77
C THR B 639 37.21 0.48 38.45
N GLN B 640 36.93 1.51 39.24
CA GLN B 640 35.76 2.35 38.97
C GLN B 640 35.89 3.06 37.62
N ASP B 641 37.11 3.51 37.29
CA ASP B 641 37.32 4.14 36.00
C ASP B 641 37.06 3.17 34.85
N ALA B 642 37.50 1.92 35.00
CA ALA B 642 37.27 0.92 33.97
C ALA B 642 35.78 0.67 33.79
N LEU B 643 35.03 0.57 34.89
CA LEU B 643 33.59 0.37 34.78
C LEU B 643 32.94 1.49 33.98
N ASP B 644 33.38 2.72 34.20
CA ASP B 644 32.87 3.84 33.41
C ASP B 644 33.23 3.67 31.94
N ILE B 645 34.45 3.22 31.65
CA ILE B 645 34.86 2.98 30.28
C ILE B 645 34.03 1.87 29.66
N PHE B 646 33.83 0.77 30.40
CA PHE B 646 32.99 -0.31 29.90
C PHE B 646 31.55 0.16 29.72
N ALA B 647 31.04 0.96 30.66
CA ALA B 647 29.70 1.48 30.54
C ALA B 647 29.55 2.37 29.31
N ASN B 648 30.53 3.24 29.06
CA ASN B 648 30.49 4.11 27.89
C ASN B 648 30.60 3.33 26.59
N GLU B 649 31.06 2.09 26.63
CA GLU B 649 31.15 1.25 25.45
C GLU B 649 29.96 0.32 25.29
N THR B 650 28.93 0.48 26.12
CA THR B 650 27.69 -0.28 26.01
C THR B 650 27.93 -1.78 26.24
N LEU B 651 28.58 -2.09 27.37
CA LEU B 651 28.85 -3.46 27.77
C LEU B 651 28.25 -3.73 29.14
N ARG B 652 27.97 -5.01 29.39
CA ARG B 652 27.42 -5.45 30.66
C ARG B 652 28.56 -5.76 31.62
N THR B 653 28.61 -5.05 32.74
CA THR B 653 29.74 -5.10 33.65
C THR B 653 29.39 -5.82 34.94
N LEU B 654 30.36 -6.57 35.46
CA LEU B 654 30.30 -7.17 36.78
C LEU B 654 31.58 -6.85 37.52
N CYS B 655 31.49 -6.78 38.84
CA CYS B 655 32.66 -6.58 39.70
C CYS B 655 32.98 -7.87 40.43
N LEU B 656 34.27 -8.23 40.45
CA LEU B 656 34.77 -9.42 41.12
C LEU B 656 35.45 -9.03 42.42
N CYS B 657 35.30 -9.89 43.43
CA CYS B 657 35.93 -9.64 44.73
C CYS B 657 36.06 -10.95 45.46
N TYR B 658 36.85 -10.93 46.54
CA TYR B 658 36.99 -12.11 47.39
C TYR B 658 37.40 -11.64 48.78
N LYS B 659 37.49 -12.59 49.70
CA LYS B 659 38.02 -12.32 51.03
C LYS B 659 38.53 -13.63 51.61
N GLU B 660 39.42 -13.50 52.59
CA GLU B 660 39.92 -14.65 53.34
C GLU B 660 39.03 -14.90 54.55
N ILE B 661 38.67 -16.16 54.75
CA ILE B 661 37.81 -16.57 55.86
C ILE B 661 38.64 -17.45 56.80
N GLU B 662 38.64 -17.09 58.07
CA GLU B 662 39.33 -17.90 59.07
C GLU B 662 38.49 -19.13 59.42
N GLU B 663 39.17 -20.18 59.86
CA GLU B 663 38.47 -21.42 60.21
C GLU B 663 37.46 -21.18 61.31
N LYS B 664 37.84 -20.42 62.34
CA LYS B 664 36.90 -20.09 63.40
C LYS B 664 35.78 -19.18 62.89
N GLU B 665 36.12 -18.26 61.98
CA GLU B 665 35.11 -17.36 61.44
C GLU B 665 34.05 -18.12 60.64
N PHE B 666 34.49 -19.09 59.84
CA PHE B 666 33.54 -19.82 58.99
C PHE B 666 32.62 -20.70 59.83
N THR B 667 33.17 -21.49 60.75
CA THR B 667 32.34 -22.40 61.52
C THR B 667 31.28 -21.63 62.31
N GLU B 668 31.62 -20.44 62.80
CA GLU B 668 30.61 -19.59 63.43
C GLU B 668 29.52 -19.20 62.44
N TRP B 669 29.92 -18.83 61.22
CA TRP B 669 28.95 -18.47 60.20
C TRP B 669 28.24 -19.70 59.65
N ASN B 670 28.97 -20.80 59.50
CA ASN B 670 28.37 -22.02 58.96
C ASN B 670 27.25 -22.52 59.87
N LYS B 671 27.45 -22.42 61.19
CA LYS B 671 26.41 -22.83 62.12
C LYS B 671 25.13 -22.03 61.89
N LYS B 672 25.25 -20.72 61.68
CA LYS B 672 24.08 -19.90 61.39
C LYS B 672 23.57 -20.18 59.98
N PHE B 673 24.47 -20.43 59.03
CA PHE B 673 24.05 -20.70 57.66
C PHE B 673 23.21 -21.97 57.58
N MET B 674 23.64 -23.03 58.27
CA MET B 674 22.88 -24.28 58.26
C MET B 674 21.51 -24.09 58.87
N ALA B 675 21.42 -23.31 59.95
CA ALA B 675 20.12 -23.09 60.60
C ALA B 675 19.15 -22.41 59.65
N ALA B 676 19.62 -21.40 58.90
CA ALA B 676 18.75 -20.73 57.94
C ALA B 676 18.39 -21.62 56.76
N SER B 677 19.15 -22.68 56.51
CA SER B 677 18.84 -23.58 55.40
C SER B 677 17.76 -24.57 55.80
N VAL B 678 17.92 -25.21 56.96
CA VAL B 678 16.90 -26.15 57.43
C VAL B 678 15.60 -25.41 57.75
N ALA B 679 15.70 -24.19 58.25
CA ALA B 679 14.52 -23.41 58.63
C ALA B 679 13.77 -23.02 57.36
N SER B 680 12.69 -23.74 57.06
CA SER B 680 11.90 -23.52 55.86
C SER B 680 10.78 -22.50 56.06
N THR B 681 10.53 -22.06 57.28
CA THR B 681 9.45 -21.10 57.52
C THR B 681 9.72 -19.78 56.79
N ASN B 682 10.94 -19.28 56.88
CA ASN B 682 11.33 -18.02 56.24
C ASN B 682 12.69 -18.20 55.56
N ARG B 683 12.82 -19.29 54.79
CA ARG B 683 14.13 -19.64 54.24
C ARG B 683 14.67 -18.55 53.33
N ASP B 684 13.82 -17.97 52.48
CA ASP B 684 14.31 -16.96 51.55
C ASP B 684 14.88 -15.76 52.27
N GLU B 685 14.21 -15.29 53.33
CA GLU B 685 14.73 -14.15 54.10
C GLU B 685 15.75 -14.60 55.14
N ALA B 686 15.63 -15.82 55.65
CA ALA B 686 16.63 -16.33 56.59
C ALA B 686 18.00 -16.44 55.93
N LEU B 687 18.04 -16.95 54.69
CA LEU B 687 19.31 -17.08 53.98
C LEU B 687 19.90 -15.72 53.66
N ASP B 688 19.06 -14.75 53.26
CA ASP B 688 19.57 -13.44 52.90
C ASP B 688 20.24 -12.76 54.09
N LYS B 689 19.70 -12.94 55.29
CA LYS B 689 20.28 -12.31 56.47
C LYS B 689 21.69 -12.83 56.73
N VAL B 690 21.89 -14.15 56.61
CA VAL B 690 23.21 -14.72 56.87
C VAL B 690 24.16 -14.42 55.71
N TYR B 691 23.64 -14.19 54.51
CA TYR B 691 24.49 -13.81 53.39
C TYR B 691 25.21 -12.50 53.67
N GLU B 692 24.50 -11.53 54.25
CA GLU B 692 25.11 -10.23 54.53
C GLU B 692 26.18 -10.32 55.60
N GLU B 693 26.09 -11.30 56.50
CA GLU B 693 27.05 -11.40 57.60
C GLU B 693 28.45 -11.69 57.09
N ILE B 694 28.58 -12.52 56.05
CA ILE B 694 29.90 -12.93 55.58
C ILE B 694 30.46 -12.04 54.47
N GLU B 695 29.60 -11.29 53.79
CA GLU B 695 30.05 -10.41 52.70
C GLU B 695 30.22 -8.99 53.23
N LYS B 696 31.25 -8.80 54.05
CA LYS B 696 31.54 -7.53 54.69
C LYS B 696 32.83 -6.89 54.20
N ASP B 697 33.95 -7.62 54.28
CA ASP B 697 35.27 -7.11 53.92
C ASP B 697 35.76 -7.91 52.72
N LEU B 698 35.51 -7.38 51.52
CA LEU B 698 35.85 -8.06 50.29
C LEU B 698 36.95 -7.29 49.55
N ILE B 699 37.95 -8.01 49.06
CA ILE B 699 39.03 -7.43 48.30
C ILE B 699 38.64 -7.43 46.82
N LEU B 700 38.76 -6.28 46.18
CA LEU B 700 38.34 -6.13 44.79
C LEU B 700 39.36 -6.78 43.86
N LEU B 701 38.89 -7.71 43.03
CA LEU B 701 39.73 -8.31 42.00
C LEU B 701 39.77 -7.48 40.73
N GLY B 702 38.60 -7.07 40.25
CA GLY B 702 38.52 -6.40 38.97
C GLY B 702 37.09 -6.35 38.50
N ALA B 703 36.93 -6.16 37.19
CA ALA B 703 35.61 -6.12 36.58
C ALA B 703 35.66 -6.83 35.24
N THR B 704 34.51 -7.33 34.81
CA THR B 704 34.35 -7.91 33.49
C THR B 704 33.48 -7.01 32.63
N ALA B 705 33.45 -7.30 31.34
CA ALA B 705 32.57 -6.62 30.41
C ALA B 705 32.09 -7.64 29.38
N ILE B 706 30.78 -7.72 29.20
CA ILE B 706 30.16 -8.68 28.31
C ILE B 706 29.31 -7.92 27.30
N GLU B 707 29.42 -8.30 26.03
CA GLU B 707 28.63 -7.71 24.96
C GLU B 707 27.45 -8.63 24.66
N ASP B 708 26.24 -8.09 24.78
CA ASP B 708 25.05 -8.74 24.22
C ASP B 708 24.97 -8.33 22.77
N LYS B 709 25.39 -9.23 21.87
CA LYS B 709 25.54 -8.87 20.47
C LYS B 709 24.21 -8.47 19.86
N LEU B 710 24.18 -7.30 19.23
CA LEU B 710 23.04 -6.88 18.45
C LEU B 710 23.04 -7.58 17.09
N GLN B 711 21.89 -7.57 16.43
CA GLN B 711 21.87 -7.92 15.02
C GLN B 711 22.62 -6.86 14.22
N ASP B 712 23.23 -7.28 13.12
CA ASP B 712 24.02 -6.36 12.32
C ASP B 712 23.13 -5.27 11.73
N GLY B 713 23.63 -4.04 11.74
CA GLY B 713 22.92 -2.92 11.18
C GLY B 713 21.79 -2.38 12.02
N VAL B 714 21.67 -2.80 13.27
CA VAL B 714 20.57 -2.34 14.13
C VAL B 714 20.81 -0.88 14.50
N PRO B 715 21.96 -0.52 15.06
CA PRO B 715 22.21 0.91 15.33
C PRO B 715 22.19 1.75 14.06
N GLU B 716 22.66 1.21 12.94
CA GLU B 716 22.56 1.93 11.67
C GLU B 716 21.12 2.15 11.26
N THR B 717 20.28 1.12 11.42
CA THR B 717 18.88 1.24 11.05
C THR B 717 18.15 2.26 11.92
N ILE B 718 18.46 2.28 13.22
CA ILE B 718 17.77 3.19 14.13
C ILE B 718 18.15 4.63 13.83
N SER B 719 19.40 4.87 13.47
CA SER B 719 19.83 6.22 13.15
C SER B 719 19.18 6.73 11.86
N LYS B 720 19.02 5.84 10.87
CA LYS B 720 18.42 6.26 9.60
C LYS B 720 16.93 6.47 9.71
N LEU B 721 16.23 5.57 10.40
CA LEU B 721 14.79 5.76 10.59
C LEU B 721 14.50 6.95 11.49
N ALA B 722 15.46 7.37 12.31
CA ALA B 722 15.32 8.63 13.03
C ALA B 722 15.45 9.81 12.08
N LYS B 723 16.27 9.69 11.04
CA LYS B 723 16.34 10.73 10.02
C LYS B 723 15.08 10.77 9.18
N ALA B 724 14.41 9.63 9.02
CA ALA B 724 13.09 9.57 8.40
C ALA B 724 12.00 10.10 9.31
N ASP B 725 12.36 10.55 10.52
CA ASP B 725 11.39 11.12 11.48
C ASP B 725 10.49 10.03 12.06
N ILE B 726 11.03 8.84 12.25
CA ILE B 726 10.31 7.72 12.84
C ILE B 726 10.84 7.49 14.25
N LYS B 727 9.94 7.35 15.21
CA LYS B 727 10.28 7.13 16.60
C LYS B 727 10.24 5.63 16.88
N ILE B 728 11.30 5.10 17.48
CA ILE B 728 11.43 3.68 17.76
C ILE B 728 11.30 3.49 19.27
N TRP B 729 10.31 2.70 19.66
CA TRP B 729 10.09 2.33 21.06
C TRP B 729 10.34 0.84 21.21
N VAL B 730 11.01 0.46 22.29
CA VAL B 730 11.34 -0.93 22.56
C VAL B 730 10.39 -1.44 23.65
N LEU B 731 9.58 -2.42 23.29
CA LEU B 731 8.69 -3.09 24.23
C LEU B 731 9.18 -4.52 24.38
N THR B 732 9.69 -4.85 25.55
CA THR B 732 10.30 -6.15 25.81
C THR B 732 9.77 -6.71 27.13
N GLY B 733 9.74 -8.03 27.21
CA GLY B 733 9.46 -8.73 28.44
C GLY B 733 10.69 -9.05 29.27
N ASP B 734 11.85 -8.53 28.87
CA ASP B 734 13.10 -8.80 29.56
C ASP B 734 13.33 -7.78 30.68
N LYS B 735 14.32 -8.06 31.52
CA LYS B 735 14.53 -7.26 32.72
C LYS B 735 14.91 -5.82 32.34
N LYS B 736 14.85 -4.94 33.34
CA LYS B 736 15.17 -3.54 33.14
C LYS B 736 16.64 -3.35 32.77
N GLU B 737 17.54 -4.09 33.43
CA GLU B 737 18.97 -3.92 33.18
C GLU B 737 19.33 -4.31 31.76
N THR B 738 18.81 -5.43 31.27
CA THR B 738 19.09 -5.84 29.90
C THR B 738 18.50 -4.84 28.91
N ALA B 739 17.29 -4.34 29.19
CA ALA B 739 16.66 -3.40 28.28
C ALA B 739 17.44 -2.10 28.18
N GLU B 740 17.99 -1.63 29.30
CA GLU B 740 18.76 -0.39 29.29
C GLU B 740 20.11 -0.59 28.60
N ASN B 741 20.73 -1.75 28.76
CA ASN B 741 22.00 -2.01 28.09
C ASN B 741 21.82 -2.02 26.57
N ILE B 742 20.78 -2.70 26.09
CA ILE B 742 20.54 -2.76 24.65
C ILE B 742 20.10 -1.41 24.13
N GLY B 743 19.47 -0.59 24.98
CA GLY B 743 19.14 0.77 24.57
C GLY B 743 20.38 1.61 24.38
N PHE B 744 21.41 1.39 25.20
CA PHE B 744 22.67 2.09 25.00
C PHE B 744 23.44 1.52 23.83
N ALA B 745 23.45 0.19 23.68
CA ALA B 745 24.13 -0.43 22.56
C ALA B 745 23.50 -0.05 21.23
N CYS B 746 22.17 0.06 21.20
CA CYS B 746 21.47 0.44 19.97
C CYS B 746 21.63 1.90 19.62
N GLU B 747 22.30 2.69 20.47
CA GLU B 747 22.45 4.14 20.35
C GLU B 747 21.15 4.88 20.63
N LEU B 748 20.10 4.17 21.07
CA LEU B 748 18.87 4.85 21.44
C LEU B 748 19.08 5.76 22.65
N LEU B 749 19.80 5.27 23.65
CA LEU B 749 20.22 6.07 24.79
C LEU B 749 21.70 6.35 24.68
N THR B 750 22.05 7.63 24.66
CA THR B 750 23.44 8.06 24.67
C THR B 750 23.75 8.67 26.04
N GLU B 751 24.99 9.13 26.20
CA GLU B 751 25.37 9.81 27.43
C GLU B 751 24.75 11.19 27.56
N ASP B 752 24.19 11.73 26.48
CA ASP B 752 23.48 12.99 26.56
C ASP B 752 22.08 12.81 27.16
N THR B 753 21.43 11.68 26.85
CA THR B 753 20.07 11.47 27.34
C THR B 753 20.07 11.38 28.86
N THR B 754 19.06 12.00 29.46
CA THR B 754 18.77 11.82 30.89
C THR B 754 17.63 10.81 30.99
N ILE B 755 17.87 9.72 31.70
CA ILE B 755 16.94 8.59 31.74
C ILE B 755 15.97 8.78 32.89
N CYS B 756 14.68 8.75 32.58
CA CYS B 756 13.61 8.83 33.57
C CYS B 756 12.97 7.46 33.73
N TYR B 757 12.70 7.08 34.97
CA TYR B 757 12.11 5.79 35.30
C TYR B 757 10.66 5.97 35.70
N GLY B 758 10.01 4.87 36.05
CA GLY B 758 8.61 4.93 36.45
C GLY B 758 8.41 5.81 37.68
N GLU B 759 9.36 5.77 38.62
CA GLU B 759 9.28 6.64 39.78
C GLU B 759 9.26 8.10 39.35
N ASP B 760 10.16 8.48 38.44
CA ASP B 760 10.21 9.86 37.98
C ASP B 760 9.01 10.18 37.10
N ILE B 761 8.63 9.26 36.21
CA ILE B 761 7.52 9.52 35.29
C ILE B 761 6.23 9.72 36.07
N ASN B 762 5.98 8.87 37.07
CA ASN B 762 4.74 8.97 37.84
C ASN B 762 4.65 10.32 38.55
N SER B 763 5.76 10.80 39.11
CA SER B 763 5.74 12.07 39.80
C SER B 763 5.38 13.22 38.86
N LEU B 764 5.95 13.21 37.65
CA LEU B 764 5.62 14.24 36.68
C LEU B 764 4.15 14.21 36.30
N LEU B 765 3.62 13.00 36.04
CA LEU B 765 2.21 12.88 35.69
C LEU B 765 1.32 13.34 36.84
N HIS B 766 1.68 12.98 38.07
CA HIS B 766 0.91 13.43 39.23
C HIS B 766 0.89 14.96 39.30
N ALA B 767 2.07 15.58 39.18
CA ALA B 767 2.13 17.04 39.22
C ALA B 767 1.22 17.65 38.16
N ARG B 768 1.01 16.97 37.04
CA ARG B 768 0.08 17.46 36.04
C ARG B 768 -1.38 17.31 36.49
N MET B 769 -1.65 16.35 37.37
CA MET B 769 -3.01 16.17 37.87
C MET B 769 -3.39 17.26 38.85
N GLU B 770 -2.62 17.41 39.93
CA GLU B 770 -2.92 18.47 40.89
C GLU B 770 -2.81 19.85 40.26
N ASN B 771 -1.95 19.99 39.25
CA ASN B 771 -1.83 21.28 38.57
C ASN B 771 -3.14 21.64 37.88
N GLN B 772 -3.79 20.67 37.24
CA GLN B 772 -5.06 20.91 36.58
C GLN B 772 -6.24 20.85 37.55
N ARG B 773 -6.05 20.32 38.76
CA ARG B 773 -7.13 20.22 39.73
C ARG B 773 -7.28 21.53 40.51
N GLN B 787 -1.25 22.69 26.38
CA GLN B 787 -0.79 21.98 27.57
C GLN B 787 0.70 22.21 27.79
N GLU B 788 1.08 22.52 29.02
CA GLU B 788 2.48 22.72 29.34
C GLU B 788 3.28 21.47 29.03
N SER B 789 4.44 21.66 28.40
CA SER B 789 5.32 20.54 28.10
C SER B 789 5.87 19.96 29.40
N PHE B 790 6.00 18.64 29.44
CA PHE B 790 6.47 17.98 30.65
C PHE B 790 7.94 18.28 30.91
N PHE B 791 8.73 18.47 29.86
CA PHE B 791 10.16 18.74 29.96
C PHE B 791 10.49 19.98 29.14
N PRO B 792 11.62 20.62 29.43
CA PRO B 792 12.08 21.72 28.55
C PRO B 792 12.30 21.22 27.14
N PRO B 793 11.98 22.02 26.12
CA PRO B 793 12.06 21.51 24.74
C PRO B 793 13.44 21.06 24.33
N GLY B 794 14.49 21.72 24.81
CA GLY B 794 15.84 21.46 24.31
C GLY B 794 16.52 20.23 24.88
N GLY B 795 15.98 19.65 25.94
CA GLY B 795 16.64 18.52 26.57
C GLY B 795 16.49 17.24 25.78
N ASN B 796 17.34 16.28 26.11
CA ASN B 796 17.30 14.93 25.55
C ASN B 796 16.94 13.96 26.68
N ARG B 797 15.86 13.22 26.50
CA ARG B 797 15.33 12.38 27.56
C ARG B 797 14.85 11.06 26.99
N ALA B 798 14.79 10.06 27.87
CA ALA B 798 14.28 8.74 27.52
C ALA B 798 13.56 8.16 28.73
N LEU B 799 12.60 7.27 28.47
CA LEU B 799 11.83 6.61 29.50
C LEU B 799 12.15 5.13 29.50
N ILE B 800 12.57 4.62 30.65
CA ILE B 800 12.67 3.19 30.91
C ILE B 800 11.57 2.86 31.92
N ILE B 801 10.54 2.15 31.46
CA ILE B 801 9.34 1.92 32.26
C ILE B 801 9.15 0.42 32.41
N THR B 802 9.03 -0.03 33.65
CA THR B 802 8.71 -1.43 33.90
C THR B 802 7.22 -1.66 33.74
N GLY B 803 6.86 -2.93 33.54
CA GLY B 803 5.44 -3.27 33.42
C GLY B 803 4.65 -2.96 34.68
N SER B 804 5.26 -3.16 35.85
CA SER B 804 4.59 -2.82 37.10
C SER B 804 4.37 -1.32 37.21
N TRP B 805 5.35 -0.53 36.80
CA TRP B 805 5.20 0.92 36.82
C TRP B 805 4.32 1.41 35.68
N LEU B 806 4.34 0.71 34.54
CA LEU B 806 3.44 1.07 33.45
C LEU B 806 1.99 0.96 33.88
N ASN B 807 1.65 -0.11 34.61
CA ASN B 807 0.31 -0.24 35.16
C ASN B 807 0.06 0.83 36.23
N GLU B 808 1.08 1.14 37.03
CA GLU B 808 0.92 2.15 38.07
C GLU B 808 0.65 3.53 37.47
N ILE B 809 1.37 3.91 36.42
CA ILE B 809 1.18 5.23 35.86
C ILE B 809 -0.09 5.31 35.03
N LEU B 810 -0.53 4.20 34.44
CA LEU B 810 -1.72 4.17 33.62
C LEU B 810 -2.96 3.74 34.39
N LEU B 811 -2.85 3.58 35.71
CA LEU B 811 -3.99 3.23 36.56
C LEU B 811 -4.62 1.91 36.14
N GLU B 812 -3.79 0.97 35.68
CA GLU B 812 -4.27 -0.34 35.24
C GLU B 812 -4.05 -1.42 36.27
N LYS B 813 -3.71 -1.06 37.51
CA LYS B 813 -3.62 -2.03 38.59
C LYS B 813 -5.00 -2.57 38.94
N ARG B 833 -28.01 4.62 39.21
CA ARG B 833 -27.58 4.33 40.57
C ARG B 833 -26.13 4.75 40.78
N MET B 834 -25.64 4.61 42.01
CA MET B 834 -24.29 5.08 42.33
C MET B 834 -23.24 4.35 41.49
N ARG B 835 -23.40 3.04 41.29
CA ARG B 835 -22.40 2.28 40.54
C ARG B 835 -22.31 2.79 39.10
N THR B 836 -23.44 3.13 38.49
CA THR B 836 -23.45 3.51 37.08
C THR B 836 -22.57 4.73 36.84
N GLN B 837 -22.94 5.87 37.42
CA GLN B 837 -22.19 7.10 37.17
C GLN B 837 -20.81 7.08 37.81
N SER B 838 -20.60 6.28 38.86
CA SER B 838 -19.29 6.21 39.49
C SER B 838 -18.24 5.68 38.52
N LYS B 839 -18.65 4.88 37.54
CA LYS B 839 -17.70 4.32 36.59
C LYS B 839 -17.22 5.36 35.59
N ARG B 840 -18.04 6.37 35.28
CA ARG B 840 -17.63 7.37 34.29
C ARG B 840 -16.42 8.14 34.77
N ARG B 841 -16.39 8.52 36.05
CA ARG B 841 -15.19 9.17 36.58
C ARG B 841 -14.00 8.22 36.58
N LEU B 842 -14.22 6.96 36.94
CA LEU B 842 -13.13 5.98 36.90
C LEU B 842 -12.63 5.77 35.47
N GLU B 843 -13.55 5.71 34.51
CA GLU B 843 -13.15 5.61 33.11
C GLU B 843 -12.59 6.94 32.61
N ALA B 844 -13.22 8.05 32.99
CA ALA B 844 -12.73 9.36 32.55
C ALA B 844 -11.41 9.70 33.22
N LYS B 845 -11.24 9.34 34.49
CA LYS B 845 -9.97 9.59 35.16
C LYS B 845 -8.84 8.81 34.49
N LYS B 846 -9.10 7.55 34.15
CA LYS B 846 -8.09 6.77 33.44
C LYS B 846 -7.78 7.37 32.09
N GLU B 847 -8.82 7.77 31.35
CA GLU B 847 -8.62 8.28 30.00
C GLU B 847 -7.77 9.54 30.00
N GLN B 848 -7.94 10.40 30.99
CA GLN B 848 -7.06 11.56 31.13
C GLN B 848 -5.63 11.12 31.41
N ARG B 849 -5.46 10.12 32.28
CA ARG B 849 -4.12 9.61 32.57
C ARG B 849 -3.53 8.92 31.35
N GLN B 850 -4.34 8.19 30.58
CA GLN B 850 -3.84 7.54 29.38
C GLN B 850 -3.30 8.56 28.39
N LYS B 851 -3.99 9.71 28.27
CA LYS B 851 -3.56 10.73 27.32
C LYS B 851 -2.32 11.46 27.82
N ASN B 852 -2.24 11.70 29.13
CA ASN B 852 -1.09 12.43 29.67
C ASN B 852 0.20 11.65 29.48
N PHE B 853 0.15 10.33 29.66
CA PHE B 853 1.35 9.52 29.45
C PHE B 853 1.79 9.55 27.99
N VAL B 854 0.83 9.44 27.06
CA VAL B 854 1.18 9.40 25.65
C VAL B 854 1.86 10.71 25.23
N ASP B 855 1.33 11.84 25.71
CA ASP B 855 1.97 13.12 25.45
C ASP B 855 3.36 13.18 26.08
N LEU B 856 3.49 12.63 27.30
CA LEU B 856 4.80 12.57 27.94
C LEU B 856 5.76 11.66 27.18
N ALA B 857 5.31 10.44 26.87
CA ALA B 857 6.19 9.47 26.23
C ALA B 857 6.58 9.93 24.83
N CYS B 858 5.68 10.62 24.13
CA CYS B 858 5.99 11.14 22.80
C CYS B 858 6.81 12.41 22.84
N GLU B 859 7.05 12.96 24.03
CA GLU B 859 7.96 14.08 24.22
C GLU B 859 9.39 13.63 24.45
N CYS B 860 9.64 12.32 24.46
CA CYS B 860 10.95 11.75 24.75
C CYS B 860 11.58 11.22 23.47
N SER B 861 12.91 11.31 23.40
CA SER B 861 13.61 10.82 22.23
C SER B 861 13.43 9.32 22.07
N ALA B 862 13.50 8.56 23.15
CA ALA B 862 13.31 7.12 23.12
C ALA B 862 12.48 6.69 24.32
N VAL B 863 11.73 5.61 24.14
CA VAL B 863 10.93 5.03 25.21
C VAL B 863 11.17 3.53 25.21
N ILE B 864 11.51 2.99 26.37
CA ILE B 864 11.72 1.55 26.55
C ILE B 864 10.76 1.07 27.63
N CYS B 865 9.94 0.09 27.27
CA CYS B 865 9.03 -0.56 28.21
C CYS B 865 9.53 -1.99 28.43
N CYS B 866 9.87 -2.32 29.67
CA CYS B 866 10.43 -3.61 30.03
C CYS B 866 9.52 -4.30 31.05
N ARG B 867 9.63 -5.62 31.10
CA ARG B 867 8.82 -6.42 32.03
C ARG B 867 7.34 -6.26 31.73
N VAL B 868 6.97 -6.08 30.48
CA VAL B 868 5.60 -5.86 30.07
C VAL B 868 5.04 -7.16 29.51
N THR B 869 3.75 -7.38 29.72
CA THR B 869 3.06 -8.55 29.21
C THR B 869 2.76 -8.39 27.73
N PRO B 870 2.44 -9.47 27.03
CA PRO B 870 1.99 -9.33 25.63
C PRO B 870 0.79 -8.42 25.49
N LYS B 871 -0.12 -8.43 26.46
CA LYS B 871 -1.24 -7.50 26.45
C LYS B 871 -0.77 -6.06 26.63
N GLN B 872 0.21 -5.85 27.51
CA GLN B 872 0.74 -4.50 27.73
C GLN B 872 1.43 -3.98 26.49
N LYS B 873 2.15 -4.84 25.76
CA LYS B 873 2.77 -4.42 24.52
C LYS B 873 1.72 -3.87 23.55
N ALA B 874 0.64 -4.63 23.34
CA ALA B 874 -0.43 -4.16 22.48
C ALA B 874 -1.09 -2.92 23.05
N MET B 875 -1.22 -2.85 24.37
CA MET B 875 -1.80 -1.68 25.01
C MET B 875 -1.02 -0.42 24.68
N VAL B 876 0.31 -0.48 24.77
CA VAL B 876 1.13 0.68 24.46
C VAL B 876 0.98 1.08 23.00
N VAL B 877 1.02 0.09 22.10
CA VAL B 877 0.80 0.37 20.68
C VAL B 877 -0.56 1.03 20.49
N ASP B 878 -1.59 0.52 21.18
CA ASP B 878 -2.94 1.04 20.99
C ASP B 878 -3.10 2.45 21.54
N LEU B 879 -2.39 2.78 22.62
CA LEU B 879 -2.47 4.13 23.15
C LEU B 879 -1.94 5.14 22.15
N VAL B 880 -0.84 4.81 21.46
CA VAL B 880 -0.27 5.74 20.50
C VAL B 880 -1.18 5.88 19.28
N LYS B 881 -1.80 4.77 18.85
CA LYS B 881 -2.74 4.85 17.75
C LYS B 881 -3.91 5.76 18.11
N ARG B 882 -4.37 5.70 19.36
CA ARG B 882 -5.55 6.44 19.77
C ARG B 882 -5.23 7.90 20.07
N TYR B 883 -4.33 8.15 21.01
CA TYR B 883 -4.11 9.50 21.51
C TYR B 883 -3.15 10.32 20.65
N LYS B 884 -2.46 9.70 19.70
CA LYS B 884 -1.66 10.43 18.73
C LYS B 884 -2.16 10.29 17.31
N LYS B 885 -3.13 9.41 17.05
CA LYS B 885 -3.68 9.21 15.71
C LYS B 885 -2.57 8.89 14.72
N ALA B 886 -1.57 8.16 15.19
CA ALA B 886 -0.38 7.86 14.43
C ALA B 886 -0.50 6.50 13.74
N ILE B 887 0.28 6.34 12.67
CA ILE B 887 0.43 5.04 12.02
C ILE B 887 1.60 4.33 12.70
N THR B 888 1.33 3.12 13.19
CA THR B 888 2.25 2.39 14.04
C THR B 888 2.73 1.13 13.34
N LEU B 889 4.01 0.82 13.52
CA LEU B 889 4.59 -0.44 13.06
C LEU B 889 5.10 -1.20 14.27
N ALA B 890 4.80 -2.48 14.35
CA ALA B 890 5.28 -3.35 15.42
C ALA B 890 6.08 -4.49 14.79
N ILE B 891 7.30 -4.66 15.27
CA ILE B 891 8.20 -5.69 14.78
C ILE B 891 8.70 -6.51 15.96
N GLY B 892 8.67 -7.82 15.84
CA GLY B 892 9.14 -8.67 16.92
C GLY B 892 9.18 -10.12 16.50
N ASP B 893 9.64 -10.94 17.42
CA ASP B 893 9.70 -12.39 17.24
C ASP B 893 9.15 -13.06 18.49
N GLY B 894 8.66 -14.28 18.33
CA GLY B 894 8.09 -15.02 19.43
C GLY B 894 6.64 -14.65 19.67
N ALA B 895 6.00 -15.46 20.51
CA ALA B 895 4.57 -15.35 20.73
C ALA B 895 4.16 -14.19 21.62
N ASN B 896 5.11 -13.56 22.33
CA ASN B 896 4.78 -12.42 23.16
C ASN B 896 4.66 -11.12 22.38
N ASP B 897 4.98 -11.15 21.08
CA ASP B 897 4.84 -9.99 20.22
C ASP B 897 3.66 -10.11 19.27
N VAL B 898 2.92 -11.22 19.33
CA VAL B 898 1.79 -11.40 18.44
C VAL B 898 0.70 -10.37 18.72
N ASN B 899 0.51 -10.03 20.00
CA ASN B 899 -0.56 -9.11 20.36
C ASN B 899 -0.36 -7.73 19.74
N MET B 900 0.86 -7.18 19.84
CA MET B 900 1.10 -5.87 19.26
C MET B 900 1.30 -5.91 17.75
N ILE B 901 1.71 -7.06 17.22
CA ILE B 901 1.79 -7.21 15.77
C ILE B 901 0.40 -7.16 15.15
N LYS B 902 -0.58 -7.79 15.82
CA LYS B 902 -1.96 -7.73 15.35
C LYS B 902 -2.61 -6.38 15.66
N THR B 903 -2.16 -5.69 16.70
CA THR B 903 -2.73 -4.40 17.04
C THR B 903 -2.25 -3.28 16.12
N ALA B 904 -0.99 -3.34 15.70
CA ALA B 904 -0.39 -2.24 14.97
C ALA B 904 -0.99 -2.13 13.57
N HIS B 905 -0.81 -0.96 12.97
CA HIS B 905 -1.20 -0.77 11.57
C HIS B 905 -0.45 -1.74 10.67
N ILE B 906 0.85 -1.85 10.87
CA ILE B 906 1.70 -2.81 10.17
C ILE B 906 2.40 -3.67 11.21
N GLY B 907 2.34 -4.99 11.01
CA GLY B 907 3.03 -5.91 11.88
C GLY B 907 4.09 -6.68 11.13
N VAL B 908 5.34 -6.61 11.60
CA VAL B 908 6.46 -7.32 10.99
C VAL B 908 6.87 -8.44 11.93
N GLY B 909 7.01 -9.65 11.40
CA GLY B 909 7.45 -10.77 12.19
C GLY B 909 8.84 -11.23 11.79
N ILE B 910 9.80 -11.11 12.70
CA ILE B 910 11.17 -11.51 12.43
C ILE B 910 11.18 -13.02 12.18
N SER B 911 11.45 -13.40 10.94
CA SER B 911 11.50 -14.80 10.53
C SER B 911 12.95 -15.27 10.52
N GLY B 912 13.18 -16.46 9.97
CA GLY B 912 14.51 -17.02 9.87
C GLY B 912 14.94 -17.86 11.05
N GLN B 913 14.26 -17.73 12.19
CA GLN B 913 14.55 -18.53 13.36
C GLN B 913 13.79 -19.86 13.28
N GLU B 914 13.78 -20.59 14.39
CA GLU B 914 13.14 -21.90 14.41
C GLU B 914 11.70 -21.83 14.91
N GLY B 915 11.33 -20.79 15.65
CA GLY B 915 9.96 -20.56 16.06
C GLY B 915 9.31 -19.47 15.22
N MET B 916 8.15 -19.78 14.67
CA MET B 916 7.45 -18.91 13.74
C MET B 916 6.14 -18.39 14.33
N GLN B 917 6.16 -18.01 15.60
CA GLN B 917 4.94 -17.58 16.27
C GLN B 917 4.49 -16.21 15.79
N ALA B 918 5.42 -15.26 15.70
CA ALA B 918 5.08 -13.91 15.25
C ALA B 918 5.00 -13.79 13.74
N VAL B 919 5.52 -14.76 12.99
CA VAL B 919 5.48 -14.67 11.53
C VAL B 919 4.05 -14.88 11.02
N MET B 920 3.32 -15.83 11.61
CA MET B 920 1.99 -16.18 11.10
C MET B 920 1.01 -15.03 11.23
N SER B 921 1.19 -14.16 12.22
CA SER B 921 0.25 -13.09 12.51
C SER B 921 0.69 -11.75 11.94
N SER B 922 1.77 -11.72 11.17
CA SER B 922 2.35 -10.48 10.71
C SER B 922 1.88 -10.14 9.30
N ASP B 923 1.94 -8.85 8.97
CA ASP B 923 1.70 -8.41 7.61
C ASP B 923 2.91 -8.70 6.72
N TYR B 924 4.11 -8.49 7.27
CA TYR B 924 5.36 -8.70 6.55
C TYR B 924 6.28 -9.51 7.43
N SER B 925 7.29 -10.11 6.81
CA SER B 925 8.14 -11.06 7.52
C SER B 925 9.50 -11.11 6.81
N PHE B 926 10.51 -10.48 7.41
CA PHE B 926 11.89 -10.65 6.99
C PHE B 926 12.73 -11.07 8.19
N ALA B 927 13.91 -11.59 7.91
CA ALA B 927 14.74 -12.22 8.93
C ALA B 927 15.51 -11.23 9.80
N GLN B 928 15.99 -10.13 9.23
CA GLN B 928 16.88 -9.21 9.93
C GLN B 928 16.18 -7.89 10.18
N PHE B 929 16.40 -7.34 11.38
CA PHE B 929 15.82 -6.04 11.73
C PHE B 929 16.28 -4.95 10.77
N ARG B 930 17.51 -5.04 10.28
CA ARG B 930 18.06 -4.00 9.40
C ARG B 930 17.31 -3.90 8.08
N TYR B 931 16.57 -4.94 7.69
CA TYR B 931 15.76 -4.88 6.49
C TYR B 931 14.59 -3.93 6.63
N LEU B 932 14.33 -3.43 7.83
CA LEU B 932 13.34 -2.39 8.03
C LEU B 932 13.72 -1.09 7.33
N GLN B 933 14.99 -0.93 6.97
CA GLN B 933 15.41 0.23 6.19
C GLN B 933 14.75 0.21 4.82
N ARG B 934 14.87 -0.90 4.10
CA ARG B 934 14.33 -1.00 2.76
C ARG B 934 12.82 -1.19 2.74
N LEU B 935 12.25 -1.80 3.79
CA LEU B 935 10.80 -1.97 3.83
C LEU B 935 10.10 -0.62 3.85
N LEU B 936 10.65 0.35 4.58
CA LEU B 936 10.05 1.66 4.73
C LEU B 936 10.63 2.69 3.78
N LEU B 937 11.96 2.83 3.75
CA LEU B 937 12.58 3.90 2.98
C LEU B 937 12.49 3.64 1.48
N VAL B 938 12.51 2.38 1.05
CA VAL B 938 12.48 2.06 -0.36
C VAL B 938 11.07 1.60 -0.74
N HIS B 939 10.63 0.49 -0.14
CA HIS B 939 9.39 -0.14 -0.60
C HIS B 939 8.17 0.68 -0.18
N GLY B 940 8.08 1.01 1.11
CA GLY B 940 6.95 1.81 1.57
C GLY B 940 6.96 3.21 1.01
N ARG B 941 8.14 3.83 0.96
CA ARG B 941 8.23 5.19 0.45
C ARG B 941 7.82 5.27 -1.01
N TRP B 942 8.28 4.31 -1.83
CA TRP B 942 7.85 4.27 -3.23
C TRP B 942 6.38 3.87 -3.33
N SER B 943 5.98 2.84 -2.59
CA SER B 943 4.60 2.39 -2.63
C SER B 943 3.63 3.54 -2.35
N TYR B 944 3.99 4.46 -1.48
CA TYR B 944 3.13 5.61 -1.22
C TYR B 944 3.14 6.58 -2.40
N ILE B 945 4.30 6.87 -2.96
CA ILE B 945 4.38 7.75 -4.11
C ILE B 945 3.60 7.16 -5.28
N ARG B 946 3.76 5.85 -5.50
CA ARG B 946 3.13 5.20 -6.64
C ARG B 946 1.62 5.10 -6.46
N MET B 947 1.16 4.83 -5.23
CA MET B 947 -0.26 4.79 -4.98
C MET B 947 -0.89 6.17 -5.18
N CYS B 948 -0.22 7.22 -4.71
CA CYS B 948 -0.77 8.56 -4.84
C CYS B 948 -0.66 9.10 -6.25
N LYS B 949 0.38 8.72 -6.99
CA LYS B 949 0.44 9.06 -8.41
C LYS B 949 -0.69 8.41 -9.17
N PHE B 950 -0.98 7.14 -8.86
CA PHE B 950 -2.08 6.43 -9.51
C PHE B 950 -3.41 7.12 -9.25
N LEU B 951 -3.66 7.51 -8.00
CA LEU B 951 -4.94 8.13 -7.67
C LEU B 951 -5.04 9.53 -8.27
N ARG B 952 -3.93 10.25 -8.33
CA ARG B 952 -3.94 11.59 -8.91
C ARG B 952 -4.35 11.55 -10.37
N TYR B 953 -3.85 10.56 -11.11
CA TYR B 953 -4.18 10.42 -12.52
C TYR B 953 -5.46 9.65 -12.76
N PHE B 954 -5.77 8.67 -11.92
CA PHE B 954 -6.93 7.82 -12.16
C PHE B 954 -8.23 8.61 -12.12
N PHE B 955 -8.34 9.55 -11.17
CA PHE B 955 -9.52 10.40 -11.11
C PHE B 955 -9.47 11.54 -12.12
N TYR B 956 -8.29 11.86 -12.63
CA TYR B 956 -8.18 12.80 -13.75
C TYR B 956 -8.80 12.22 -15.02
N LYS B 957 -8.42 11.00 -15.39
CA LYS B 957 -8.80 10.45 -16.68
C LYS B 957 -10.25 9.99 -16.72
N ASN B 958 -10.91 9.84 -15.58
CA ASN B 958 -12.33 9.51 -15.55
C ASN B 958 -13.21 10.74 -15.60
N PHE B 959 -12.77 11.86 -15.02
CA PHE B 959 -13.50 13.10 -15.15
C PHE B 959 -13.31 13.74 -16.52
N ALA B 960 -12.10 13.65 -17.08
CA ALA B 960 -11.88 14.20 -18.41
C ALA B 960 -12.69 13.47 -19.46
N PHE B 961 -12.99 12.20 -19.23
CA PHE B 961 -13.73 11.37 -20.18
C PHE B 961 -15.24 11.53 -20.01
N THR B 962 -15.72 11.66 -18.78
CA THR B 962 -17.15 11.68 -18.51
C THR B 962 -17.75 13.07 -18.60
N LEU B 963 -17.00 14.10 -18.22
CA LEU B 963 -17.52 15.46 -18.26
C LEU B 963 -17.76 15.97 -19.67
N VAL B 964 -17.29 15.25 -20.68
CA VAL B 964 -17.58 15.64 -22.06
C VAL B 964 -19.07 15.50 -22.35
N HIS B 965 -19.72 14.50 -21.77
CA HIS B 965 -21.17 14.39 -21.87
C HIS B 965 -21.86 15.60 -21.23
N PHE B 966 -21.25 16.16 -20.18
CA PHE B 966 -21.85 17.30 -19.50
C PHE B 966 -21.84 18.54 -20.37
N TRP B 967 -20.73 18.79 -21.07
CA TRP B 967 -20.62 19.96 -21.93
C TRP B 967 -21.42 19.79 -23.21
N TYR B 968 -21.56 18.55 -23.68
CA TYR B 968 -22.36 18.30 -24.88
C TYR B 968 -23.85 18.42 -24.57
N SER B 969 -24.22 18.38 -23.28
CA SER B 969 -25.62 18.52 -22.92
C SER B 969 -26.17 19.89 -23.30
N PHE B 970 -25.33 20.91 -23.31
CA PHE B 970 -25.75 22.26 -23.64
C PHE B 970 -25.93 22.48 -25.14
N PHE B 971 -25.80 21.44 -25.95
CA PHE B 971 -25.97 21.55 -27.39
C PHE B 971 -26.84 20.46 -27.98
N ASN B 972 -27.32 19.50 -27.18
CA ASN B 972 -28.17 18.43 -27.67
C ASN B 972 -29.55 18.47 -27.01
N GLY B 973 -29.91 19.60 -26.40
CA GLY B 973 -31.18 19.71 -25.70
C GLY B 973 -31.22 19.04 -24.34
N TYR B 974 -30.06 18.84 -23.71
CA TYR B 974 -29.98 18.16 -22.41
C TYR B 974 -30.66 16.79 -22.47
N SER B 975 -30.45 16.08 -23.58
CA SER B 975 -31.15 14.84 -23.85
C SER B 975 -30.33 13.60 -23.49
N ALA B 976 -29.16 13.78 -22.85
CA ALA B 976 -28.32 12.67 -22.44
C ALA B 976 -27.87 11.85 -23.65
N GLN B 977 -27.64 12.53 -24.77
CA GLN B 977 -27.02 11.90 -25.93
C GLN B 977 -25.52 11.83 -25.69
N THR B 978 -24.96 10.63 -25.75
CA THR B 978 -23.55 10.45 -25.47
C THR B 978 -22.71 11.18 -26.50
N ALA B 979 -21.60 11.76 -26.05
CA ALA B 979 -20.65 12.40 -26.93
C ALA B 979 -19.66 11.41 -27.55
N TYR B 980 -19.75 10.13 -27.18
CA TYR B 980 -18.88 9.09 -27.70
C TYR B 980 -19.70 7.98 -28.32
N GLU B 981 -19.01 7.10 -29.01
CA GLU B 981 -19.64 5.86 -29.46
C GLU B 981 -20.01 5.00 -28.27
N ASP B 982 -21.04 4.17 -28.44
CA ASP B 982 -21.47 3.30 -27.36
C ASP B 982 -20.36 2.35 -26.94
N TRP B 983 -19.59 1.85 -27.90
CA TRP B 983 -18.54 0.88 -27.62
C TRP B 983 -17.23 1.52 -27.18
N PHE B 984 -17.08 2.85 -27.31
CA PHE B 984 -15.92 3.52 -26.73
C PHE B 984 -16.05 3.63 -25.22
N ILE B 985 -17.27 3.89 -24.74
CA ILE B 985 -17.51 3.92 -23.30
C ILE B 985 -17.32 2.54 -22.70
N THR B 986 -17.62 1.49 -23.47
CA THR B 986 -17.47 0.13 -22.98
C THR B 986 -16.02 -0.21 -22.69
N LEU B 987 -15.10 0.20 -23.57
CA LEU B 987 -13.72 -0.26 -23.53
C LEU B 987 -12.75 0.78 -23.00
N TYR B 988 -13.22 1.99 -22.67
CA TYR B 988 -12.31 3.05 -22.26
C TYR B 988 -11.57 2.70 -20.98
N ASN B 989 -12.30 2.18 -19.98
CA ASN B 989 -11.73 1.98 -18.66
C ASN B 989 -10.99 0.66 -18.51
N VAL B 990 -11.17 -0.28 -19.46
CA VAL B 990 -10.51 -1.56 -19.37
C VAL B 990 -9.41 -1.73 -20.42
N LEU B 991 -9.49 -1.04 -21.55
CA LEU B 991 -8.53 -1.19 -22.64
C LEU B 991 -7.69 0.05 -22.87
N TYR B 992 -8.31 1.22 -23.06
CA TYR B 992 -7.59 2.38 -23.55
C TYR B 992 -6.86 3.14 -22.46
N THR B 993 -7.21 2.93 -21.19
CA THR B 993 -6.60 3.69 -20.11
C THR B 993 -6.30 2.84 -18.88
N SER B 994 -6.33 1.51 -18.99
CA SER B 994 -6.11 0.66 -17.83
C SER B 994 -4.63 0.33 -17.63
N LEU B 995 -3.97 -0.18 -18.68
CA LEU B 995 -2.61 -0.69 -18.51
C LEU B 995 -1.62 0.40 -18.14
N PRO B 996 -1.57 1.56 -18.81
CA PRO B 996 -0.48 2.51 -18.53
C PRO B 996 -0.39 2.95 -17.08
N VAL B 997 -1.53 3.16 -16.41
CA VAL B 997 -1.47 3.63 -15.04
C VAL B 997 -1.12 2.49 -14.09
N LEU B 998 -1.43 1.25 -14.45
CA LEU B 998 -0.98 0.11 -13.66
C LEU B 998 0.54 -0.01 -13.69
N LEU B 999 1.15 0.16 -14.85
CA LEU B 999 2.60 0.04 -14.96
C LEU B 999 3.31 1.16 -14.21
N MET B 1000 2.74 2.36 -14.18
CA MET B 1000 3.32 3.45 -13.40
C MET B 1000 3.25 3.14 -11.91
N GLY B 1001 2.13 2.57 -11.45
CA GLY B 1001 1.97 2.23 -10.05
C GLY B 1001 2.85 1.09 -9.59
N LEU B 1002 3.55 0.43 -10.50
CA LEU B 1002 4.44 -0.67 -10.17
C LEU B 1002 5.90 -0.39 -10.47
N LEU B 1003 6.22 0.66 -11.21
CA LEU B 1003 7.59 0.89 -11.68
C LEU B 1003 8.12 2.28 -11.40
N ASP B 1004 7.29 3.22 -10.98
CA ASP B 1004 7.76 4.60 -10.78
C ASP B 1004 8.79 4.65 -9.67
N GLN B 1005 9.82 5.49 -9.88
CA GLN B 1005 10.83 5.73 -8.86
C GLN B 1005 11.26 7.19 -8.98
N ASP B 1006 11.07 7.97 -7.92
CA ASP B 1006 11.49 9.37 -7.96
C ASP B 1006 13.02 9.48 -7.84
N VAL B 1007 13.63 8.67 -6.98
CA VAL B 1007 15.07 8.57 -6.86
C VAL B 1007 15.43 7.09 -6.78
N SER B 1008 16.73 6.82 -6.77
CA SER B 1008 17.21 5.44 -6.71
C SER B 1008 16.91 4.82 -5.35
N ASP B 1009 16.92 3.49 -5.32
CA ASP B 1009 16.82 2.78 -4.04
C ASP B 1009 18.02 3.07 -3.16
N LYS B 1010 19.21 3.13 -3.76
CA LYS B 1010 20.41 3.48 -3.01
C LYS B 1010 20.40 4.95 -2.62
N LEU B 1011 19.79 5.80 -3.43
CA LEU B 1011 19.70 7.22 -3.15
C LEU B 1011 18.53 7.56 -2.25
N SER B 1012 17.61 6.63 -2.02
CA SER B 1012 16.52 6.80 -1.07
C SER B 1012 16.87 6.27 0.32
N LEU B 1013 17.85 5.37 0.42
CA LEU B 1013 18.42 5.04 1.71
C LEU B 1013 19.37 6.13 2.19
N ARG B 1014 20.12 6.72 1.26
CA ARG B 1014 21.05 7.80 1.61
C ARG B 1014 20.34 9.04 2.11
N PHE B 1015 19.08 9.23 1.73
CA PHE B 1015 18.29 10.39 2.12
C PHE B 1015 16.99 9.90 2.74
N PRO B 1016 17.02 9.49 4.01
CA PRO B 1016 15.78 9.09 4.68
C PRO B 1016 14.80 10.24 4.83
N GLY B 1017 15.25 11.48 4.66
CA GLY B 1017 14.36 12.63 4.77
C GLY B 1017 13.28 12.65 3.72
N LEU B 1018 13.41 11.86 2.65
CA LEU B 1018 12.35 11.75 1.66
C LEU B 1018 11.14 11.01 2.20
N TYR B 1019 11.30 10.27 3.31
CA TYR B 1019 10.19 9.50 3.87
C TYR B 1019 9.13 10.41 4.48
N ILE B 1020 9.53 11.56 5.00
CA ILE B 1020 8.60 12.43 5.71
C ILE B 1020 7.47 12.91 4.81
N VAL B 1021 7.62 12.78 3.49
CA VAL B 1021 6.58 13.25 2.57
C VAL B 1021 5.29 12.48 2.81
N GLY B 1022 5.38 11.16 2.99
CA GLY B 1022 4.21 10.33 3.20
C GLY B 1022 3.69 10.29 4.61
N GLN B 1023 4.52 10.63 5.60
CA GLN B 1023 4.03 10.72 6.97
C GLN B 1023 2.99 11.81 7.11
N ARG B 1024 3.23 12.97 6.49
CA ARG B 1024 2.33 14.09 6.59
C ARG B 1024 1.17 14.02 5.60
N ASP B 1025 1.10 12.96 4.80
CA ASP B 1025 0.03 12.81 3.81
C ASP B 1025 0.02 14.00 2.87
N LEU B 1026 1.15 14.23 2.21
CA LEU B 1026 1.32 15.40 1.36
C LEU B 1026 1.04 15.12 -0.11
N LEU B 1027 1.18 13.87 -0.56
CA LEU B 1027 1.02 13.56 -1.98
C LEU B 1027 -0.41 13.24 -2.37
N PHE B 1028 -1.31 13.04 -1.42
CA PHE B 1028 -2.72 12.83 -1.79
C PHE B 1028 -3.59 13.22 -0.59
N ASN B 1029 -4.15 14.42 -0.66
CA ASN B 1029 -5.09 14.96 0.32
C ASN B 1029 -6.50 14.84 -0.24
N TYR B 1030 -7.45 15.45 0.45
CA TYR B 1030 -8.70 15.82 -0.20
C TYR B 1030 -8.48 16.98 -1.16
N LYS B 1031 -7.48 17.83 -0.89
CA LYS B 1031 -7.17 18.93 -1.80
C LYS B 1031 -6.53 18.42 -3.07
N ARG B 1032 -5.57 17.50 -2.96
CA ARG B 1032 -5.00 16.89 -4.16
C ARG B 1032 -6.04 16.13 -4.94
N PHE B 1033 -7.07 15.63 -4.26
CA PHE B 1033 -8.15 14.92 -4.94
C PHE B 1033 -8.99 15.87 -5.77
N PHE B 1034 -9.39 17.01 -5.19
CA PHE B 1034 -10.21 17.96 -5.91
C PHE B 1034 -9.42 18.70 -6.99
N VAL B 1035 -8.10 18.81 -6.83
CA VAL B 1035 -7.29 19.42 -7.88
C VAL B 1035 -7.21 18.52 -9.10
N SER B 1036 -7.23 17.20 -8.90
CA SER B 1036 -7.27 16.28 -10.04
C SER B 1036 -8.64 16.23 -10.69
N LEU B 1037 -9.70 16.49 -9.91
CA LEU B 1037 -11.03 16.65 -10.50
C LEU B 1037 -11.13 17.94 -11.28
N LEU B 1038 -10.54 19.02 -10.77
CA LEU B 1038 -10.47 20.25 -11.56
C LEU B 1038 -9.62 20.06 -12.80
N HIS B 1039 -8.56 19.26 -12.69
CA HIS B 1039 -7.75 18.94 -13.87
C HIS B 1039 -8.57 18.20 -14.91
N GLY B 1040 -9.39 17.24 -14.48
CA GLY B 1040 -10.23 16.52 -15.41
C GLY B 1040 -11.37 17.37 -15.95
N VAL B 1041 -11.88 18.28 -15.13
CA VAL B 1041 -12.95 19.17 -15.58
C VAL B 1041 -12.44 20.11 -16.67
N LEU B 1042 -11.27 20.71 -16.46
CA LEU B 1042 -10.72 21.62 -17.45
C LEU B 1042 -10.26 20.90 -18.71
N THR B 1043 -9.81 19.65 -18.56
CA THR B 1043 -9.43 18.86 -19.73
C THR B 1043 -10.65 18.54 -20.59
N SER B 1044 -11.79 18.24 -19.94
CA SER B 1044 -12.99 17.92 -20.70
C SER B 1044 -13.57 19.15 -21.40
N MET B 1045 -13.35 20.34 -20.85
CA MET B 1045 -13.78 21.55 -21.53
C MET B 1045 -13.04 21.72 -22.85
N ILE B 1046 -11.72 21.54 -22.83
CA ILE B 1046 -10.93 21.65 -24.05
C ILE B 1046 -11.20 20.48 -24.98
N LEU B 1047 -11.37 19.29 -24.41
CA LEU B 1047 -11.64 18.12 -25.24
C LEU B 1047 -12.95 18.22 -25.99
N PHE B 1048 -13.82 19.14 -25.60
CA PHE B 1048 -15.11 19.32 -26.26
C PHE B 1048 -15.21 20.64 -27.01
N PHE B 1049 -14.77 21.74 -26.40
CA PHE B 1049 -15.00 23.06 -26.98
C PHE B 1049 -13.98 23.45 -28.05
N ILE B 1050 -12.87 22.72 -28.17
CA ILE B 1050 -11.97 22.91 -29.30
C ILE B 1050 -12.57 22.18 -30.50
N PRO B 1051 -12.93 20.89 -30.38
CA PRO B 1051 -13.67 20.26 -31.49
C PRO B 1051 -14.97 20.98 -31.83
N LEU B 1052 -15.68 21.51 -30.85
CA LEU B 1052 -16.93 22.21 -31.14
C LEU B 1052 -16.68 23.46 -31.97
N GLY B 1053 -15.60 24.19 -31.68
CA GLY B 1053 -15.29 25.36 -32.49
C GLY B 1053 -15.00 25.00 -33.94
N ALA B 1054 -14.23 23.93 -34.15
CA ALA B 1054 -13.96 23.47 -35.50
C ALA B 1054 -15.23 23.01 -36.19
N TYR B 1055 -16.07 22.24 -35.50
CA TYR B 1055 -17.28 21.68 -36.09
C TYR B 1055 -18.38 22.71 -36.27
N LEU B 1056 -18.36 23.81 -35.52
CA LEU B 1056 -19.30 24.89 -35.77
C LEU B 1056 -19.05 25.54 -37.13
N GLN B 1057 -17.89 25.30 -37.72
CA GLN B 1057 -17.53 25.80 -39.03
C GLN B 1057 -17.24 24.62 -39.96
N THR B 1058 -16.73 24.91 -41.15
CA THR B 1058 -16.48 23.88 -42.13
C THR B 1058 -15.30 23.02 -41.70
N VAL B 1059 -15.52 21.71 -41.60
CA VAL B 1059 -14.46 20.76 -41.30
C VAL B 1059 -14.47 19.74 -42.44
N GLY B 1060 -13.68 20.02 -43.48
CA GLY B 1060 -13.54 19.12 -44.61
C GLY B 1060 -14.85 18.79 -45.30
N GLN B 1061 -15.58 19.80 -45.77
CA GLN B 1061 -16.89 19.58 -46.36
C GLN B 1061 -16.75 19.25 -47.85
N ASP B 1062 -16.96 17.99 -48.19
CA ASP B 1062 -17.16 17.51 -49.54
C ASP B 1062 -18.09 16.31 -49.45
N GLY B 1063 -18.11 15.47 -50.48
CA GLY B 1063 -18.96 14.29 -50.44
C GLY B 1063 -18.71 13.43 -49.21
N GLU B 1064 -17.44 13.21 -48.88
CA GLU B 1064 -17.05 12.44 -47.70
C GLU B 1064 -16.78 13.36 -46.50
N ALA B 1065 -17.73 14.23 -46.18
CA ALA B 1065 -17.52 15.23 -45.15
C ALA B 1065 -17.78 14.65 -43.76
N PRO B 1066 -16.81 14.68 -42.83
CA PRO B 1066 -17.08 14.25 -41.45
C PRO B 1066 -17.53 15.38 -40.54
N SER B 1067 -18.71 15.94 -40.82
CA SER B 1067 -19.28 17.01 -40.03
C SER B 1067 -20.48 16.54 -39.21
N ASP B 1068 -20.61 15.24 -38.99
CA ASP B 1068 -21.75 14.66 -38.32
C ASP B 1068 -21.40 14.33 -36.88
N TYR B 1069 -22.41 13.84 -36.15
CA TYR B 1069 -22.20 13.49 -34.74
C TYR B 1069 -21.16 12.39 -34.60
N GLN B 1070 -21.23 11.37 -35.46
CA GLN B 1070 -20.31 10.25 -35.35
C GLN B 1070 -18.87 10.70 -35.55
N SER B 1071 -18.63 11.54 -36.56
CA SER B 1071 -17.30 12.11 -36.74
C SER B 1071 -16.92 13.00 -35.55
N PHE B 1072 -17.89 13.76 -35.04
CA PHE B 1072 -17.67 14.55 -33.83
C PHE B 1072 -17.30 13.66 -32.66
N ALA B 1073 -18.01 12.54 -32.50
CA ALA B 1073 -17.72 11.60 -31.42
C ALA B 1073 -16.34 10.97 -31.59
N VAL B 1074 -15.98 10.60 -32.81
CA VAL B 1074 -14.68 9.98 -33.05
C VAL B 1074 -13.55 10.97 -32.79
N THR B 1075 -13.75 12.24 -33.17
CA THR B 1075 -12.71 13.23 -32.96
C THR B 1075 -12.43 13.46 -31.49
N ILE B 1076 -13.47 13.57 -30.67
CA ILE B 1076 -13.27 13.81 -29.24
C ILE B 1076 -12.68 12.60 -28.56
N ALA B 1077 -13.13 11.39 -28.94
CA ALA B 1077 -12.57 10.18 -28.38
C ALA B 1077 -11.11 10.01 -28.78
N SER B 1078 -10.73 10.45 -29.99
CA SER B 1078 -9.34 10.35 -30.42
C SER B 1078 -8.46 11.29 -29.63
N ALA B 1079 -8.88 12.55 -29.47
CA ALA B 1079 -8.09 13.51 -28.70
C ALA B 1079 -8.02 13.10 -27.24
N LEU B 1080 -9.10 12.57 -26.69
CA LEU B 1080 -9.10 12.14 -25.29
C LEU B 1080 -8.09 11.03 -25.05
N VAL B 1081 -8.05 10.04 -25.93
CA VAL B 1081 -7.15 8.91 -25.73
C VAL B 1081 -5.69 9.35 -25.82
N ILE B 1082 -5.38 10.23 -26.79
CA ILE B 1082 -4.02 10.73 -26.90
C ILE B 1082 -3.66 11.59 -25.70
N THR B 1083 -4.62 12.41 -25.23
CA THR B 1083 -4.32 13.33 -24.13
C THR B 1083 -4.10 12.59 -22.82
N VAL B 1084 -4.99 11.66 -22.48
CA VAL B 1084 -4.88 10.99 -21.19
C VAL B 1084 -3.73 10.01 -21.16
N ASN B 1085 -3.26 9.54 -22.32
CA ASN B 1085 -2.10 8.68 -22.39
C ASN B 1085 -0.80 9.47 -22.50
N PHE B 1086 -0.86 10.73 -22.90
CA PHE B 1086 0.29 11.62 -22.83
C PHE B 1086 0.42 12.27 -21.46
N GLN B 1087 -0.66 12.35 -20.70
CA GLN B 1087 -0.57 12.85 -19.33
C GLN B 1087 0.14 11.85 -18.43
N ILE B 1088 -0.16 10.55 -18.60
CA ILE B 1088 0.50 9.53 -17.80
C ILE B 1088 1.98 9.45 -18.14
N GLY B 1089 2.38 9.92 -19.33
CA GLY B 1089 3.80 10.02 -19.64
C GLY B 1089 4.46 11.24 -19.02
N LEU B 1090 3.70 12.31 -18.80
CA LEU B 1090 4.20 13.44 -18.03
C LEU B 1090 4.27 13.12 -16.55
N ASP B 1091 3.37 12.28 -16.06
CA ASP B 1091 3.39 11.87 -14.65
C ASP B 1091 4.51 10.89 -14.39
N THR B 1092 4.74 9.97 -15.32
CA THR B 1092 5.82 8.99 -15.16
C THR B 1092 7.16 9.68 -15.07
N SER B 1093 7.97 9.27 -14.09
CA SER B 1093 9.35 9.71 -13.97
C SER B 1093 10.35 8.61 -14.27
N TYR B 1094 9.93 7.35 -14.23
CA TYR B 1094 10.77 6.19 -14.50
C TYR B 1094 10.27 5.58 -15.81
N TRP B 1095 10.80 6.07 -16.93
CA TRP B 1095 10.30 5.71 -18.26
C TRP B 1095 10.95 4.42 -18.72
N THR B 1096 10.33 3.30 -18.36
CA THR B 1096 10.79 2.00 -18.82
C THR B 1096 10.25 1.73 -20.23
N PHE B 1097 10.78 0.68 -20.86
CA PHE B 1097 10.27 0.26 -22.16
C PHE B 1097 8.81 -0.17 -22.05
N VAL B 1098 8.47 -0.91 -21.00
CA VAL B 1098 7.08 -1.31 -20.81
C VAL B 1098 6.19 -0.10 -20.55
N ASN B 1099 6.71 0.91 -19.86
CA ASN B 1099 5.95 2.15 -19.68
C ASN B 1099 5.69 2.83 -21.01
N ALA B 1100 6.72 2.91 -21.86
CA ALA B 1100 6.53 3.49 -23.19
C ALA B 1100 5.61 2.62 -24.03
N PHE B 1101 5.77 1.31 -23.96
CA PHE B 1101 4.94 0.41 -24.77
C PHE B 1101 3.47 0.53 -24.40
N SER B 1102 3.17 0.61 -23.10
CA SER B 1102 1.78 0.71 -22.68
C SER B 1102 1.15 2.03 -23.10
N ILE B 1103 1.92 3.11 -23.04
CA ILE B 1103 1.36 4.43 -23.38
C ILE B 1103 1.02 4.49 -24.87
N PHE B 1104 1.92 4.03 -25.72
CA PHE B 1104 1.66 4.06 -27.15
C PHE B 1104 0.87 2.85 -27.61
N GLY B 1105 0.99 1.72 -26.91
CA GLY B 1105 0.13 0.58 -27.21
C GLY B 1105 -1.32 0.86 -26.90
N SER B 1106 -1.59 1.62 -25.83
CA SER B 1106 -2.95 1.97 -25.50
C SER B 1106 -3.56 2.89 -26.56
N ILE B 1107 -2.78 3.86 -27.04
CA ILE B 1107 -3.25 4.72 -28.13
C ILE B 1107 -3.40 3.91 -29.41
N ALA B 1108 -2.47 3.00 -29.67
CA ALA B 1108 -2.54 2.18 -30.87
C ALA B 1108 -3.69 1.18 -30.78
N LEU B 1109 -3.97 0.68 -29.58
CA LEU B 1109 -5.07 -0.29 -29.42
C LEU B 1109 -6.41 0.37 -29.66
N TYR B 1110 -6.57 1.64 -29.26
CA TYR B 1110 -7.82 2.34 -29.51
C TYR B 1110 -8.07 2.49 -31.00
N PHE B 1111 -7.06 2.92 -31.76
CA PHE B 1111 -7.22 3.08 -33.19
C PHE B 1111 -7.43 1.74 -33.88
N GLY B 1112 -6.72 0.71 -33.44
CA GLY B 1112 -6.89 -0.60 -34.05
C GLY B 1112 -8.29 -1.16 -33.87
N ILE B 1113 -8.81 -1.09 -32.65
CA ILE B 1113 -10.15 -1.60 -32.39
C ILE B 1113 -11.20 -0.72 -33.05
N MET B 1114 -11.01 0.59 -33.02
CA MET B 1114 -12.00 1.50 -33.60
C MET B 1114 -12.19 1.23 -35.09
N PHE B 1115 -11.09 1.07 -35.82
CA PHE B 1115 -11.19 0.78 -37.25
C PHE B 1115 -11.81 -0.59 -37.48
N ASP B 1116 -11.66 -1.51 -36.54
CA ASP B 1116 -12.30 -2.82 -36.67
C ASP B 1116 -13.80 -2.74 -36.41
N PHE B 1117 -14.21 -1.91 -35.45
CA PHE B 1117 -15.64 -1.72 -35.20
C PHE B 1117 -16.30 -0.93 -36.32
N HIS B 1118 -15.61 0.06 -36.87
CA HIS B 1118 -16.14 0.89 -37.96
C HIS B 1118 -15.82 0.28 -39.31
N SER B 1119 -16.14 -1.00 -39.48
CA SER B 1119 -15.78 -1.74 -40.68
C SER B 1119 -17.02 -2.37 -41.31
N ALA B 1120 -16.96 -2.56 -42.63
CA ALA B 1120 -18.09 -3.14 -43.35
C ALA B 1120 -18.33 -4.58 -42.92
N GLY B 1121 -17.27 -5.35 -42.69
CA GLY B 1121 -17.42 -6.76 -42.41
C GLY B 1121 -18.27 -7.03 -41.17
N ILE B 1122 -18.03 -6.26 -40.10
CA ILE B 1122 -18.76 -6.50 -38.86
C ILE B 1122 -20.17 -5.93 -38.92
N HIS B 1123 -20.37 -4.86 -39.69
CA HIS B 1123 -21.70 -4.26 -39.79
C HIS B 1123 -22.69 -5.22 -40.42
N VAL B 1124 -22.26 -5.95 -41.46
CA VAL B 1124 -23.16 -6.88 -42.14
C VAL B 1124 -23.66 -7.95 -41.19
N LEU B 1125 -22.79 -8.40 -40.28
CA LEU B 1125 -23.18 -9.45 -39.34
C LEU B 1125 -24.34 -9.01 -38.46
N PHE B 1126 -24.29 -7.78 -37.96
CA PHE B 1126 -25.34 -7.26 -37.09
C PHE B 1126 -25.33 -5.73 -37.10
N PRO B 1127 -26.13 -5.10 -37.97
CA PRO B 1127 -26.10 -3.63 -38.06
C PRO B 1127 -26.53 -2.92 -36.79
N SER B 1128 -27.32 -3.59 -35.94
CA SER B 1128 -27.93 -2.89 -34.81
C SER B 1128 -26.89 -2.41 -33.80
N ALA B 1129 -25.94 -3.27 -33.46
CA ALA B 1129 -25.01 -2.95 -32.38
C ALA B 1129 -24.02 -1.87 -32.79
N PHE B 1130 -23.45 -1.99 -33.98
CA PHE B 1130 -22.38 -1.10 -34.45
C PHE B 1130 -22.98 -0.09 -35.42
N GLN B 1131 -23.07 1.17 -34.97
CA GLN B 1131 -23.69 2.23 -35.74
C GLN B 1131 -22.68 3.16 -36.41
N PHE B 1132 -21.39 3.04 -36.08
CA PHE B 1132 -20.36 3.97 -36.53
C PHE B 1132 -19.59 3.43 -37.73
N THR B 1133 -20.24 2.66 -38.58
CA THR B 1133 -19.55 2.07 -39.73
C THR B 1133 -18.99 3.15 -40.64
N GLY B 1134 -17.69 3.05 -40.93
CA GLY B 1134 -17.04 3.96 -41.85
C GLY B 1134 -16.72 5.33 -41.29
N THR B 1135 -16.99 5.57 -40.00
CA THR B 1135 -16.77 6.90 -39.44
C THR B 1135 -15.28 7.17 -39.25
N ALA B 1136 -14.53 6.21 -38.72
CA ALA B 1136 -13.12 6.43 -38.44
C ALA B 1136 -12.34 6.69 -39.74
N SER B 1137 -12.63 5.91 -40.78
CA SER B 1137 -11.94 6.09 -42.05
C SER B 1137 -12.16 7.48 -42.61
N ASN B 1138 -13.41 7.96 -42.58
CA ASN B 1138 -13.72 9.28 -43.13
C ASN B 1138 -13.15 10.37 -42.24
N ALA B 1139 -13.37 10.29 -40.93
CA ALA B 1139 -13.01 11.39 -40.04
C ALA B 1139 -11.50 11.58 -39.97
N LEU B 1140 -10.75 10.50 -39.88
CA LEU B 1140 -9.31 10.60 -39.64
C LEU B 1140 -8.51 10.83 -40.92
N ARG B 1141 -9.17 10.89 -42.07
CA ARG B 1141 -8.51 11.24 -43.32
C ARG B 1141 -8.47 12.72 -43.60
N GLN B 1142 -9.16 13.54 -42.80
CA GLN B 1142 -9.23 14.97 -43.08
C GLN B 1142 -8.12 15.72 -42.35
N PRO B 1143 -7.42 16.65 -43.01
CA PRO B 1143 -6.41 17.45 -42.28
C PRO B 1143 -6.99 18.26 -41.13
N TYR B 1144 -8.20 18.82 -41.28
CA TYR B 1144 -8.79 19.58 -40.18
C TYR B 1144 -9.10 18.69 -38.99
N ILE B 1145 -9.52 17.45 -39.20
CA ILE B 1145 -9.79 16.56 -38.09
C ILE B 1145 -8.51 16.31 -37.30
N TRP B 1146 -7.39 16.07 -37.99
CA TRP B 1146 -6.12 15.88 -37.31
C TRP B 1146 -5.56 17.20 -36.79
N LEU B 1147 -5.77 18.30 -37.52
CA LEU B 1147 -5.39 19.60 -36.99
C LEU B 1147 -6.20 19.96 -35.75
N THR B 1148 -7.44 19.49 -35.67
CA THR B 1148 -8.24 19.70 -34.48
C THR B 1148 -7.80 18.80 -33.33
N ILE B 1149 -7.48 17.53 -33.63
CA ILE B 1149 -7.01 16.62 -32.59
C ILE B 1149 -5.67 17.08 -32.04
N ILE B 1150 -4.77 17.52 -32.92
CA ILE B 1150 -3.47 17.99 -32.46
C ILE B 1150 -3.61 19.22 -31.59
N LEU B 1151 -4.45 20.17 -32.01
CA LEU B 1151 -4.63 21.40 -31.24
C LEU B 1151 -5.23 21.09 -29.87
N THR B 1152 -6.19 20.17 -29.80
CA THR B 1152 -6.81 19.82 -28.54
C THR B 1152 -5.80 19.21 -27.57
N VAL B 1153 -4.97 18.30 -28.06
CA VAL B 1153 -3.98 17.67 -27.20
C VAL B 1153 -2.97 18.71 -26.72
N ALA B 1154 -2.52 19.59 -27.60
CA ALA B 1154 -1.53 20.58 -27.21
C ALA B 1154 -2.07 21.51 -26.14
N VAL B 1155 -3.31 21.96 -26.28
CA VAL B 1155 -3.89 22.89 -25.30
C VAL B 1155 -4.16 22.17 -23.99
N CYS B 1156 -4.36 20.85 -24.02
CA CYS B 1156 -4.57 20.10 -22.80
C CYS B 1156 -3.28 19.88 -22.03
N LEU B 1157 -2.16 19.74 -22.73
CA LEU B 1157 -0.90 19.34 -22.11
C LEU B 1157 0.09 20.47 -21.92
N LEU B 1158 0.10 21.46 -22.80
CA LEU B 1158 1.05 22.56 -22.67
C LEU B 1158 0.90 23.30 -21.34
N PRO B 1159 -0.30 23.68 -20.89
CA PRO B 1159 -0.42 24.29 -19.57
C PRO B 1159 0.05 23.39 -18.44
N VAL B 1160 -0.09 22.07 -18.59
CA VAL B 1160 0.35 21.15 -17.55
C VAL B 1160 1.87 21.14 -17.48
N VAL B 1161 2.54 21.15 -18.63
CA VAL B 1161 4.00 21.14 -18.65
C VAL B 1161 4.55 22.41 -18.03
N ALA B 1162 3.94 23.56 -18.34
CA ALA B 1162 4.40 24.81 -17.75
C ALA B 1162 4.22 24.83 -16.24
N ILE B 1163 3.07 24.32 -15.76
CA ILE B 1163 2.84 24.28 -14.32
C ILE B 1163 3.82 23.34 -13.65
N ARG B 1164 4.05 22.18 -14.24
CA ARG B 1164 4.99 21.23 -13.65
C ARG B 1164 6.41 21.81 -13.62
N PHE B 1165 6.79 22.52 -14.68
CA PHE B 1165 8.12 23.13 -14.71
C PHE B 1165 8.23 24.28 -13.72
N LEU B 1166 7.23 25.17 -13.70
CA LEU B 1166 7.26 26.28 -12.77
C LEU B 1166 7.25 25.79 -11.33
N SER B 1167 6.41 24.80 -11.03
CA SER B 1167 6.37 24.25 -9.67
C SER B 1167 7.72 23.62 -9.31
N MET B 1168 8.36 22.95 -10.27
CA MET B 1168 9.66 22.35 -9.99
C MET B 1168 10.77 23.39 -9.91
N THR B 1169 10.60 24.54 -10.57
CA THR B 1169 11.66 25.54 -10.59
C THR B 1169 11.60 26.44 -9.37
N ILE B 1170 10.39 26.76 -8.90
CA ILE B 1170 10.22 27.70 -7.80
C ILE B 1170 10.09 26.97 -6.47
N TRP B 1171 9.39 25.83 -6.45
CA TRP B 1171 9.18 25.05 -5.23
C TRP B 1171 9.59 23.60 -5.48
N PRO B 1172 10.87 23.36 -5.76
CA PRO B 1172 11.32 21.98 -5.96
C PRO B 1172 11.14 21.15 -4.69
N SER B 1173 10.77 19.89 -4.88
CA SER B 1173 10.63 18.98 -3.76
C SER B 1173 11.99 18.43 -3.35
N GLU B 1174 12.00 17.58 -2.33
CA GLU B 1174 13.25 16.96 -1.92
C GLU B 1174 13.78 16.02 -2.99
N SER B 1175 12.88 15.29 -3.65
CA SER B 1175 13.30 14.44 -4.77
C SER B 1175 13.88 15.29 -5.90
N ASP B 1176 13.26 16.42 -6.19
CA ASP B 1176 13.75 17.28 -7.26
C ASP B 1176 15.16 17.78 -6.94
N LYS B 1177 15.40 18.21 -5.70
CA LYS B 1177 16.71 18.71 -5.33
C LYS B 1177 17.76 17.61 -5.44
N ILE B 1178 17.42 16.39 -5.02
CA ILE B 1178 18.39 15.30 -5.08
C ILE B 1178 18.72 14.95 -6.53
N GLN B 1179 17.72 14.98 -7.41
CA GLN B 1179 17.96 14.63 -8.80
C GLN B 1179 18.82 15.68 -9.49
N LYS B 1180 18.66 16.96 -9.13
CA LYS B 1180 19.47 18.00 -9.74
C LYS B 1180 20.94 17.82 -9.44
N HIS B 1181 21.27 17.49 -8.19
CA HIS B 1181 22.64 17.28 -7.76
C HIS B 1181 22.98 15.80 -7.60
N ARG B 1182 22.29 14.93 -8.34
CA ARG B 1182 22.55 13.50 -8.22
C ARG B 1182 23.97 13.15 -8.63
N LYS B 1183 24.45 13.75 -9.72
CA LYS B 1183 25.80 13.45 -10.20
C LYS B 1183 26.88 14.17 -9.41
N ARG B 1184 26.52 15.14 -8.58
CA ARG B 1184 27.47 15.90 -7.78
C ARG B 1184 27.47 15.47 -6.32
N LEU B 1185 26.95 14.28 -6.02
CA LEU B 1185 26.91 13.74 -4.67
C LEU B 1185 27.90 12.59 -4.57
N LYS B 1186 28.91 12.75 -3.72
CA LYS B 1186 29.90 11.69 -3.52
C LYS B 1186 30.27 11.46 -2.06
N ALA B 1187 29.93 12.35 -1.14
CA ALA B 1187 30.32 12.21 0.26
C ALA B 1187 29.21 11.46 1.00
N GLU B 1188 29.43 10.18 1.27
CA GLU B 1188 28.51 9.35 2.06
C GLU B 1188 29.38 8.54 3.02
N GLU B 1189 29.61 9.09 4.21
CA GLU B 1189 30.40 8.41 5.22
C GLU B 1189 29.54 7.38 5.94
N GLN B 1190 30.09 6.19 6.14
CA GLN B 1190 29.35 5.13 6.79
C GLN B 1190 29.08 5.49 8.25
N TRP B 1191 28.04 4.86 8.80
CA TRP B 1191 27.69 5.09 10.19
C TRP B 1191 28.84 4.64 11.10
N GLN B 1192 29.06 5.41 12.16
CA GLN B 1192 30.12 5.11 13.12
C GLN B 1192 29.61 5.32 14.53
N ARG B 1193 29.93 4.37 15.41
CA ARG B 1193 29.59 4.51 16.82
C ARG B 1193 30.40 5.63 17.44
N ARG B 1194 29.83 6.26 18.48
CA ARG B 1194 30.54 7.30 19.22
C ARG B 1194 31.65 6.63 20.01
N GLN B 1195 32.87 6.69 19.45
CA GLN B 1195 33.96 5.86 19.98
C GLN B 1195 34.34 6.25 21.40
N GLN B 1196 34.38 7.55 21.70
CA GLN B 1196 34.87 8.02 22.99
C GLN B 1196 34.02 9.18 23.47
N VAL B 1197 33.46 9.03 24.66
CA VAL B 1197 32.71 10.10 25.32
C VAL B 1197 33.20 10.26 26.75
N PHE B 1198 34.44 9.83 27.01
CA PHE B 1198 34.98 9.84 28.36
C PHE B 1198 35.10 11.26 28.90
N ARG B 1199 34.97 11.39 30.22
CA ARG B 1199 35.07 12.68 30.88
C ARG B 1199 35.58 12.45 32.30
N ARG B 1200 35.94 13.55 32.95
CA ARG B 1200 36.44 13.53 34.32
C ARG B 1200 35.62 14.48 35.18
N GLY B 1201 35.41 14.11 36.44
CA GLY B 1201 34.64 14.93 37.36
C GLY B 1201 33.70 14.12 38.23
N VAL B 1202 33.23 13.00 37.70
CA VAL B 1202 32.32 12.11 38.42
C VAL B 1202 32.94 10.72 38.46
N SER B 1203 33.08 10.17 39.66
CA SER B 1203 33.61 8.82 39.80
C SER B 1203 32.69 7.79 39.16
N THR B 1204 31.38 7.94 39.37
CA THR B 1204 30.38 7.02 38.81
C THR B 1204 29.20 7.84 38.34
N ARG B 1205 28.88 7.72 37.04
CA ARG B 1205 27.72 8.39 36.47
C ARG B 1205 26.61 7.44 36.07
N ARG B 1206 26.93 6.18 35.78
CA ARG B 1206 25.93 5.20 35.39
C ARG B 1206 26.47 3.81 35.65
N SER B 1207 25.62 2.93 36.16
CA SER B 1207 25.98 1.55 36.43
C SER B 1207 25.55 0.69 35.24
N ALA B 1208 26.52 0.05 34.59
CA ALA B 1208 26.26 -0.80 33.45
C ALA B 1208 26.04 -2.25 33.85
N TYR B 1209 25.65 -2.50 35.09
CA TYR B 1209 25.42 -3.86 35.55
C TYR B 1209 24.22 -4.47 34.83
N ALA B 1210 24.37 -5.72 34.42
CA ALA B 1210 23.27 -6.50 33.87
C ALA B 1210 23.61 -7.98 34.07
N PHE B 1211 22.62 -8.76 34.50
CA PHE B 1211 22.86 -10.18 34.76
C PHE B 1211 21.53 -10.90 34.67
N SER B 1212 21.35 -11.72 33.65
CA SER B 1212 20.15 -12.52 33.49
C SER B 1212 20.34 -13.87 34.17
N HIS B 1213 19.52 -14.14 35.20
CA HIS B 1213 19.67 -15.33 36.02
C HIS B 1213 18.49 -15.37 36.97
N GLN B 1214 18.37 -16.47 37.72
CA GLN B 1214 17.27 -16.65 38.66
C GLN B 1214 17.74 -17.39 39.90
N ARG B 1215 16.87 -17.41 40.90
CA ARG B 1215 17.09 -18.18 42.12
C ARG B 1215 17.02 -19.67 41.84
N GLY B 1216 17.34 -20.46 42.86
CA GLY B 1216 17.05 -21.86 42.88
C GLY B 1216 18.12 -22.77 42.31
N TYR B 1217 19.06 -22.23 41.53
CA TYR B 1217 20.08 -23.07 40.95
C TYR B 1217 21.09 -23.51 42.01
N ALA B 1218 21.49 -22.61 42.90
CA ALA B 1218 22.42 -22.99 43.95
C ALA B 1218 21.84 -24.09 44.82
N ASP B 1219 20.53 -24.04 45.08
CA ASP B 1219 19.87 -25.09 45.84
C ASP B 1219 19.85 -26.42 45.09
N LEU B 1220 19.93 -26.39 43.76
CA LEU B 1220 19.98 -27.64 43.01
C LEU B 1220 21.34 -28.33 43.15
N ILE B 1221 22.43 -27.57 43.05
CA ILE B 1221 23.75 -28.15 43.30
C ILE B 1221 23.94 -28.44 44.78
N SER B 1222 23.45 -27.56 45.66
CA SER B 1222 23.60 -27.79 47.09
C SER B 1222 23.04 -29.14 47.49
N SER B 1223 21.86 -29.48 46.98
CA SER B 1223 21.32 -30.83 47.07
C SER B 1223 21.73 -31.62 45.83
N GLY B 1224 21.21 -32.83 45.71
CA GLY B 1224 21.58 -33.69 44.60
C GLY B 1224 20.57 -33.70 43.46
N ARG B 1225 19.71 -32.68 43.42
CA ARG B 1225 18.64 -32.67 42.42
C ARG B 1225 19.20 -32.60 41.00
N SER B 1226 20.08 -31.63 40.73
CA SER B 1226 20.63 -31.44 39.40
C SER B 1226 21.94 -32.20 39.18
N ILE B 1227 22.43 -32.90 40.19
CA ILE B 1227 23.66 -33.69 40.08
C ILE B 1227 23.27 -35.14 39.84
N ARG B 1228 23.74 -35.71 38.74
CA ARG B 1228 23.43 -37.09 38.39
C ARG B 1228 24.53 -38.03 38.82
C1 NAG C . -42.47 18.08 -46.34
C2 NAG C . -43.84 17.62 -46.88
C3 NAG C . -44.96 18.13 -45.98
C4 NAG C . -44.70 17.75 -44.53
C5 NAG C . -43.32 18.23 -44.11
C6 NAG C . -42.94 17.79 -42.72
C7 NAG C . -43.62 17.37 -49.31
C8 NAG C . -43.91 17.97 -50.64
N2 NAG C . -44.04 18.06 -48.25
O3 NAG C . -46.20 17.60 -46.41
O4 NAG C . -45.69 18.33 -43.69
O5 NAG C . -42.33 17.68 -44.99
O6 NAG C . -41.53 17.71 -42.58
O7 NAG C . -43.03 16.30 -49.19
C1 NAG C . -46.36 17.28 -42.96
C2 NAG C . -47.00 17.89 -41.71
C3 NAG C . -47.76 16.82 -40.93
C4 NAG C . -48.70 16.02 -41.82
C5 NAG C . -48.00 15.57 -43.10
C6 NAG C . -48.95 14.96 -44.10
C7 NAG C . -45.73 19.84 -40.93
C8 NAG C . -44.68 20.32 -39.98
N2 NAG C . -46.02 18.53 -40.87
O3 NAG C . -48.48 17.43 -39.88
O4 NAG C . -49.12 14.86 -41.12
O5 NAG C . -47.37 16.67 -43.75
O6 NAG C . -48.25 14.38 -45.19
O7 NAG C . -46.29 20.59 -41.72
C1 BMA C . -50.56 14.69 -40.93
C2 BMA C . -50.95 15.43 -39.57
C3 BMA C . -52.24 16.31 -39.63
C4 BMA C . -52.99 16.32 -40.98
C5 BMA C . -52.68 15.09 -41.78
C6 BMA C . -53.42 15.00 -43.11
O2 BMA C . -49.91 16.27 -39.14
O3 BMA C . -51.94 17.65 -39.25
O4 BMA C . -54.38 16.40 -40.74
O5 BMA C . -51.30 15.15 -42.04
O6 BMA C . -53.73 13.65 -43.36
C1 NAG D . -36.14 39.48 -57.66
C2 NAG D . -36.91 40.78 -57.38
C3 NAG D . -38.31 40.68 -57.97
C4 NAG D . -38.24 40.31 -59.45
C5 NAG D . -37.41 39.05 -59.64
C6 NAG D . -37.19 38.70 -61.10
C7 NAG D . -36.07 41.80 -55.32
C8 NAG D . -36.29 41.99 -53.85
N2 NAG D . -36.97 41.06 -55.96
O3 NAG D . -38.98 41.92 -57.82
O4 NAG D . -39.56 40.08 -59.96
O5 NAG D . -36.10 39.23 -59.07
O6 NAG D . -35.87 39.04 -61.52
O7 NAG D . -35.11 42.31 -55.91
C1 NAG E . -39.46 27.95 -59.76
C2 NAG E . -39.95 28.49 -61.10
C3 NAG E . -41.36 28.00 -61.41
C4 NAG E . -41.39 26.48 -61.33
C5 NAG E . -40.86 26.01 -59.98
C6 NAG E . -40.79 24.51 -59.87
C7 NAG E . -40.47 30.86 -60.40
C8 NAG E . -41.36 30.34 -59.32
N2 NAG E . -39.85 29.95 -61.18
O3 NAG E . -41.74 28.44 -62.71
O4 NAG E . -42.72 26.02 -61.51
O5 NAG E . -39.54 26.52 -59.77
O6 NAG E . -39.59 24.00 -60.45
O7 NAG E . -40.30 32.06 -60.58
MG MG F . 11.72 -11.53 21.32
C1 IP9 G . -0.46 20.51 -9.75
O1 IP9 G . -1.20 20.80 -10.90
C2 IP9 G . 0.93 20.07 -10.22
O2 IP9 G . 0.94 18.66 -10.22
C3 IP9 G . 2.07 20.63 -9.36
O3 IP9 G . 3.24 19.86 -9.55
C4 IP9 G . 1.66 20.67 -7.88
O4 IP9 G . 2.77 21.05 -7.11
C5 IP9 G . 0.52 21.68 -7.65
O5 IP9 G . -0.20 21.31 -6.49
C6 IP9 G . -0.47 21.75 -8.83
O6 IP9 G . -0.16 22.88 -9.60
P1 IP9 G . -1.65 19.54 -11.86
O1P IP9 G . -1.46 18.24 -11.11
O2P IP9 G . -0.79 19.51 -13.10
O3P IP9 G . -3.22 19.71 -12.29
P3 IP9 G . 3.44 18.37 -8.87
O4P IP9 G . 4.67 17.72 -9.47
O5P IP9 G . 2.24 17.51 -9.18
O6P IP9 G . 3.60 18.49 -7.38
P4 IP9 G . 2.77 20.74 -5.49
O7P IP9 G . 2.28 19.32 -5.26
O8P IP9 G . 1.87 21.70 -4.77
O9P IP9 G . 4.18 20.87 -4.95
P5 IP9 G . -1.02 22.47 -5.65
OPF IP9 G . -0.04 23.40 -4.97
OPG IP9 G . -1.91 23.26 -6.58
OPH IP9 G . -1.88 21.79 -4.60
C7 IP9 G . -4.06 20.57 -11.58
C8 IP9 G . -4.62 21.62 -12.52
C9 IP9 G . -3.91 22.95 -12.35
O19 IP9 G . -4.50 21.10 -13.82
O20 IP9 G . -4.35 23.57 -11.18
C10 IP9 G . -3.41 21.55 -14.58
C11 IP9 G . -4.98 24.82 -11.31
O21 IP9 G . -2.31 21.18 -14.33
C12 IP9 G . -3.67 22.49 -15.75
C13 IP9 G . -4.36 25.99 -12.08
O22 IP9 G . -6.02 24.99 -10.75
C14 IP9 G . -5.19 22.56 -15.90
C15 IP9 G . -5.43 26.72 -12.92
C16 IP9 G . -5.54 23.42 -17.11
C17 IP9 G . -5.68 26.01 -14.25
C18 IP9 G . -5.33 22.59 -18.38
C19 IP9 G . -5.33 26.91 -15.43
C20 IP9 G . -6.16 23.16 -19.52
C21 IP9 G . -3.81 27.07 -15.54
C22 IP9 G . -5.81 24.62 -19.82
C23 IP9 G . -3.47 28.22 -16.48
C24 IP9 G . -6.98 25.53 -19.45
C25 IP9 G . -2.79 27.67 -17.73
#